data_8YS6
#
_entry.id   8YS6
#
loop_
_entity.id
_entity.type
_entity.pdbx_description
1 polymer '2-oxoglutarate:acceptor oxidoreductase'
2 polymer '2-oxoglutarate synthase subunit alpha'
3 polymer '2-oxoglutarate ferredoxin oxidoreductase subunit beta'
4 polymer '2-oxoglutarate:acceptor oxidoreductase'
5 non-polymer 'IRON/SULFUR CLUSTER'
6 non-polymer Napabucasin
7 non-polymer 'MAGNESIUM ION'
8 non-polymer 'THIAMINE DIPHOSPHATE'
#
loop_
_entity_poly.entity_id
_entity_poly.type
_entity_poly.pdbx_seq_one_letter_code
_entity_poly.pdbx_strand_id
1 'polypeptide(L)'
;MAKMSTPDGVAVWVNEDRCKGCDICVSVCPAGVLGMGIEKERVLGKVAKVAYPESCIGCVQCELHCPDFAIYVADRKDFK
FAKVSKEAQERSEKVKANKYMLLEETILEGRGK
;
D,F
2 'polypeptide(L)'
;MREIISDGNELVAKAAIEVGCRFFGGYPITPSSDIMHAMSVALPKCGGHFIQMEDEISGISVSLGASMSGTKSMTASSGP
GISLKVEQIGYSFMAEIPLVIADVMRSGPSTGMPTRVAQGDVNFLKHPIHGDFKAVALAPASLEEAYTETVRAFNLAEML
MTPVFLLMDETVGHMYGKVQIPDLEEVQKMTINRKEFVGDKKDYKPYGVAQDEPAVLNPFFKGYRYHVSGLHHGPIGFPT
EDAKIGGDLIDRLFHKIESKQDIINENEEMDLEGAEIVIIAYGSVSLAVKEALKDYHKESKQKVGFFRPKTLWPSPAKRL
KEIGDKYEKILVIELNKGQYLEEIERAMQRKVHFFGQANGRTISPKQIIAKLKEL
;
A,G
3 'polypeptide(L)'
;MAFNYDEYLRVDKIPTLWCWGCGDGVILKSIIRTIDALGWKMDDVCLVSGIGCSGRMSSYVNCNTVHTTHGRAVAYATGI
KMANPSKHVIVVSGDGDGFAIGGNHTMHACRRNIDLNFILVNNFIYGLTNSQTSPTTPNGMWTVTAQWGNIDNQFDPCAL
TTAAGASFVARESVLDPQKLEKVLKEGFSHKGFSFFDVHSNCHINLGRKNKMGEASQMLKWMESRLVSKRQFEAMSPEER
VDKFPTGVLRHDTDRKEYCEAYQEIIEKAQGKQ
;
C,H
4 'polypeptide(L)'
;MEAQLRFTGVGGQGVLLAGEILAEAKIVSGGYGTKTSTYTSQVRGGPTKVDILLDKDEIIFPYAKEGEIDFMLSVAQISY
NQFKSDIKQGGIVVIDPNLVTPTKEDEEKYQIYKIPIISIAKDEVGNIITQSVVALAITVELTKCVEENIVLDTMLKKVP
AKVADTNKKAFEIGKKHALEALKVRA
;
B,I
#
# COMPACT_ATOMS: atom_id res chain seq x y z
N THR A 6 -3.44 0.66 52.11
CA THR A 6 -4.17 -0.41 52.78
C THR A 6 -4.65 0.01 54.16
N PRO A 7 -5.95 0.25 54.29
CA PRO A 7 -6.52 0.56 55.60
C PRO A 7 -6.43 -0.63 56.53
N ASP A 8 -6.58 -0.36 57.82
CA ASP A 8 -6.49 -1.41 58.82
C ASP A 8 -7.83 -2.11 59.00
N GLY A 9 -7.76 -3.42 59.24
CA GLY A 9 -8.93 -4.22 59.53
C GLY A 9 -9.81 -4.53 58.35
N VAL A 10 -9.62 -3.88 57.21
CA VAL A 10 -10.46 -4.08 56.04
C VAL A 10 -9.78 -5.09 55.14
N ALA A 11 -10.42 -6.24 54.97
CA ALA A 11 -9.83 -7.29 54.14
C ALA A 11 -9.98 -6.99 52.66
N VAL A 12 -11.01 -6.24 52.27
CA VAL A 12 -11.25 -5.89 50.87
C VAL A 12 -12.17 -4.68 50.84
N TRP A 13 -11.93 -3.78 49.89
CA TRP A 13 -12.72 -2.56 49.78
C TRP A 13 -12.84 -2.15 48.31
N VAL A 14 -13.89 -1.38 48.02
CA VAL A 14 -14.24 -0.98 46.66
C VAL A 14 -14.17 0.53 46.53
N ASN A 15 -13.74 1.01 45.36
CA ASN A 15 -13.65 2.43 45.02
C ASN A 15 -14.76 2.75 44.02
N GLU A 16 -15.93 3.14 44.52
CA GLU A 16 -17.11 3.19 43.66
C GLU A 16 -17.02 4.25 42.57
N ASP A 17 -15.93 4.99 42.48
CA ASP A 17 -15.78 5.99 41.43
C ASP A 17 -15.06 5.45 40.21
N ARG A 18 -14.44 4.29 40.31
CA ARG A 18 -13.89 3.60 39.15
C ARG A 18 -14.65 2.33 38.81
N CYS A 19 -15.60 1.91 39.63
CA CYS A 19 -16.45 0.79 39.29
C CYS A 19 -17.37 1.16 38.14
N LYS A 20 -17.49 0.25 37.18
CA LYS A 20 -18.35 0.43 36.03
C LYS A 20 -19.55 -0.51 36.01
N GLY A 21 -19.64 -1.44 36.96
CA GLY A 21 -20.80 -2.31 37.03
C GLY A 21 -20.84 -3.36 35.95
N CYS A 22 -19.89 -4.30 35.94
CA CYS A 22 -19.86 -5.34 34.93
C CYS A 22 -20.07 -6.74 35.47
N ASP A 23 -20.10 -6.92 36.80
CA ASP A 23 -20.43 -8.16 37.50
C ASP A 23 -19.32 -9.19 37.52
N ILE A 24 -18.15 -8.91 36.96
CA ILE A 24 -17.12 -9.93 36.84
C ILE A 24 -16.39 -10.19 38.15
N CYS A 25 -16.26 -9.18 39.01
CA CYS A 25 -15.69 -9.40 40.33
C CYS A 25 -16.58 -10.29 41.16
N VAL A 26 -17.90 -10.17 40.98
CA VAL A 26 -18.84 -10.93 41.80
C VAL A 26 -18.82 -12.39 41.42
N SER A 27 -18.56 -12.69 40.16
CA SER A 27 -18.71 -14.03 39.63
C SER A 27 -17.54 -14.94 39.95
N VAL A 28 -16.50 -14.47 40.65
CA VAL A 28 -15.31 -15.27 40.90
C VAL A 28 -15.04 -15.44 42.39
N CYS A 29 -15.81 -14.83 43.24
CA CYS A 29 -15.66 -14.92 44.69
C CYS A 29 -16.19 -16.25 45.19
N PRO A 30 -15.35 -17.08 45.81
CA PRO A 30 -15.83 -18.35 46.37
C PRO A 30 -16.41 -18.25 47.77
N ALA A 31 -16.77 -17.07 48.25
CA ALA A 31 -17.23 -16.91 49.63
C ALA A 31 -18.47 -16.04 49.76
N GLY A 32 -19.02 -15.52 48.67
CA GLY A 32 -20.21 -14.70 48.77
C GLY A 32 -20.01 -13.41 49.52
N VAL A 33 -18.81 -12.83 49.43
CA VAL A 33 -18.54 -11.55 50.07
C VAL A 33 -19.03 -10.38 49.23
N LEU A 34 -19.06 -10.54 47.91
CA LEU A 34 -19.41 -9.47 47.00
C LEU A 34 -20.85 -9.59 46.56
N GLY A 35 -21.48 -8.45 46.34
CA GLY A 35 -22.83 -8.39 45.80
C GLY A 35 -23.04 -7.06 45.14
N MET A 36 -23.77 -7.07 44.03
CA MET A 36 -23.96 -5.90 43.20
C MET A 36 -25.14 -5.08 43.72
N GLY A 37 -24.89 -3.82 44.03
CA GLY A 37 -25.92 -2.96 44.59
C GLY A 37 -26.42 -1.94 43.59
N ILE A 38 -27.56 -1.33 43.87
CA ILE A 38 -28.24 -0.46 42.93
C ILE A 38 -28.03 1.00 43.35
N GLU A 39 -27.59 1.83 42.40
CA GLU A 39 -27.46 3.26 42.61
C GLU A 39 -27.94 3.97 41.34
N LYS A 40 -29.05 4.71 41.46
CA LYS A 40 -29.60 5.42 40.33
C LYS A 40 -28.82 6.67 39.96
N GLU A 41 -27.72 6.97 40.67
CA GLU A 41 -26.90 8.13 40.33
C GLU A 41 -25.83 7.81 39.31
N ARG A 42 -25.69 6.54 38.92
CA ARG A 42 -24.66 6.13 38.00
C ARG A 42 -25.30 5.54 36.76
N VAL A 43 -24.56 5.60 35.65
CA VAL A 43 -25.14 5.33 34.34
C VAL A 43 -25.55 3.87 34.20
N LEU A 44 -24.66 2.95 34.63
CA LEU A 44 -25.00 1.53 34.53
C LEU A 44 -26.03 1.12 35.56
N GLY A 45 -26.16 1.86 36.64
CA GLY A 45 -27.19 1.62 37.63
C GLY A 45 -26.71 0.84 38.82
N LYS A 46 -25.94 -0.20 38.57
CA LYS A 46 -25.43 -1.05 39.65
C LYS A 46 -23.98 -0.77 40.03
N VAL A 47 -23.65 -1.10 41.26
CA VAL A 47 -22.29 -0.91 41.80
C VAL A 47 -21.95 -2.13 42.65
N ALA A 48 -20.69 -2.55 42.62
CA ALA A 48 -20.24 -3.65 43.47
C ALA A 48 -20.18 -3.19 44.93
N LYS A 49 -20.52 -4.10 45.83
CA LYS A 49 -20.59 -3.74 47.24
C LYS A 49 -20.16 -4.92 48.09
N VAL A 50 -19.14 -4.71 48.92
CA VAL A 50 -18.61 -5.74 49.80
C VAL A 50 -19.54 -5.89 50.99
N ALA A 51 -20.09 -7.09 51.18
CA ALA A 51 -21.11 -7.33 52.19
C ALA A 51 -20.64 -8.15 53.38
N TYR A 52 -19.89 -9.22 53.15
CA TYR A 52 -19.45 -10.12 54.22
C TYR A 52 -17.93 -10.18 54.25
N PRO A 53 -17.26 -9.09 54.64
CA PRO A 53 -15.80 -9.10 54.63
C PRO A 53 -15.18 -9.92 55.74
N GLU A 54 -15.97 -10.66 56.52
CA GLU A 54 -15.40 -11.52 57.53
C GLU A 54 -15.04 -12.90 57.01
N SER A 55 -15.72 -13.37 55.96
CA SER A 55 -15.39 -14.65 55.34
C SER A 55 -14.47 -14.49 54.15
N CYS A 56 -13.80 -13.34 54.03
CA CYS A 56 -12.95 -13.10 52.88
C CYS A 56 -11.72 -14.00 52.94
N ILE A 57 -11.63 -14.91 51.98
CA ILE A 57 -10.44 -15.72 51.80
C ILE A 57 -9.42 -14.87 51.06
N GLY A 58 -8.16 -15.25 51.17
CA GLY A 58 -7.10 -14.46 50.58
C GLY A 58 -6.85 -14.67 49.11
N CYS A 59 -7.78 -15.27 48.39
CA CYS A 59 -7.66 -15.39 46.94
C CYS A 59 -7.97 -14.04 46.30
N VAL A 60 -7.07 -13.53 45.48
CA VAL A 60 -7.21 -12.17 44.99
C VAL A 60 -7.87 -12.19 43.62
N GLN A 61 -8.64 -13.23 43.35
CA GLN A 61 -9.32 -13.40 42.06
C GLN A 61 -10.09 -12.15 41.68
N CYS A 62 -10.72 -11.50 42.65
CA CYS A 62 -11.48 -10.30 42.38
C CYS A 62 -10.58 -9.17 41.88
N GLU A 63 -9.39 -9.05 42.47
CA GLU A 63 -8.47 -7.98 42.10
C GLU A 63 -7.76 -8.29 40.78
N LEU A 64 -7.63 -9.58 40.45
CA LEU A 64 -7.05 -9.98 39.19
C LEU A 64 -8.05 -9.93 38.04
N HIS A 65 -9.35 -10.01 38.33
CA HIS A 65 -10.40 -10.09 37.32
C HIS A 65 -11.12 -8.76 37.12
N CYS A 66 -10.56 -7.66 37.59
CA CYS A 66 -11.23 -6.38 37.48
C CYS A 66 -10.62 -5.57 36.36
N PRO A 67 -11.41 -5.12 35.38
CA PRO A 67 -10.86 -4.31 34.30
C PRO A 67 -10.60 -2.85 34.65
N ASP A 68 -11.27 -2.26 35.64
CA ASP A 68 -11.22 -0.83 35.87
C ASP A 68 -10.50 -0.43 37.15
N PHE A 69 -9.69 -1.31 37.73
CA PHE A 69 -8.89 -0.99 38.92
C PHE A 69 -9.76 -0.42 40.03
N ALA A 70 -10.71 -1.22 40.52
CA ALA A 70 -11.63 -0.69 41.51
C ALA A 70 -11.73 -1.49 42.79
N ILE A 71 -11.40 -2.78 42.79
CA ILE A 71 -11.49 -3.62 43.98
C ILE A 71 -10.08 -3.98 44.41
N TYR A 72 -9.82 -3.88 45.73
CA TYR A 72 -8.50 -4.11 46.28
C TYR A 72 -8.61 -5.03 47.49
N VAL A 73 -7.62 -5.88 47.66
CA VAL A 73 -7.54 -6.82 48.77
C VAL A 73 -6.26 -6.54 49.56
N ALA A 74 -6.33 -6.78 50.87
CA ALA A 74 -5.21 -6.46 51.72
C ALA A 74 -4.01 -7.38 51.42
N ASP A 75 -2.93 -7.14 52.14
CA ASP A 75 -1.68 -7.87 51.94
C ASP A 75 -1.51 -8.90 53.04
N ARG A 76 -1.29 -10.15 52.64
CA ARG A 76 -1.23 -11.25 53.60
C ARG A 76 -0.24 -10.98 54.72
N LYS A 77 0.82 -10.23 54.44
CA LYS A 77 1.77 -9.87 55.49
C LYS A 77 1.18 -8.90 56.49
N ASP A 78 0.03 -8.31 56.17
CA ASP A 78 -0.59 -7.30 57.02
C ASP A 78 -2.00 -7.67 57.43
N PHE A 79 -2.41 -8.93 57.24
CA PHE A 79 -3.78 -9.29 57.55
C PHE A 79 -3.89 -10.79 57.77
N LYS A 80 -4.84 -11.16 58.63
CA LYS A 80 -5.17 -12.55 58.93
C LYS A 80 -6.55 -12.85 58.35
N PHE A 81 -6.57 -13.57 57.24
CA PHE A 81 -7.81 -13.84 56.51
C PHE A 81 -8.56 -15.01 57.14
N ALA A 82 -9.75 -15.28 56.60
CA ALA A 82 -10.61 -16.33 57.13
C ALA A 82 -10.30 -17.65 56.44
N LYS A 83 -11.02 -18.69 56.84
CA LYS A 83 -10.84 -20.03 56.30
C LYS A 83 -12.05 -20.44 55.47
N VAL A 84 -11.93 -21.57 54.81
CA VAL A 84 -13.00 -22.11 53.98
C VAL A 84 -14.10 -22.68 54.85
N SER A 85 -15.35 -22.37 54.50
CA SER A 85 -16.50 -22.93 55.18
C SER A 85 -17.59 -23.17 54.14
N LYS A 86 -18.46 -24.14 54.43
CA LYS A 86 -19.51 -24.50 53.47
C LYS A 86 -20.66 -23.51 53.43
N GLU A 87 -20.93 -22.81 54.54
CA GLU A 87 -21.93 -21.76 54.52
C GLU A 87 -21.60 -20.72 53.46
N ALA A 88 -20.32 -20.34 53.38
CA ALA A 88 -19.92 -19.33 52.43
C ALA A 88 -20.08 -19.80 50.99
N GLN A 89 -19.68 -21.03 50.67
CA GLN A 89 -19.83 -21.52 49.31
C GLN A 89 -21.30 -21.64 48.92
N GLU A 90 -22.14 -22.12 49.84
CA GLU A 90 -23.57 -22.14 49.61
C GLU A 90 -24.09 -20.75 49.31
N ARG A 91 -23.64 -19.75 50.07
CA ARG A 91 -24.08 -18.39 49.83
C ARG A 91 -23.60 -17.88 48.47
N SER A 92 -22.39 -18.26 48.07
CA SER A 92 -21.88 -17.81 46.78
C SER A 92 -22.73 -18.35 45.64
N GLU A 93 -23.13 -19.63 45.74
CA GLU A 93 -23.98 -20.19 44.69
C GLU A 93 -25.36 -19.54 44.71
N LYS A 94 -25.91 -19.28 45.89
CA LYS A 94 -27.20 -18.60 45.98
C LYS A 94 -27.15 -17.22 45.37
N VAL A 95 -26.00 -16.54 45.47
CA VAL A 95 -25.85 -15.22 44.87
C VAL A 95 -25.73 -15.34 43.36
N LYS A 96 -24.94 -16.29 42.88
CA LYS A 96 -24.79 -16.46 41.43
C LYS A 96 -26.12 -16.78 40.77
N ALA A 97 -26.97 -17.54 41.44
CA ALA A 97 -28.28 -17.83 40.86
C ALA A 97 -29.22 -16.67 40.94
N ASN A 98 -28.70 -15.48 41.22
CA ASN A 98 -29.49 -14.29 41.52
C ASN A 98 -28.92 -13.10 40.76
N LYS A 99 -28.58 -13.29 39.50
CA LYS A 99 -28.10 -12.21 38.63
C LYS A 99 -26.96 -11.43 39.27
N TYR A 100 -26.15 -12.12 40.08
CA TYR A 100 -24.94 -11.58 40.71
C TYR A 100 -25.23 -10.45 41.66
N MET A 101 -26.49 -10.09 41.85
CA MET A 101 -26.85 -9.08 42.82
C MET A 101 -26.80 -9.68 44.23
N LEU A 102 -26.85 -8.80 45.22
CA LEU A 102 -26.83 -9.28 46.59
C LEU A 102 -28.22 -9.71 47.03
N LEU A 103 -28.29 -10.73 47.86
CA LEU A 103 -29.53 -11.38 48.25
C LEU A 103 -30.47 -10.41 48.94
N GLU A 104 -31.75 -10.77 48.97
CA GLU A 104 -32.73 -9.98 49.69
C GLU A 104 -32.54 -10.09 51.20
N GLU A 105 -32.01 -11.23 51.65
CA GLU A 105 -31.73 -11.41 53.06
C GLU A 105 -30.39 -10.80 53.46
N THR A 106 -29.63 -10.27 52.50
CA THR A 106 -28.37 -9.60 52.79
C THR A 106 -28.64 -8.18 53.26
N ILE A 107 -29.81 -7.64 52.89
CA ILE A 107 -30.24 -6.35 53.42
C ILE A 107 -30.71 -6.45 54.86
N LEU A 108 -30.58 -7.63 55.49
CA LEU A 108 -31.04 -7.82 56.85
C LEU A 108 -30.41 -6.82 57.82
N GLU A 109 -29.23 -6.31 57.49
CA GLU A 109 -28.46 -5.47 58.40
C GLU A 109 -27.81 -4.31 57.67
N GLY A 110 -28.07 -4.14 56.38
CA GLY A 110 -27.29 -3.20 55.61
C GLY A 110 -25.96 -3.74 55.17
N ARG A 111 -25.86 -5.04 54.94
CA ARG A 111 -24.63 -5.65 54.50
C ARG A 111 -24.33 -5.30 53.05
N MET B 1 -41.84 11.21 -10.28
CA MET B 1 -40.78 11.78 -9.46
C MET B 1 -40.94 11.34 -8.02
N ARG B 2 -40.39 10.17 -7.70
CA ARG B 2 -40.53 9.58 -6.37
C ARG B 2 -39.65 10.31 -5.37
N GLU B 3 -40.17 10.50 -4.17
CA GLU B 3 -39.47 11.19 -3.09
C GLU B 3 -39.41 10.31 -1.86
N ILE B 4 -38.26 10.31 -1.19
CA ILE B 4 -37.92 9.36 -0.15
C ILE B 4 -37.33 10.11 1.03
N ILE B 5 -36.88 9.35 2.03
CA ILE B 5 -36.25 9.88 3.23
C ILE B 5 -35.00 9.06 3.50
N SER B 6 -33.84 9.64 3.27
CA SER B 6 -32.59 8.95 3.53
C SER B 6 -31.47 9.98 3.59
N ASP B 7 -30.25 9.50 3.80
CA ASP B 7 -29.06 10.35 3.86
C ASP B 7 -28.16 10.07 2.66
N GLY B 8 -26.98 10.68 2.69
CA GLY B 8 -26.12 10.66 1.52
C GLY B 8 -25.65 9.27 1.13
N ASN B 9 -25.32 8.44 2.11
CA ASN B 9 -24.77 7.12 1.79
C ASN B 9 -25.86 6.18 1.26
N GLU B 10 -27.05 6.23 1.83
CA GLU B 10 -28.16 5.45 1.30
C GLU B 10 -28.48 5.86 -0.13
N LEU B 11 -28.36 7.15 -0.45
CA LEU B 11 -28.66 7.62 -1.80
C LEU B 11 -27.57 7.21 -2.77
N VAL B 12 -26.31 7.29 -2.35
CA VAL B 12 -25.22 6.81 -3.20
C VAL B 12 -25.41 5.33 -3.50
N ALA B 13 -25.77 4.54 -2.50
CA ALA B 13 -25.96 3.11 -2.72
C ALA B 13 -27.17 2.83 -3.61
N LYS B 14 -28.27 3.53 -3.40
CA LYS B 14 -29.44 3.33 -4.23
C LYS B 14 -29.17 3.69 -5.68
N ALA B 15 -28.47 4.80 -5.92
CA ALA B 15 -28.14 5.19 -7.28
C ALA B 15 -27.21 4.19 -7.93
N ALA B 16 -26.25 3.68 -7.16
CA ALA B 16 -25.33 2.68 -7.70
C ALA B 16 -26.06 1.41 -8.10
N ILE B 17 -27.01 0.96 -7.27
CA ILE B 17 -27.76 -0.25 -7.58
C ILE B 17 -28.69 -0.02 -8.77
N GLU B 18 -29.34 1.13 -8.82
CA GLU B 18 -30.33 1.38 -9.87
C GLU B 18 -29.70 1.65 -11.22
N VAL B 19 -28.49 2.19 -11.27
CA VAL B 19 -27.85 2.38 -12.57
C VAL B 19 -27.25 1.08 -13.09
N GLY B 20 -27.00 0.10 -12.22
CA GLY B 20 -26.62 -1.22 -12.70
C GLY B 20 -25.34 -1.79 -12.15
N CYS B 21 -24.86 -1.28 -11.02
CA CYS B 21 -23.67 -1.83 -10.40
C CYS B 21 -23.97 -3.21 -9.83
N ARG B 22 -23.10 -4.18 -10.09
CA ARG B 22 -23.31 -5.56 -9.64
C ARG B 22 -22.07 -6.13 -8.96
N PHE B 23 -21.18 -5.30 -8.45
CA PHE B 23 -19.99 -5.78 -7.75
C PHE B 23 -19.46 -4.67 -6.86
N PHE B 24 -18.95 -5.05 -5.69
CA PHE B 24 -18.37 -4.09 -4.76
C PHE B 24 -17.30 -4.80 -3.95
N GLY B 25 -16.13 -4.18 -3.86
CA GLY B 25 -15.08 -4.65 -2.97
C GLY B 25 -14.58 -3.52 -2.09
N GLY B 26 -14.32 -3.78 -0.82
CA GLY B 26 -13.91 -2.69 0.06
C GLY B 26 -13.25 -3.20 1.32
N TYR B 27 -12.80 -2.24 2.12
CA TYR B 27 -12.24 -2.45 3.45
C TYR B 27 -12.80 -1.40 4.39
N PRO B 28 -13.21 -1.78 5.60
CA PRO B 28 -13.98 -0.86 6.44
C PRO B 28 -13.14 0.27 7.02
N ILE B 29 -13.69 1.47 6.99
CA ILE B 29 -13.04 2.64 7.57
C ILE B 29 -14.09 3.74 7.71
N THR B 30 -14.05 4.45 8.82
CA THR B 30 -15.00 5.55 8.93
C THR B 30 -14.42 6.81 8.31
N PRO B 31 -15.26 7.68 7.73
CA PRO B 31 -16.72 7.64 7.65
C PRO B 31 -17.31 7.04 6.38
N SER B 32 -16.55 6.23 5.66
CA SER B 32 -17.01 5.65 4.40
C SER B 32 -17.48 4.22 4.54
N SER B 33 -18.09 3.87 5.67
CA SER B 33 -18.52 2.50 5.91
C SER B 33 -19.98 2.28 5.60
N ASP B 34 -20.82 3.32 5.72
CA ASP B 34 -22.24 3.14 5.52
C ASP B 34 -22.57 2.69 4.10
N ILE B 35 -21.75 3.07 3.12
CA ILE B 35 -21.97 2.62 1.76
C ILE B 35 -21.70 1.13 1.65
N MET B 36 -20.69 0.62 2.36
CA MET B 36 -20.43 -0.81 2.35
C MET B 36 -21.53 -1.58 3.08
N HIS B 37 -21.99 -1.05 4.22
CA HIS B 37 -23.08 -1.69 4.95
C HIS B 37 -24.37 -1.69 4.15
N ALA B 38 -24.55 -0.72 3.26
CA ALA B 38 -25.74 -0.70 2.42
C ALA B 38 -25.60 -1.66 1.25
N MET B 39 -24.44 -1.64 0.58
CA MET B 39 -24.26 -2.51 -0.58
C MET B 39 -24.24 -3.97 -0.19
N SER B 40 -23.81 -4.30 1.03
CA SER B 40 -23.75 -5.70 1.43
C SER B 40 -25.12 -6.34 1.56
N VAL B 41 -26.18 -5.54 1.76
CA VAL B 41 -27.53 -6.08 1.82
C VAL B 41 -28.22 -5.89 0.47
N ALA B 42 -27.84 -4.82 -0.25
CA ALA B 42 -28.52 -4.51 -1.50
C ALA B 42 -28.02 -5.35 -2.68
N LEU B 43 -26.79 -5.83 -2.64
CA LEU B 43 -26.24 -6.53 -3.80
C LEU B 43 -26.69 -7.98 -3.89
N PRO B 44 -26.73 -8.75 -2.79
CA PRO B 44 -27.20 -10.15 -2.92
C PRO B 44 -28.64 -10.26 -3.35
N LYS B 45 -29.48 -9.26 -3.09
CA LYS B 45 -30.89 -9.34 -3.44
C LYS B 45 -31.09 -9.27 -4.95
N CYS B 46 -30.22 -8.54 -5.64
CA CYS B 46 -30.29 -8.38 -7.08
C CYS B 46 -29.38 -9.35 -7.82
N GLY B 47 -28.67 -10.21 -7.10
CA GLY B 47 -27.80 -11.18 -7.72
C GLY B 47 -26.37 -10.73 -7.91
N GLY B 48 -25.96 -9.63 -7.29
CA GLY B 48 -24.59 -9.18 -7.38
C GLY B 48 -23.70 -9.85 -6.36
N HIS B 49 -22.43 -9.44 -6.38
CA HIS B 49 -21.44 -9.96 -5.45
C HIS B 49 -20.90 -8.83 -4.61
N PHE B 50 -20.87 -9.03 -3.30
CA PHE B 50 -20.18 -8.15 -2.37
C PHE B 50 -19.10 -8.95 -1.68
N ILE B 51 -17.90 -8.42 -1.60
CA ILE B 51 -16.81 -9.09 -0.92
C ILE B 51 -16.02 -8.08 -0.12
N GLN B 52 -15.70 -8.43 1.12
CA GLN B 52 -14.88 -7.59 1.99
C GLN B 52 -13.50 -8.22 2.06
N MET B 53 -12.49 -7.47 1.63
CA MET B 53 -11.15 -7.98 1.46
C MET B 53 -10.30 -7.67 2.69
N GLU B 54 -9.00 -7.93 2.59
CA GLU B 54 -8.11 -7.78 3.73
C GLU B 54 -7.44 -6.42 3.81
N ASP B 55 -7.49 -5.61 2.76
CA ASP B 55 -6.99 -4.25 2.82
C ASP B 55 -7.64 -3.46 1.69
N GLU B 56 -7.13 -2.25 1.44
CA GLU B 56 -7.71 -1.41 0.38
C GLU B 56 -7.13 -1.76 -0.98
N ILE B 57 -5.88 -2.20 -1.02
CA ILE B 57 -5.28 -2.64 -2.27
C ILE B 57 -6.08 -3.76 -2.89
N SER B 58 -6.40 -4.79 -2.10
CA SER B 58 -7.23 -5.87 -2.61
C SER B 58 -8.63 -5.38 -2.93
N GLY B 59 -9.15 -4.45 -2.13
CA GLY B 59 -10.48 -3.92 -2.38
C GLY B 59 -10.61 -3.31 -3.77
N ILE B 60 -9.61 -2.53 -4.18
CA ILE B 60 -9.70 -1.96 -5.52
C ILE B 60 -9.27 -2.97 -6.59
N SER B 61 -8.39 -3.91 -6.26
CA SER B 61 -7.93 -4.86 -7.27
C SER B 61 -9.04 -5.81 -7.70
N VAL B 62 -9.85 -6.30 -6.75
CA VAL B 62 -10.92 -7.21 -7.15
C VAL B 62 -11.98 -6.49 -7.95
N SER B 63 -12.25 -5.22 -7.64
CA SER B 63 -13.22 -4.46 -8.43
C SER B 63 -12.69 -4.20 -9.84
N LEU B 64 -11.41 -3.88 -9.97
CA LEU B 64 -10.82 -3.73 -11.28
C LEU B 64 -10.87 -5.03 -12.07
N GLY B 65 -10.61 -6.15 -11.40
CA GLY B 65 -10.66 -7.44 -12.08
C GLY B 65 -12.06 -7.85 -12.48
N ALA B 66 -13.06 -7.45 -11.72
CA ALA B 66 -14.43 -7.78 -12.06
C ALA B 66 -14.96 -6.90 -13.18
N SER B 67 -14.55 -5.63 -13.23
CA SER B 67 -14.98 -4.78 -14.32
C SER B 67 -14.11 -4.93 -15.56
N MET B 68 -12.95 -5.60 -15.45
CA MET B 68 -12.20 -5.97 -16.63
C MET B 68 -12.96 -6.96 -17.49
N SER B 69 -13.74 -7.84 -16.86
CA SER B 69 -14.45 -8.91 -17.55
C SER B 69 -15.80 -8.49 -18.09
N GLY B 70 -16.27 -7.28 -17.78
CA GLY B 70 -17.50 -6.79 -18.36
C GLY B 70 -18.64 -6.61 -17.37
N THR B 71 -18.32 -6.36 -16.10
CA THR B 71 -19.32 -6.17 -15.06
C THR B 71 -19.16 -4.79 -14.45
N LYS B 72 -20.26 -4.07 -14.30
CA LYS B 72 -20.22 -2.72 -13.73
C LYS B 72 -19.99 -2.82 -12.23
N SER B 73 -18.94 -2.16 -11.75
CA SER B 73 -18.55 -2.27 -10.34
C SER B 73 -18.06 -0.93 -9.81
N MET B 74 -17.87 -0.87 -8.50
CA MET B 74 -17.43 0.34 -7.82
C MET B 74 -16.66 -0.03 -6.57
N THR B 75 -16.14 0.98 -5.89
CA THR B 75 -15.50 0.83 -4.60
C THR B 75 -15.62 2.15 -3.85
N ALA B 76 -15.24 2.14 -2.57
CA ALA B 76 -15.40 3.31 -1.73
C ALA B 76 -14.41 3.25 -0.57
N SER B 77 -13.92 4.42 -0.18
CA SER B 77 -13.03 4.54 0.97
C SER B 77 -13.01 5.99 1.42
N SER B 78 -12.04 6.32 2.28
CA SER B 78 -11.96 7.65 2.87
C SER B 78 -10.55 7.94 3.33
N GLY B 79 -9.90 8.92 2.72
CA GLY B 79 -8.62 9.42 3.18
C GLY B 79 -7.51 8.39 3.21
N PRO B 80 -7.14 7.96 4.42
CA PRO B 80 -6.09 6.94 4.55
C PRO B 80 -6.33 5.68 3.74
N GLY B 81 -7.58 5.46 3.30
CA GLY B 81 -7.84 4.34 2.41
C GLY B 81 -7.52 4.67 0.96
N ILE B 82 -7.92 5.87 0.51
CA ILE B 82 -7.61 6.27 -0.86
C ILE B 82 -6.12 6.41 -1.07
N SER B 83 -5.38 6.74 -0.01
CA SER B 83 -3.93 6.84 -0.15
C SER B 83 -3.28 5.50 -0.49
N LEU B 84 -4.01 4.40 -0.38
CA LEU B 84 -3.46 3.07 -0.62
C LEU B 84 -3.86 2.49 -1.97
N LYS B 85 -4.76 3.13 -2.69
CA LYS B 85 -5.21 2.63 -3.99
C LYS B 85 -4.58 3.32 -5.18
N VAL B 86 -3.64 4.24 -4.95
CA VAL B 86 -3.13 5.08 -6.03
C VAL B 86 -2.16 4.36 -6.94
N GLU B 87 -1.75 3.14 -6.61
CA GLU B 87 -0.96 2.36 -7.55
C GLU B 87 -1.84 1.64 -8.56
N GLN B 88 -3.05 1.28 -8.15
CA GLN B 88 -4.01 0.63 -9.05
C GLN B 88 -4.86 1.62 -9.80
N ILE B 89 -5.00 2.84 -9.30
CA ILE B 89 -5.71 3.87 -10.05
C ILE B 89 -4.97 4.18 -11.35
N GLY B 90 -3.64 4.14 -11.31
CA GLY B 90 -2.87 4.33 -12.54
C GLY B 90 -3.01 3.18 -13.50
N TYR B 91 -3.15 1.95 -12.98
CA TYR B 91 -3.41 0.80 -13.82
C TYR B 91 -4.77 0.91 -14.50
N SER B 92 -5.75 1.41 -13.76
CA SER B 92 -7.07 1.64 -14.34
C SER B 92 -7.04 2.73 -15.40
N PHE B 93 -6.26 3.79 -15.17
CA PHE B 93 -6.16 4.86 -16.15
C PHE B 93 -5.44 4.43 -17.42
N MET B 94 -4.38 3.63 -17.30
CA MET B 94 -3.58 3.23 -18.45
C MET B 94 -4.20 2.08 -19.23
N ALA B 95 -4.82 1.12 -18.56
CA ALA B 95 -5.49 0.02 -19.24
C ALA B 95 -6.91 0.33 -19.63
N GLU B 96 -7.44 1.49 -19.25
CA GLU B 96 -8.78 1.95 -19.61
C GLU B 96 -9.86 0.99 -19.12
N ILE B 97 -9.92 0.86 -17.81
CA ILE B 97 -10.89 0.01 -17.13
C ILE B 97 -11.86 0.92 -16.38
N PRO B 98 -13.16 0.90 -16.68
CA PRO B 98 -14.09 1.79 -16.00
C PRO B 98 -14.25 1.41 -14.54
N LEU B 99 -14.11 2.39 -13.65
CA LEU B 99 -14.35 2.18 -12.24
C LEU B 99 -14.76 3.50 -11.62
N VAL B 100 -15.63 3.44 -10.62
CA VAL B 100 -16.09 4.60 -9.88
C VAL B 100 -15.66 4.46 -8.43
N ILE B 101 -14.96 5.48 -7.93
CA ILE B 101 -14.37 5.45 -6.59
C ILE B 101 -15.01 6.56 -5.80
N ALA B 102 -15.70 6.20 -4.72
CA ALA B 102 -16.35 7.18 -3.85
C ALA B 102 -15.46 7.48 -2.66
N ASP B 103 -15.12 8.75 -2.47
CA ASP B 103 -14.23 9.18 -1.41
C ASP B 103 -14.97 10.13 -0.48
N VAL B 104 -15.12 9.75 0.78
CA VAL B 104 -15.85 10.52 1.78
C VAL B 104 -14.81 11.22 2.65
N MET B 105 -14.73 12.54 2.55
CA MET B 105 -13.60 13.28 3.10
C MET B 105 -13.71 13.46 4.61
N ARG B 106 -12.55 13.41 5.28
CA ARG B 106 -12.43 13.68 6.70
C ARG B 106 -11.16 14.48 6.93
N SER B 107 -10.93 14.89 8.17
CA SER B 107 -9.86 15.83 8.48
C SER B 107 -8.50 15.15 8.34
N GLY B 108 -7.61 15.76 7.55
CA GLY B 108 -6.29 15.23 7.31
C GLY B 108 -5.20 16.18 7.76
N PRO B 109 -3.93 15.77 7.69
CA PRO B 109 -3.17 14.63 7.18
C PRO B 109 -3.46 13.35 7.93
N SER B 110 -2.52 12.47 8.28
CA SER B 110 -2.82 11.14 8.83
C SER B 110 -3.67 11.04 10.02
N THR B 111 -4.72 10.24 10.00
CA THR B 111 -5.64 10.04 11.09
C THR B 111 -6.10 11.36 11.52
N GLY B 112 -5.26 12.10 12.14
CA GLY B 112 -5.71 13.45 12.45
C GLY B 112 -6.95 13.44 13.32
N MET B 113 -8.06 13.90 12.76
CA MET B 113 -9.34 13.94 13.46
C MET B 113 -10.33 13.05 12.70
N PRO B 114 -10.37 11.75 13.01
CA PRO B 114 -11.15 10.82 12.18
C PRO B 114 -12.66 11.01 12.26
N THR B 115 -13.16 12.01 12.98
CA THR B 115 -14.59 12.24 13.13
C THR B 115 -15.01 13.61 12.65
N ARG B 116 -14.16 14.30 11.90
CA ARG B 116 -14.38 15.68 11.50
C ARG B 116 -14.46 15.79 9.98
N VAL B 117 -14.90 16.96 9.51
CA VAL B 117 -15.17 17.21 8.10
C VAL B 117 -14.06 18.05 7.52
N ALA B 118 -13.76 17.83 6.23
CA ALA B 118 -12.70 18.57 5.57
C ALA B 118 -12.93 18.52 4.06
N GLN B 119 -12.15 19.34 3.34
CA GLN B 119 -12.12 19.38 1.89
C GLN B 119 -10.67 19.34 1.41
N GLY B 120 -9.88 18.43 1.96
CA GLY B 120 -8.45 18.42 1.73
C GLY B 120 -7.92 17.50 0.66
N ASP B 121 -8.78 16.71 0.02
CA ASP B 121 -8.36 15.77 -1.02
C ASP B 121 -8.51 16.34 -2.42
N VAL B 122 -8.68 17.64 -2.56
CA VAL B 122 -8.87 18.22 -3.88
C VAL B 122 -7.57 18.21 -4.68
N ASN B 123 -6.53 18.85 -4.15
CA ASN B 123 -5.25 18.85 -4.84
C ASN B 123 -4.60 17.48 -4.84
N PHE B 124 -4.95 16.62 -3.89
CA PHE B 124 -4.43 15.25 -3.92
C PHE B 124 -5.02 14.47 -5.09
N LEU B 125 -6.33 14.60 -5.31
CA LEU B 125 -7.00 13.89 -6.38
C LEU B 125 -6.92 14.61 -7.71
N LYS B 126 -6.32 15.79 -7.76
CA LYS B 126 -6.00 16.39 -9.04
C LYS B 126 -4.94 15.58 -9.80
N HIS B 127 -4.03 14.97 -9.07
CA HIS B 127 -2.92 14.23 -9.65
C HIS B 127 -2.36 13.27 -8.60
N PRO B 128 -3.00 12.13 -8.36
CA PRO B 128 -2.58 11.27 -7.26
C PRO B 128 -1.52 10.26 -7.63
N ILE B 129 -1.38 9.94 -8.90
CA ILE B 129 -0.50 8.88 -9.35
C ILE B 129 0.79 9.48 -9.88
N HIS B 130 1.81 8.64 -10.03
CA HIS B 130 3.03 9.05 -10.70
C HIS B 130 2.81 9.07 -12.22
N GLY B 131 3.80 9.54 -12.94
CA GLY B 131 3.59 9.68 -14.36
C GLY B 131 2.56 10.77 -14.62
N ASP B 132 2.04 10.77 -15.85
CA ASP B 132 1.04 11.74 -16.24
C ASP B 132 -0.36 11.19 -16.00
N PHE B 133 -1.31 12.10 -15.78
CA PHE B 133 -2.64 11.70 -15.37
C PHE B 133 -3.62 12.82 -15.69
N LYS B 134 -4.86 12.45 -15.98
CA LYS B 134 -5.92 13.40 -16.28
C LYS B 134 -7.14 13.01 -15.48
N ALA B 135 -7.49 13.82 -14.49
CA ALA B 135 -8.49 13.44 -13.50
C ALA B 135 -9.90 13.78 -13.97
N VAL B 136 -10.87 13.07 -13.42
CA VAL B 136 -12.28 13.41 -13.51
C VAL B 136 -12.85 13.24 -12.11
N ALA B 137 -13.47 14.29 -11.57
CA ALA B 137 -13.92 14.27 -10.19
C ALA B 137 -15.18 15.11 -10.06
N LEU B 138 -16.19 14.56 -9.42
CA LEU B 138 -17.47 15.24 -9.20
C LEU B 138 -17.64 15.53 -7.71
N ALA B 139 -18.35 16.61 -7.42
CA ALA B 139 -18.53 17.08 -6.04
C ALA B 139 -19.99 17.33 -5.74
N PRO B 140 -20.68 16.36 -5.17
CA PRO B 140 -22.08 16.57 -4.77
C PRO B 140 -22.18 17.66 -3.71
N ALA B 141 -23.34 18.32 -3.67
CA ALA B 141 -23.51 19.47 -2.79
C ALA B 141 -24.85 19.49 -2.06
N SER B 142 -25.64 18.43 -2.14
CA SER B 142 -26.94 18.36 -1.49
C SER B 142 -27.37 16.90 -1.48
N LEU B 143 -28.63 16.66 -1.12
CA LEU B 143 -29.15 15.30 -1.13
C LEU B 143 -29.75 14.90 -2.47
N GLU B 144 -30.32 15.84 -3.22
CA GLU B 144 -30.77 15.51 -4.56
C GLU B 144 -29.60 15.16 -5.47
N GLU B 145 -28.43 15.74 -5.22
CA GLU B 145 -27.27 15.53 -6.05
C GLU B 145 -26.48 14.29 -5.68
N ALA B 146 -26.60 13.81 -4.45
CA ALA B 146 -25.93 12.56 -4.08
C ALA B 146 -26.36 11.40 -4.97
N TYR B 147 -27.57 11.48 -5.54
CA TYR B 147 -28.14 10.48 -6.44
C TYR B 147 -27.76 10.73 -7.89
N THR B 148 -28.04 11.93 -8.40
CA THR B 148 -27.83 12.21 -9.82
C THR B 148 -26.35 12.32 -10.15
N GLU B 149 -25.53 12.82 -9.24
CA GLU B 149 -24.09 12.85 -9.49
C GLU B 149 -23.51 11.45 -9.54
N THR B 150 -24.11 10.50 -8.83
CA THR B 150 -23.63 9.13 -8.88
C THR B 150 -24.04 8.46 -10.18
N VAL B 151 -25.27 8.71 -10.64
CA VAL B 151 -25.65 8.26 -11.97
C VAL B 151 -24.72 8.84 -13.03
N ARG B 152 -24.40 10.13 -12.92
CA ARG B 152 -23.49 10.77 -13.88
C ARG B 152 -22.10 10.18 -13.80
N ALA B 153 -21.63 9.85 -12.59
CA ALA B 153 -20.31 9.24 -12.45
C ALA B 153 -20.25 7.91 -13.16
N PHE B 154 -21.30 7.08 -13.01
CA PHE B 154 -21.31 5.80 -13.70
C PHE B 154 -21.37 6.01 -15.22
N ASN B 155 -22.19 6.95 -15.68
CA ASN B 155 -22.29 7.21 -17.11
C ASN B 155 -20.96 7.69 -17.69
N LEU B 156 -20.26 8.56 -16.97
CA LEU B 156 -18.99 9.08 -17.46
C LEU B 156 -17.91 8.01 -17.45
N ALA B 157 -17.91 7.14 -16.43
CA ALA B 157 -16.94 6.06 -16.42
C ALA B 157 -17.18 5.08 -17.57
N GLU B 158 -18.43 4.86 -17.94
CA GLU B 158 -18.69 3.96 -19.07
C GLU B 158 -18.48 4.64 -20.41
N MET B 159 -18.63 5.97 -20.48
CA MET B 159 -18.47 6.68 -21.74
C MET B 159 -17.02 7.00 -22.04
N LEU B 160 -16.21 7.24 -21.02
CA LEU B 160 -14.82 7.59 -21.21
C LEU B 160 -13.85 6.45 -20.95
N MET B 161 -14.29 5.38 -20.28
CA MET B 161 -13.44 4.23 -19.99
C MET B 161 -12.25 4.64 -19.13
N THR B 162 -12.55 5.17 -17.95
CA THR B 162 -11.54 5.80 -17.10
C THR B 162 -12.05 5.78 -15.67
N PRO B 163 -11.16 5.87 -14.68
CA PRO B 163 -11.61 5.93 -13.28
C PRO B 163 -12.12 7.32 -12.91
N VAL B 164 -13.37 7.38 -12.45
CA VAL B 164 -14.02 8.62 -12.06
C VAL B 164 -14.13 8.65 -10.55
N PHE B 165 -13.75 9.76 -9.94
CA PHE B 165 -13.90 9.93 -8.50
C PHE B 165 -15.20 10.64 -8.19
N LEU B 166 -15.76 10.32 -7.02
CA LEU B 166 -16.96 10.96 -6.51
C LEU B 166 -16.62 11.56 -5.16
N LEU B 167 -16.46 12.88 -5.11
CA LEU B 167 -15.88 13.56 -3.96
C LEU B 167 -16.97 13.91 -2.95
N MET B 168 -17.44 12.89 -2.24
CA MET B 168 -18.43 13.12 -1.22
C MET B 168 -17.78 13.70 0.03
N ASP B 169 -18.62 14.19 0.94
CA ASP B 169 -18.16 14.82 2.17
C ASP B 169 -18.92 14.21 3.34
N GLU B 170 -18.33 14.33 4.53
CA GLU B 170 -18.95 13.77 5.72
C GLU B 170 -20.26 14.49 6.05
N THR B 171 -20.31 15.80 5.79
CA THR B 171 -21.54 16.56 6.04
C THR B 171 -22.70 15.99 5.24
N VAL B 172 -22.58 16.01 3.91
CA VAL B 172 -23.62 15.46 3.05
C VAL B 172 -23.74 13.96 3.26
N GLY B 173 -22.64 13.30 3.62
CA GLY B 173 -22.68 11.87 3.80
C GLY B 173 -23.57 11.44 4.95
N HIS B 174 -23.57 12.19 6.04
CA HIS B 174 -24.36 11.85 7.20
C HIS B 174 -25.63 12.69 7.34
N MET B 175 -25.79 13.74 6.53
CA MET B 175 -26.97 14.59 6.65
C MET B 175 -28.20 13.84 6.20
N TYR B 176 -29.27 13.93 6.99
CA TYR B 176 -30.48 13.13 6.84
C TYR B 176 -31.66 14.05 6.59
N GLY B 177 -32.55 13.66 5.69
CA GLY B 177 -33.72 14.49 5.44
C GLY B 177 -34.51 13.98 4.25
N LYS B 178 -35.35 14.86 3.73
CA LYS B 178 -36.21 14.54 2.59
C LYS B 178 -35.51 14.81 1.27
N VAL B 179 -35.77 13.94 0.29
CA VAL B 179 -35.10 14.01 -1.00
C VAL B 179 -36.14 13.85 -2.10
N GLN B 180 -35.84 14.41 -3.27
CA GLN B 180 -36.59 14.16 -4.50
C GLN B 180 -35.64 13.58 -5.53
N ILE B 181 -36.02 12.46 -6.14
CA ILE B 181 -35.16 11.78 -7.10
C ILE B 181 -35.97 11.47 -8.35
N PRO B 182 -35.32 11.27 -9.50
CA PRO B 182 -36.08 11.11 -10.75
C PRO B 182 -36.90 9.83 -10.78
N ASP B 183 -37.55 9.61 -11.90
CA ASP B 183 -38.32 8.38 -12.10
C ASP B 183 -37.38 7.22 -12.38
N LEU B 184 -37.70 6.06 -11.81
CA LEU B 184 -36.86 4.89 -12.01
C LEU B 184 -36.79 4.52 -13.48
N GLU B 185 -37.93 4.56 -14.17
CA GLU B 185 -37.95 4.22 -15.58
C GLU B 185 -37.17 5.25 -16.38
N GLU B 186 -37.23 6.51 -15.95
CA GLU B 186 -36.49 7.57 -16.63
C GLU B 186 -35.00 7.50 -16.33
N VAL B 187 -34.63 6.95 -15.16
CA VAL B 187 -33.22 6.66 -14.90
C VAL B 187 -32.76 5.50 -15.77
N GLN B 188 -33.63 4.53 -16.01
CA GLN B 188 -33.25 3.39 -16.84
C GLN B 188 -33.12 3.77 -18.31
N LYS B 189 -33.86 4.79 -18.75
CA LYS B 189 -33.72 5.23 -20.13
C LYS B 189 -32.37 5.89 -20.39
N MET B 190 -31.91 6.72 -19.46
CA MET B 190 -30.71 7.53 -19.65
C MET B 190 -29.42 6.79 -19.41
N THR B 191 -29.46 5.49 -19.12
CA THR B 191 -28.24 4.76 -18.77
C THR B 191 -27.37 4.55 -20.00
N ILE B 192 -26.06 4.73 -19.83
CA ILE B 192 -25.09 4.59 -20.89
C ILE B 192 -24.19 3.42 -20.54
N ASN B 193 -24.27 2.35 -21.34
CA ASN B 193 -23.38 1.22 -21.21
C ASN B 193 -22.19 1.38 -22.13
N ARG B 194 -21.10 0.70 -21.80
CA ARG B 194 -19.95 0.70 -22.69
C ARG B 194 -20.30 -0.03 -23.97
N LYS B 195 -19.56 0.27 -25.03
CA LYS B 195 -19.86 -0.32 -26.32
C LYS B 195 -18.93 -1.49 -26.60
N GLU B 196 -19.47 -2.47 -27.32
CA GLU B 196 -18.74 -3.68 -27.66
C GLU B 196 -18.80 -3.89 -29.16
N PHE B 197 -17.72 -4.42 -29.71
CA PHE B 197 -17.62 -4.66 -31.14
C PHE B 197 -17.95 -6.12 -31.41
N VAL B 198 -18.90 -6.37 -32.32
CA VAL B 198 -19.36 -7.73 -32.54
C VAL B 198 -18.74 -8.35 -33.79
N GLY B 199 -19.09 -7.84 -34.97
CA GLY B 199 -18.60 -8.42 -36.22
C GLY B 199 -18.81 -9.91 -36.33
N ASP B 200 -18.28 -10.54 -37.37
CA ASP B 200 -17.94 -11.95 -37.24
C ASP B 200 -16.45 -11.99 -36.90
N LYS B 201 -15.62 -11.59 -37.84
CA LYS B 201 -14.66 -10.50 -37.63
C LYS B 201 -14.26 -10.36 -36.17
N LYS B 202 -13.50 -11.32 -35.64
CA LYS B 202 -13.00 -11.20 -34.29
C LYS B 202 -12.39 -9.82 -34.04
N ASP B 203 -12.38 -9.40 -32.77
CA ASP B 203 -12.06 -8.04 -32.35
C ASP B 203 -10.89 -7.45 -33.13
N TYR B 204 -9.73 -8.08 -33.01
CA TYR B 204 -8.53 -7.78 -33.77
C TYR B 204 -7.96 -6.41 -33.42
N LYS B 205 -8.69 -5.60 -32.65
CA LYS B 205 -8.30 -4.22 -32.44
C LYS B 205 -9.01 -3.60 -31.25
N PRO B 206 -8.73 -4.02 -30.01
CA PRO B 206 -9.36 -3.34 -28.87
C PRO B 206 -8.85 -1.91 -28.69
N TYR B 207 -7.56 -1.68 -28.88
CA TYR B 207 -6.96 -0.38 -28.60
C TYR B 207 -6.61 0.38 -29.87
N GLY B 208 -7.04 -0.11 -31.04
CA GLY B 208 -6.81 0.58 -32.28
C GLY B 208 -7.95 1.52 -32.66
N VAL B 209 -8.09 2.61 -31.92
CA VAL B 209 -9.18 3.57 -32.15
C VAL B 209 -8.59 4.91 -32.57
N ALA B 210 -9.45 5.88 -32.89
CA ALA B 210 -8.99 7.19 -33.30
C ALA B 210 -8.39 7.94 -32.11
N GLN B 211 -7.88 9.14 -32.38
CA GLN B 211 -7.09 9.87 -31.41
C GLN B 211 -7.92 10.71 -30.45
N ASP B 212 -9.24 10.56 -30.46
CA ASP B 212 -10.09 11.35 -29.57
C ASP B 212 -11.21 10.52 -28.99
N GLU B 213 -11.02 9.21 -28.85
CA GLU B 213 -12.08 8.34 -28.38
C GLU B 213 -11.48 7.17 -27.62
N PRO B 214 -12.23 6.56 -26.70
CA PRO B 214 -11.68 5.47 -25.90
C PRO B 214 -11.61 4.14 -26.65
N ALA B 215 -11.18 3.09 -25.96
CA ALA B 215 -11.05 1.77 -26.55
C ALA B 215 -12.33 0.97 -26.38
N VAL B 216 -12.43 -0.11 -27.16
CA VAL B 216 -13.55 -1.03 -27.11
C VAL B 216 -13.06 -2.33 -26.50
N LEU B 217 -13.55 -2.65 -25.31
CA LEU B 217 -13.11 -3.84 -24.59
C LEU B 217 -14.29 -4.79 -24.45
N ASN B 218 -14.30 -5.82 -25.27
CA ASN B 218 -15.35 -6.83 -25.22
C ASN B 218 -15.22 -7.69 -23.97
N PRO B 219 -16.32 -8.27 -23.50
CA PRO B 219 -16.25 -9.11 -22.30
C PRO B 219 -15.36 -10.32 -22.51
N PHE B 220 -14.92 -10.88 -21.39
CA PHE B 220 -14.10 -12.08 -21.41
C PHE B 220 -14.96 -13.30 -21.73
N PHE B 221 -14.30 -14.37 -22.14
CA PHE B 221 -14.92 -15.68 -22.31
C PHE B 221 -16.03 -15.66 -23.36
N LYS B 222 -15.75 -15.01 -24.49
CA LYS B 222 -16.77 -14.92 -25.53
C LYS B 222 -16.21 -15.12 -26.94
N GLY B 223 -14.93 -15.47 -27.08
CA GLY B 223 -14.32 -15.72 -28.37
C GLY B 223 -13.33 -14.65 -28.79
N TYR B 224 -13.50 -13.43 -28.30
CA TYR B 224 -12.57 -12.34 -28.59
C TYR B 224 -11.46 -12.39 -27.54
N ARG B 225 -10.27 -12.74 -27.99
CA ARG B 225 -9.13 -12.97 -27.10
C ARG B 225 -8.12 -11.84 -27.29
N TYR B 226 -7.73 -11.21 -26.19
CA TYR B 226 -6.79 -10.11 -26.25
C TYR B 226 -6.00 -10.06 -24.94
N HIS B 227 -5.00 -9.19 -24.92
CA HIS B 227 -4.11 -9.04 -23.79
C HIS B 227 -4.41 -7.75 -23.04
N VAL B 228 -4.37 -7.79 -21.72
CA VAL B 228 -4.57 -6.62 -20.88
C VAL B 228 -3.33 -6.44 -20.01
N SER B 229 -2.65 -5.31 -20.17
CA SER B 229 -1.45 -5.03 -19.40
C SER B 229 -1.43 -3.55 -19.03
N GLY B 230 -0.50 -3.20 -18.16
CA GLY B 230 -0.35 -1.84 -17.69
C GLY B 230 0.81 -1.08 -18.29
N LEU B 231 1.52 -1.66 -19.26
CA LEU B 231 2.61 -1.01 -19.93
C LEU B 231 2.13 -0.31 -21.20
N HIS B 232 3.01 0.48 -21.80
CA HIS B 232 2.70 1.12 -23.07
C HIS B 232 2.46 0.05 -24.13
N HIS B 233 1.23 -0.08 -24.58
CA HIS B 233 0.82 -1.18 -25.44
C HIS B 233 0.47 -0.69 -26.83
N GLY B 234 0.23 -1.65 -27.72
CA GLY B 234 -0.13 -1.37 -29.09
C GLY B 234 -1.60 -1.62 -29.35
N PRO B 235 -1.96 -1.87 -30.60
CA PRO B 235 -3.38 -2.02 -30.95
C PRO B 235 -4.09 -3.16 -30.23
N ILE B 236 -3.49 -4.35 -30.18
CA ILE B 236 -4.17 -5.48 -29.55
C ILE B 236 -3.89 -5.57 -28.06
N GLY B 237 -2.73 -5.11 -27.60
CA GLY B 237 -2.50 -5.03 -26.18
C GLY B 237 -1.12 -5.47 -25.73
N PHE B 238 -0.27 -5.84 -26.67
CA PHE B 238 1.05 -6.33 -26.29
C PHE B 238 2.01 -5.16 -26.11
N PRO B 239 2.83 -5.18 -25.06
CA PRO B 239 3.63 -4.01 -24.71
C PRO B 239 4.61 -3.62 -25.81
N THR B 240 5.04 -2.36 -25.75
CA THR B 240 6.02 -1.84 -26.69
C THR B 240 6.75 -0.70 -26.02
N GLU B 241 7.91 -0.36 -26.58
CA GLU B 241 8.66 0.81 -26.14
C GLU B 241 8.96 1.73 -27.31
N ASP B 242 8.10 1.71 -28.32
CA ASP B 242 8.24 2.62 -29.44
C ASP B 242 7.90 4.04 -29.02
N ALA B 243 8.54 5.01 -29.66
CA ALA B 243 8.30 6.41 -29.33
C ALA B 243 6.99 6.90 -29.91
N LYS B 244 6.70 6.57 -31.17
CA LYS B 244 5.46 6.98 -31.82
C LYS B 244 4.26 6.49 -31.02
N ILE B 245 4.17 5.18 -30.80
CA ILE B 245 3.03 4.60 -30.13
C ILE B 245 2.95 5.08 -28.69
N GLY B 246 4.08 5.11 -27.98
CA GLY B 246 4.07 5.53 -26.60
C GLY B 246 3.70 6.99 -26.41
N GLY B 247 3.91 7.81 -27.42
CA GLY B 247 3.51 9.20 -27.35
C GLY B 247 2.07 9.41 -27.74
N ASP B 248 1.65 8.76 -28.82
CA ASP B 248 0.26 8.88 -29.25
C ASP B 248 -0.70 8.27 -28.25
N LEU B 249 -0.25 7.27 -27.49
CA LEU B 249 -1.11 6.67 -26.47
C LEU B 249 -1.48 7.69 -25.41
N ILE B 250 -0.49 8.41 -24.88
CA ILE B 250 -0.78 9.38 -23.84
C ILE B 250 -1.50 10.59 -24.42
N ASP B 251 -1.18 10.96 -25.67
CA ASP B 251 -1.93 12.03 -26.31
C ASP B 251 -3.40 11.68 -26.43
N ARG B 252 -3.71 10.42 -26.75
CA ARG B 252 -5.12 10.02 -26.85
C ARG B 252 -5.77 9.93 -25.48
N LEU B 253 -5.04 9.43 -24.48
CA LEU B 253 -5.58 9.37 -23.13
C LEU B 253 -5.94 10.76 -22.62
N PHE B 254 -5.23 11.80 -23.07
CA PHE B 254 -5.57 13.16 -22.69
C PHE B 254 -6.69 13.74 -23.56
N HIS B 255 -6.62 13.52 -24.87
CA HIS B 255 -7.53 14.15 -25.81
C HIS B 255 -8.92 13.53 -25.79
N LYS B 256 -9.06 12.28 -25.36
CA LYS B 256 -10.38 11.68 -25.26
C LYS B 256 -11.19 12.27 -24.12
N ILE B 257 -10.54 12.97 -23.19
CA ILE B 257 -11.21 13.62 -22.08
C ILE B 257 -11.31 15.12 -22.29
N GLU B 258 -10.26 15.75 -22.82
CA GLU B 258 -10.29 17.19 -23.00
C GLU B 258 -11.00 17.61 -24.28
N SER B 259 -11.53 16.67 -25.06
CA SER B 259 -12.36 17.02 -26.21
C SER B 259 -13.85 16.90 -25.91
N LYS B 260 -14.22 16.11 -24.89
CA LYS B 260 -15.59 16.03 -24.43
C LYS B 260 -15.89 17.05 -23.35
N GLN B 261 -15.17 18.17 -23.36
CA GLN B 261 -15.20 19.11 -22.24
C GLN B 261 -16.57 19.75 -22.08
N ASP B 262 -17.34 19.83 -23.17
CA ASP B 262 -18.66 20.45 -23.08
C ASP B 262 -19.69 19.53 -22.45
N ILE B 263 -19.51 18.21 -22.57
CA ILE B 263 -20.39 17.28 -21.90
C ILE B 263 -19.91 16.95 -20.50
N ILE B 264 -18.60 17.00 -20.26
CA ILE B 264 -18.07 16.54 -18.99
C ILE B 264 -18.43 17.49 -17.86
N ASN B 265 -17.97 18.73 -17.91
CA ASN B 265 -18.14 19.62 -16.77
C ASN B 265 -19.40 20.46 -16.90
N GLU B 266 -20.27 20.33 -15.92
CA GLU B 266 -21.35 21.25 -15.66
C GLU B 266 -20.91 22.20 -14.55
N ASN B 267 -21.74 23.21 -14.30
CA ASN B 267 -21.50 24.15 -13.22
C ASN B 267 -22.71 25.03 -13.07
N GLU B 268 -22.90 25.55 -11.86
CA GLU B 268 -24.10 26.27 -11.50
C GLU B 268 -23.76 27.74 -11.27
N GLU B 269 -24.49 28.63 -11.93
CA GLU B 269 -24.28 30.06 -11.82
C GLU B 269 -25.60 30.72 -11.45
N MET B 270 -25.59 31.56 -10.41
CA MET B 270 -26.79 32.25 -9.99
C MET B 270 -26.47 33.67 -9.58
N ASP B 271 -27.38 34.59 -9.91
CA ASP B 271 -27.26 36.00 -9.56
C ASP B 271 -25.98 36.63 -10.12
N LEU B 272 -25.55 36.21 -11.31
CA LEU B 272 -24.39 36.82 -11.96
C LEU B 272 -24.83 37.98 -12.83
N GLU B 273 -25.98 38.55 -12.51
CA GLU B 273 -26.66 39.55 -13.32
C GLU B 273 -26.44 40.92 -12.68
N GLY B 274 -25.35 41.58 -13.06
CA GLY B 274 -25.05 42.88 -12.49
C GLY B 274 -24.57 42.86 -11.06
N ALA B 275 -24.06 41.72 -10.60
CA ALA B 275 -23.55 41.63 -9.25
C ALA B 275 -22.26 42.43 -9.11
N GLU B 276 -21.87 42.69 -7.86
CA GLU B 276 -20.62 43.35 -7.55
C GLU B 276 -19.54 42.38 -7.09
N ILE B 277 -19.91 41.38 -6.30
CA ILE B 277 -19.00 40.40 -5.74
C ILE B 277 -19.40 39.02 -6.24
N VAL B 278 -18.42 38.12 -6.36
CA VAL B 278 -18.67 36.74 -6.71
C VAL B 278 -18.00 35.85 -5.67
N ILE B 279 -18.68 34.77 -5.27
CA ILE B 279 -18.31 33.98 -4.10
C ILE B 279 -17.98 32.55 -4.48
N ILE B 280 -17.20 32.36 -5.53
CA ILE B 280 -16.86 31.02 -6.02
C ILE B 280 -16.56 30.08 -4.86
N ALA B 281 -17.23 28.93 -4.83
CA ALA B 281 -17.14 27.94 -3.76
C ALA B 281 -17.89 26.69 -4.21
N TYR B 282 -17.35 25.53 -3.85
CA TYR B 282 -17.86 24.25 -4.30
C TYR B 282 -18.23 23.40 -3.09
N GLY B 283 -18.57 22.14 -3.36
CA GLY B 283 -18.76 21.16 -2.33
C GLY B 283 -19.94 21.45 -1.43
N SER B 284 -19.75 21.17 -0.14
CA SER B 284 -20.82 21.37 0.84
C SER B 284 -20.72 22.71 1.54
N VAL B 285 -19.70 23.52 1.26
CA VAL B 285 -19.72 24.92 1.68
C VAL B 285 -20.75 25.67 0.87
N SER B 286 -21.20 25.08 -0.24
CA SER B 286 -22.28 25.68 -1.02
C SER B 286 -23.55 25.79 -0.21
N LEU B 287 -23.75 24.87 0.73
CA LEU B 287 -24.94 24.93 1.58
C LEU B 287 -24.93 26.18 2.46
N ALA B 288 -23.76 26.55 2.97
CA ALA B 288 -23.66 27.77 3.77
C ALA B 288 -23.72 29.02 2.90
N VAL B 289 -23.12 28.95 1.71
CA VAL B 289 -23.11 30.11 0.83
C VAL B 289 -24.52 30.44 0.36
N LYS B 290 -25.31 29.42 0.03
CA LYS B 290 -26.65 29.67 -0.48
C LYS B 290 -27.58 30.25 0.58
N GLU B 291 -27.23 30.15 1.86
CA GLU B 291 -28.03 30.74 2.91
C GLU B 291 -27.50 32.11 3.35
N ALA B 292 -26.17 32.28 3.33
CA ALA B 292 -25.61 33.61 3.51
C ALA B 292 -26.13 34.56 2.44
N LEU B 293 -26.16 34.10 1.19
CA LEU B 293 -26.70 34.90 0.11
C LEU B 293 -28.22 35.05 0.19
N LYS B 294 -28.88 34.31 1.06
CA LYS B 294 -30.31 34.43 1.26
C LYS B 294 -30.66 35.40 2.38
N ASP B 295 -29.80 35.51 3.39
CA ASP B 295 -29.98 36.46 4.48
C ASP B 295 -29.39 37.83 4.18
N TYR B 296 -28.19 37.90 3.62
CA TYR B 296 -27.48 39.16 3.44
C TYR B 296 -28.22 40.12 2.52
N HIS B 297 -29.10 39.61 1.65
CA HIS B 297 -29.78 40.46 0.69
C HIS B 297 -30.94 41.25 1.29
N LYS B 298 -31.42 40.88 2.48
CA LYS B 298 -32.64 41.48 3.01
C LYS B 298 -32.38 42.64 3.96
N GLU B 299 -31.12 42.98 4.22
CA GLU B 299 -30.81 44.22 4.93
C GLU B 299 -29.79 45.06 4.18
N SER B 300 -29.11 44.51 3.18
CA SER B 300 -27.96 45.17 2.58
C SER B 300 -28.20 45.40 1.08
N LYS B 301 -27.14 45.86 0.42
CA LYS B 301 -27.13 46.25 -0.98
C LYS B 301 -26.03 45.54 -1.75
N GLN B 302 -25.69 46.02 -2.94
CA GLN B 302 -24.54 45.55 -3.70
C GLN B 302 -24.64 44.05 -3.96
N LYS B 303 -25.59 43.70 -4.83
CA LYS B 303 -25.91 42.33 -5.19
C LYS B 303 -24.66 41.46 -5.30
N VAL B 304 -24.73 40.27 -4.73
CA VAL B 304 -23.61 39.34 -4.68
C VAL B 304 -23.93 38.15 -5.58
N GLY B 305 -22.94 37.67 -6.33
CA GLY B 305 -23.12 36.56 -7.22
C GLY B 305 -22.60 35.26 -6.63
N PHE B 306 -22.67 34.21 -7.43
CA PHE B 306 -22.24 32.89 -7.02
C PHE B 306 -22.02 32.03 -8.24
N PHE B 307 -20.84 31.40 -8.31
CA PHE B 307 -20.49 30.50 -9.40
C PHE B 307 -19.96 29.23 -8.76
N ARG B 308 -20.73 28.14 -8.86
CA ARG B 308 -20.37 26.89 -8.23
C ARG B 308 -20.07 25.84 -9.28
N PRO B 309 -18.85 25.33 -9.37
CA PRO B 309 -18.58 24.20 -10.27
C PRO B 309 -19.21 22.92 -9.72
N LYS B 310 -19.81 22.15 -10.62
CA LYS B 310 -20.34 20.84 -10.28
C LYS B 310 -19.37 19.72 -10.60
N THR B 311 -18.47 19.94 -11.57
CA THR B 311 -17.39 19.03 -11.88
C THR B 311 -16.09 19.77 -11.58
N LEU B 312 -15.35 19.30 -10.58
CA LEU B 312 -14.12 19.98 -10.19
C LEU B 312 -13.05 19.84 -11.26
N TRP B 313 -12.65 18.61 -11.55
CA TRP B 313 -11.65 18.33 -12.56
C TRP B 313 -12.29 17.58 -13.72
N PRO B 314 -12.02 17.98 -14.97
CA PRO B 314 -11.20 19.12 -15.36
C PRO B 314 -11.94 20.45 -15.18
N SER B 315 -11.20 21.49 -14.80
CA SER B 315 -11.84 22.71 -14.34
C SER B 315 -12.40 23.51 -15.52
N PRO B 316 -13.46 24.30 -15.28
CA PRO B 316 -13.99 25.18 -16.32
C PRO B 316 -13.14 26.44 -16.47
N ALA B 317 -11.99 26.29 -17.11
CA ALA B 317 -11.03 27.39 -17.15
C ALA B 317 -11.56 28.58 -17.95
N LYS B 318 -12.32 28.33 -19.00
CA LYS B 318 -12.76 29.43 -19.86
C LYS B 318 -13.83 30.27 -19.19
N ARG B 319 -14.78 29.63 -18.51
CA ARG B 319 -15.81 30.38 -17.80
C ARG B 319 -15.22 31.14 -16.61
N LEU B 320 -14.25 30.54 -15.93
CA LEU B 320 -13.55 31.25 -14.87
C LEU B 320 -12.83 32.48 -15.42
N LYS B 321 -12.14 32.31 -16.55
CA LYS B 321 -11.47 33.45 -17.18
C LYS B 321 -12.45 34.56 -17.51
N GLU B 322 -13.60 34.22 -18.08
CA GLU B 322 -14.57 35.25 -18.43
C GLU B 322 -15.12 35.96 -17.20
N ILE B 323 -15.47 35.18 -16.15
CA ILE B 323 -15.99 35.80 -14.94
C ILE B 323 -14.95 36.70 -14.30
N GLY B 324 -13.68 36.29 -14.31
CA GLY B 324 -12.64 37.10 -13.72
C GLY B 324 -12.37 38.36 -14.50
N ASP B 325 -12.50 38.30 -15.83
CA ASP B 325 -12.33 39.50 -16.63
C ASP B 325 -13.51 40.45 -16.49
N LYS B 326 -14.70 39.92 -16.17
CA LYS B 326 -15.87 40.78 -16.11
C LYS B 326 -15.98 41.52 -14.78
N TYR B 327 -15.81 40.82 -13.66
CA TYR B 327 -16.08 41.38 -12.34
C TYR B 327 -14.78 41.71 -11.62
N GLU B 328 -14.88 42.65 -10.68
CA GLU B 328 -13.69 43.22 -10.05
C GLU B 328 -13.37 42.63 -8.68
N LYS B 329 -14.36 42.15 -7.94
CA LYS B 329 -14.12 41.55 -6.63
C LYS B 329 -14.58 40.10 -6.64
N ILE B 330 -13.67 39.19 -6.31
CA ILE B 330 -13.95 37.76 -6.23
C ILE B 330 -13.60 37.30 -4.83
N LEU B 331 -14.23 36.22 -4.39
CA LEU B 331 -13.98 35.66 -3.07
C LEU B 331 -14.10 34.15 -3.13
N VAL B 332 -13.03 33.44 -2.75
CA VAL B 332 -13.00 31.99 -2.76
C VAL B 332 -13.11 31.49 -1.33
N ILE B 333 -14.07 30.60 -1.08
CA ILE B 333 -14.30 30.04 0.24
C ILE B 333 -14.04 28.55 0.19
N GLU B 334 -13.29 28.05 1.17
CA GLU B 334 -12.89 26.64 1.18
C GLU B 334 -12.77 26.14 2.60
N LEU B 335 -12.57 24.84 2.73
CA LEU B 335 -12.32 24.17 4.00
C LEU B 335 -10.93 23.56 4.02
N ASN B 336 -9.95 24.29 3.49
CA ASN B 336 -8.57 23.87 3.49
C ASN B 336 -7.69 25.12 3.53
N LYS B 337 -6.41 24.96 3.22
CA LYS B 337 -5.44 26.04 3.25
C LYS B 337 -5.17 26.61 1.87
N GLY B 338 -6.19 26.67 1.01
CA GLY B 338 -6.00 27.19 -0.33
C GLY B 338 -5.61 26.16 -1.36
N GLN B 339 -6.46 25.15 -1.56
CA GLN B 339 -6.18 24.10 -2.53
C GLN B 339 -6.75 24.40 -3.91
N TYR B 340 -8.06 24.61 -4.00
CA TYR B 340 -8.65 24.96 -5.29
C TYR B 340 -8.48 26.42 -5.64
N LEU B 341 -7.87 27.21 -4.75
CA LEU B 341 -7.62 28.61 -5.06
C LEU B 341 -6.53 28.77 -6.11
N GLU B 342 -5.60 27.83 -6.17
CA GLU B 342 -4.50 27.95 -7.14
C GLU B 342 -4.99 27.83 -8.57
N GLU B 343 -5.99 26.96 -8.81
CA GLU B 343 -6.53 26.84 -10.15
C GLU B 343 -7.33 28.08 -10.53
N ILE B 344 -8.11 28.62 -9.59
CA ILE B 344 -8.86 29.83 -9.86
C ILE B 344 -7.95 31.00 -10.08
N GLU B 345 -6.73 30.98 -9.54
CA GLU B 345 -5.79 32.06 -9.75
C GLU B 345 -4.88 31.87 -10.96
N ARG B 346 -4.64 30.63 -11.40
CA ARG B 346 -3.91 30.47 -12.66
C ARG B 346 -4.83 30.73 -13.85
N ALA B 347 -6.07 30.27 -13.79
CA ALA B 347 -7.08 30.91 -14.61
C ALA B 347 -7.32 32.31 -14.07
N MET B 348 -7.92 33.16 -14.90
CA MET B 348 -8.21 34.54 -14.53
C MET B 348 -6.95 35.40 -14.45
N GLN B 349 -5.79 34.74 -14.46
CA GLN B 349 -4.48 35.39 -14.42
C GLN B 349 -4.47 36.62 -13.51
N ARG B 350 -4.79 36.38 -12.23
CA ARG B 350 -5.11 37.49 -11.35
C ARG B 350 -5.21 36.97 -9.92
N LYS B 351 -4.89 37.83 -8.96
CA LYS B 351 -4.98 37.52 -7.54
C LYS B 351 -6.37 37.86 -7.02
N VAL B 352 -6.93 36.99 -6.18
CA VAL B 352 -8.27 37.15 -5.65
C VAL B 352 -8.22 37.00 -4.13
N HIS B 353 -9.38 37.16 -3.50
CA HIS B 353 -9.50 37.02 -2.05
C HIS B 353 -9.74 35.56 -1.68
N PHE B 354 -9.49 35.24 -0.41
CA PHE B 354 -9.59 33.88 0.08
C PHE B 354 -10.09 33.86 1.52
N PHE B 355 -10.84 32.84 1.86
CA PHE B 355 -11.40 32.65 3.21
C PHE B 355 -11.38 31.15 3.50
N GLY B 356 -10.33 30.69 4.18
CA GLY B 356 -10.19 29.27 4.45
C GLY B 356 -10.22 28.92 5.92
N GLN B 357 -10.44 27.65 6.24
CA GLN B 357 -10.55 27.22 7.63
C GLN B 357 -10.27 25.72 7.69
N ALA B 358 -9.15 25.34 8.31
CA ALA B 358 -8.74 23.94 8.33
C ALA B 358 -8.61 23.38 9.75
N ASN B 359 -9.61 23.62 10.60
CA ASN B 359 -9.57 23.16 11.97
C ASN B 359 -10.60 22.07 12.28
N GLY B 360 -11.28 21.55 11.28
CA GLY B 360 -12.24 20.48 11.49
C GLY B 360 -13.68 20.92 11.63
N ARG B 361 -13.97 22.20 11.48
CA ARG B 361 -15.32 22.74 11.63
C ARG B 361 -15.77 23.37 10.32
N THR B 362 -17.06 23.72 10.26
CA THR B 362 -17.64 24.29 9.06
C THR B 362 -17.64 25.81 9.13
N ILE B 363 -18.30 26.47 8.18
CA ILE B 363 -18.09 27.90 7.97
C ILE B 363 -19.21 28.75 8.56
N SER B 364 -20.44 28.22 8.63
CA SER B 364 -21.47 28.90 9.41
C SER B 364 -21.82 30.29 8.88
N PRO B 365 -22.78 30.40 7.94
CA PRO B 365 -22.98 31.63 7.16
C PRO B 365 -23.00 32.95 7.93
N LYS B 366 -22.95 32.90 9.26
CA LYS B 366 -22.58 34.08 10.02
C LYS B 366 -21.22 34.61 9.55
N GLN B 367 -20.22 33.73 9.49
CA GLN B 367 -18.88 34.14 9.13
C GLN B 367 -18.81 34.67 7.71
N ILE B 368 -19.63 34.13 6.80
CA ILE B 368 -19.57 34.55 5.40
C ILE B 368 -20.08 35.97 5.24
N ILE B 369 -21.21 36.29 5.87
CA ILE B 369 -21.69 37.66 5.87
C ILE B 369 -20.70 38.58 6.58
N ALA B 370 -20.02 38.07 7.61
CA ALA B 370 -19.04 38.91 8.28
C ALA B 370 -17.80 39.16 7.42
N LYS B 371 -17.51 38.26 6.48
CA LYS B 371 -16.39 38.44 5.57
C LYS B 371 -16.76 39.25 4.34
N LEU B 372 -18.04 39.26 3.93
CA LEU B 372 -18.45 40.09 2.82
C LEU B 372 -18.40 41.56 3.16
N LYS B 373 -18.24 41.91 4.43
CA LYS B 373 -18.06 43.30 4.80
C LYS B 373 -16.64 43.75 4.47
N GLU B 374 -15.68 42.87 4.64
CA GLU B 374 -14.27 43.13 4.32
C GLU B 374 -13.76 44.36 5.03
N MET C 1 1.86 -3.94 39.92
CA MET C 1 2.15 -5.30 40.34
C MET C 1 1.14 -5.79 41.36
N ALA C 2 0.54 -4.85 42.06
CA ALA C 2 -0.31 -5.16 43.20
C ALA C 2 -1.27 -4.00 43.36
N PHE C 3 -1.87 -3.90 44.55
CA PHE C 3 -2.73 -2.77 44.88
C PHE C 3 -2.11 -1.42 44.53
N ASN C 4 -0.80 -1.37 44.25
CA ASN C 4 -0.14 -0.19 43.70
C ASN C 4 0.17 -0.41 42.23
N TYR C 5 -0.82 -0.11 41.39
CA TYR C 5 -0.63 -0.10 39.94
C TYR C 5 -0.21 1.25 39.40
N ASP C 6 -0.18 2.28 40.25
CA ASP C 6 0.01 3.65 39.77
C ASP C 6 1.47 4.02 39.55
N GLU C 7 2.42 3.15 39.86
CA GLU C 7 3.82 3.44 39.52
C GLU C 7 4.05 3.32 38.03
N TYR C 8 3.29 2.45 37.35
CA TYR C 8 3.51 2.14 35.95
C TYR C 8 2.50 2.78 35.03
N LEU C 9 1.66 3.68 35.56
CA LEU C 9 0.52 4.19 34.82
C LEU C 9 0.56 5.71 34.77
N ARG C 10 0.06 6.25 33.67
CA ARG C 10 -0.22 7.68 33.57
C ARG C 10 -1.55 7.90 34.26
N VAL C 11 -1.51 8.01 35.59
CA VAL C 11 -2.71 8.01 36.42
C VAL C 11 -3.68 9.11 36.03
N ASP C 12 -3.19 10.21 35.44
CA ASP C 12 -4.10 11.26 34.98
C ASP C 12 -5.01 10.80 33.86
N LYS C 13 -4.66 9.69 33.20
CA LYS C 13 -5.49 9.19 32.10
C LYS C 13 -6.65 8.34 32.61
N ILE C 14 -6.37 7.44 33.54
CA ILE C 14 -7.46 6.61 34.08
C ILE C 14 -8.45 7.50 34.81
N PRO C 15 -9.76 7.19 34.83
CA PRO C 15 -10.42 5.98 34.30
C PRO C 15 -10.26 5.81 32.79
N THR C 16 -10.21 4.56 32.35
CA THR C 16 -9.99 4.27 30.94
C THR C 16 -11.25 4.54 30.14
N LEU C 17 -11.30 4.09 28.90
CA LEU C 17 -12.36 4.48 27.99
C LEU C 17 -13.03 3.33 27.28
N TRP C 18 -12.92 2.08 27.75
CA TRP C 18 -13.27 1.06 26.79
C TRP C 18 -14.78 0.82 26.68
N CYS C 19 -15.41 0.00 27.52
CA CYS C 19 -16.86 0.18 27.62
C CYS C 19 -17.44 0.14 29.02
N TRP C 20 -17.60 -1.07 29.57
CA TRP C 20 -17.72 -1.24 31.02
C TRP C 20 -17.11 -2.56 31.47
N GLY C 21 -17.00 -3.52 30.57
CA GLY C 21 -16.54 -4.85 30.97
C GLY C 21 -15.61 -5.50 29.96
N CYS C 22 -15.01 -4.70 29.10
CA CYS C 22 -14.12 -5.25 28.10
C CYS C 22 -12.94 -5.93 28.75
N GLY C 23 -12.49 -7.02 28.14
CA GLY C 23 -11.35 -7.74 28.66
C GLY C 23 -10.04 -7.16 28.19
N ASP C 24 -9.88 -5.85 28.34
CA ASP C 24 -8.69 -5.13 27.94
C ASP C 24 -7.92 -4.57 29.11
N GLY C 25 -8.60 -4.15 30.18
CA GLY C 25 -7.90 -3.75 31.38
C GLY C 25 -7.21 -4.89 32.07
N VAL C 26 -7.73 -6.11 31.89
CA VAL C 26 -7.11 -7.28 32.50
C VAL C 26 -5.74 -7.55 31.87
N ILE C 27 -5.64 -7.40 30.55
CA ILE C 27 -4.37 -7.62 29.88
C ILE C 27 -3.37 -6.53 30.27
N LEU C 28 -3.83 -5.30 30.42
CA LEU C 28 -2.94 -4.22 30.85
C LEU C 28 -2.41 -4.48 32.25
N LYS C 29 -3.29 -4.88 33.17
CA LYS C 29 -2.87 -5.27 34.50
C LYS C 29 -1.81 -6.35 34.44
N SER C 30 -2.04 -7.39 33.63
CA SER C 30 -1.12 -8.52 33.58
C SER C 30 0.24 -8.10 33.01
N ILE C 31 0.23 -7.23 32.01
CA ILE C 31 1.48 -6.73 31.44
C ILE C 31 2.28 -5.96 32.48
N ILE C 32 1.62 -5.09 33.23
CA ILE C 32 2.31 -4.33 34.27
C ILE C 32 2.89 -5.25 35.34
N ARG C 33 2.10 -6.24 35.77
CA ARG C 33 2.57 -7.17 36.79
C ARG C 33 3.78 -7.94 36.32
N THR C 34 3.75 -8.46 35.08
CA THR C 34 4.89 -9.24 34.62
C THR C 34 6.10 -8.35 34.31
N ILE C 35 5.89 -7.07 34.03
CA ILE C 35 7.03 -6.17 33.89
C ILE C 35 7.71 -5.97 35.24
N ASP C 36 6.92 -5.77 36.30
CA ASP C 36 7.53 -5.61 37.62
C ASP C 36 8.20 -6.89 38.08
N ALA C 37 7.57 -8.04 37.86
CA ALA C 37 8.11 -9.29 38.39
C ALA C 37 9.50 -9.58 37.83
N LEU C 38 9.78 -9.14 36.61
CA LEU C 38 11.07 -9.38 35.99
C LEU C 38 12.14 -8.39 36.41
N GLY C 39 11.77 -7.32 37.10
CA GLY C 39 12.73 -6.31 37.49
C GLY C 39 13.07 -5.33 36.40
N TRP C 40 12.20 -5.17 35.41
CA TRP C 40 12.46 -4.23 34.33
C TRP C 40 12.26 -2.79 34.81
N LYS C 41 12.98 -1.87 34.19
CA LYS C 41 12.87 -0.45 34.50
C LYS C 41 12.16 0.25 33.36
N MET C 42 11.14 1.06 33.69
CA MET C 42 10.33 1.68 32.66
C MET C 42 11.10 2.70 31.82
N ASP C 43 12.34 3.02 32.18
CA ASP C 43 13.20 3.83 31.34
C ASP C 43 13.91 2.99 30.28
N ASP C 44 13.62 1.70 30.21
CA ASP C 44 14.14 0.83 29.16
C ASP C 44 13.04 0.23 28.30
N VAL C 45 11.79 0.42 28.65
CA VAL C 45 10.67 -0.25 28.01
C VAL C 45 9.98 0.72 27.06
N CYS C 46 9.71 0.26 25.83
CA CYS C 46 8.90 0.99 24.87
C CYS C 46 7.69 0.13 24.53
N LEU C 47 6.56 0.78 24.27
CA LEU C 47 5.31 0.06 23.99
C LEU C 47 4.66 0.70 22.77
N VAL C 48 4.76 0.04 21.63
CA VAL C 48 4.20 0.51 20.38
C VAL C 48 2.96 -0.32 20.04
N SER C 49 1.90 0.35 19.60
CA SER C 49 0.62 -0.29 19.37
C SER C 49 -0.07 0.32 18.15
N GLY C 50 -0.79 -0.50 17.41
CA GLY C 50 -1.49 -0.06 16.22
C GLY C 50 -2.72 0.76 16.55
N ILE C 51 -3.53 0.99 15.53
CA ILE C 51 -4.76 1.75 15.68
C ILE C 51 -5.94 0.78 15.75
N GLY C 52 -6.90 1.11 16.60
CA GLY C 52 -7.99 0.22 16.90
C GLY C 52 -8.43 0.42 18.32
N CYS C 53 -8.98 -0.55 18.99
CA CYS C 53 -9.36 -0.43 20.39
C CYS C 53 -8.40 -1.05 21.38
N SER C 54 -7.45 -1.88 20.91
CA SER C 54 -6.29 -2.19 21.72
C SER C 54 -5.18 -1.16 21.54
N GLY C 55 -5.40 -0.15 20.70
CA GLY C 55 -4.41 0.89 20.54
C GLY C 55 -4.48 1.95 21.61
N ARG C 56 -5.49 1.89 22.46
CA ARG C 56 -5.55 2.80 23.60
C ARG C 56 -4.61 2.38 24.71
N MET C 57 -4.03 1.18 24.62
CA MET C 57 -3.19 0.69 25.71
C MET C 57 -1.90 1.48 25.83
N SER C 58 -1.38 1.98 24.71
CA SER C 58 -0.16 2.77 24.68
C SER C 58 -0.37 4.20 25.15
N SER C 59 -1.56 4.54 25.61
CA SER C 59 -1.81 5.88 26.15
C SER C 59 -1.71 5.93 27.67
N TYR C 60 -1.98 4.82 28.36
CA TYR C 60 -2.08 4.83 29.81
C TYR C 60 -0.79 4.48 30.51
N VAL C 61 0.14 3.80 29.86
CA VAL C 61 1.38 3.39 30.50
C VAL C 61 2.36 4.56 30.51
N ASN C 62 3.23 4.58 31.52
CA ASN C 62 4.19 5.66 31.71
C ASN C 62 5.56 5.21 31.23
N CYS C 63 5.77 5.26 29.91
CA CYS C 63 7.04 4.94 29.28
C CYS C 63 7.13 5.73 27.99
N ASN C 64 8.04 5.33 27.10
CA ASN C 64 8.12 5.89 25.76
C ASN C 64 7.18 5.12 24.85
N THR C 65 6.02 5.69 24.56
CA THR C 65 4.96 4.99 23.83
C THR C 65 4.75 5.57 22.45
N VAL C 66 4.33 4.72 21.52
CA VAL C 66 4.12 5.07 20.12
C VAL C 66 2.76 4.55 19.68
N HIS C 67 2.08 5.30 18.84
CA HIS C 67 0.79 4.91 18.26
C HIS C 67 0.89 5.06 16.76
N THR C 68 0.82 3.95 16.03
CA THR C 68 1.18 3.90 14.63
C THR C 68 -0.07 3.87 13.75
N THR C 69 0.14 3.68 12.45
CA THR C 69 -0.96 3.56 11.51
C THR C 69 -1.50 2.12 11.54
N HIS C 70 -2.50 1.84 10.71
CA HIS C 70 -3.21 0.57 10.78
C HIS C 70 -2.39 -0.53 10.13
N GLY C 71 -1.98 -1.51 10.93
CA GLY C 71 -1.29 -2.67 10.43
C GLY C 71 0.22 -2.57 10.39
N ARG C 72 0.80 -1.48 10.91
CA ARG C 72 2.23 -1.25 10.78
C ARG C 72 2.98 -1.22 12.10
N ALA C 73 2.34 -1.64 13.20
CA ALA C 73 3.01 -1.59 14.49
C ALA C 73 4.30 -2.39 14.51
N VAL C 74 4.31 -3.54 13.83
CA VAL C 74 5.45 -4.44 13.90
C VAL C 74 6.64 -3.87 13.16
N ALA C 75 6.40 -3.08 12.10
CA ALA C 75 7.51 -2.51 11.36
C ALA C 75 8.18 -1.37 12.13
N TYR C 76 7.38 -0.45 12.67
CA TYR C 76 7.93 0.58 13.53
C TYR C 76 8.69 -0.04 14.70
N ALA C 77 8.13 -1.09 15.29
CA ALA C 77 8.80 -1.74 16.42
C ALA C 77 10.10 -2.40 16.00
N THR C 78 10.12 -3.01 14.81
CA THR C 78 11.36 -3.57 14.30
C THR C 78 12.43 -2.49 14.21
N GLY C 79 12.08 -1.33 13.67
CA GLY C 79 13.05 -0.25 13.56
C GLY C 79 13.55 0.23 14.91
N ILE C 80 12.61 0.46 15.84
CA ILE C 80 12.97 0.94 17.17
C ILE C 80 13.91 -0.04 17.86
N LYS C 81 13.59 -1.34 17.79
CA LYS C 81 14.42 -2.34 18.46
C LYS C 81 15.78 -2.48 17.78
N MET C 82 15.83 -2.40 16.45
CA MET C 82 17.11 -2.54 15.77
C MET C 82 18.03 -1.37 16.04
N ALA C 83 17.49 -0.17 16.22
CA ALA C 83 18.35 0.96 16.49
C ALA C 83 18.83 1.00 17.93
N ASN C 84 18.13 0.34 18.85
CA ASN C 84 18.49 0.30 20.26
C ASN C 84 18.49 -1.15 20.73
N PRO C 85 19.47 -1.94 20.33
CA PRO C 85 19.36 -3.39 20.53
C PRO C 85 19.77 -3.84 21.92
N SER C 86 19.34 -3.10 22.93
CA SER C 86 19.58 -3.49 24.31
C SER C 86 18.40 -3.21 25.22
N LYS C 87 17.30 -2.70 24.69
CA LYS C 87 16.14 -2.32 25.47
C LYS C 87 14.98 -3.23 25.13
N HIS C 88 13.86 -3.02 25.81
CA HIS C 88 12.74 -3.95 25.79
C HIS C 88 11.56 -3.31 25.06
N VAL C 89 11.15 -3.92 23.97
CA VAL C 89 10.08 -3.41 23.12
C VAL C 89 8.93 -4.40 23.13
N ILE C 90 7.71 -3.88 23.23
CA ILE C 90 6.49 -4.68 23.33
C ILE C 90 5.47 -4.13 22.36
N VAL C 91 4.86 -5.03 21.58
CA VAL C 91 3.88 -4.65 20.56
C VAL C 91 2.51 -5.19 20.98
N VAL C 92 1.48 -4.36 20.83
CA VAL C 92 0.11 -4.73 21.18
C VAL C 92 -0.78 -4.35 20.00
N SER C 93 -1.54 -5.32 19.49
CA SER C 93 -2.43 -5.04 18.37
C SER C 93 -3.58 -6.02 18.39
N GLY C 94 -4.62 -5.69 17.62
CA GLY C 94 -5.82 -6.49 17.57
C GLY C 94 -5.78 -7.54 16.48
N ASP C 95 -6.91 -8.20 16.28
CA ASP C 95 -7.01 -9.26 15.27
C ASP C 95 -7.33 -8.74 13.89
N GLY C 96 -7.81 -7.49 13.76
CA GLY C 96 -7.93 -6.86 12.46
C GLY C 96 -6.70 -6.08 12.06
N ASP C 97 -5.85 -5.76 13.02
CA ASP C 97 -4.46 -5.38 12.84
C ASP C 97 -3.69 -6.63 12.49
N GLY C 98 -2.43 -6.71 12.89
CA GLY C 98 -1.44 -7.58 12.30
C GLY C 98 -1.81 -8.96 11.81
N PHE C 99 -3.08 -9.37 11.89
CA PHE C 99 -3.49 -10.60 11.20
C PHE C 99 -4.49 -10.41 10.08
N ALA C 100 -4.97 -9.19 9.81
CA ALA C 100 -5.82 -8.97 8.63
C ALA C 100 -5.15 -8.03 7.63
N ILE C 101 -4.84 -6.80 8.02
CA ILE C 101 -4.18 -5.86 7.14
C ILE C 101 -2.66 -5.91 7.28
N GLY C 102 -2.15 -6.44 8.38
CA GLY C 102 -0.73 -6.55 8.58
C GLY C 102 -0.27 -7.96 8.83
N GLY C 103 -0.89 -8.94 8.17
CA GLY C 103 -0.44 -10.31 8.32
C GLY C 103 0.91 -10.58 7.68
N ASN C 104 1.24 -9.81 6.63
CA ASN C 104 2.53 -9.96 5.99
C ASN C 104 3.67 -9.57 6.93
N HIS C 105 3.51 -8.43 7.61
CA HIS C 105 4.55 -7.98 8.54
C HIS C 105 4.73 -8.96 9.68
N THR C 106 3.64 -9.49 10.21
CA THR C 106 3.74 -10.47 11.28
C THR C 106 4.45 -11.73 10.81
N MET C 107 4.10 -12.23 9.63
CA MET C 107 4.74 -13.45 9.13
C MET C 107 6.23 -13.25 8.93
N HIS C 108 6.63 -12.09 8.41
CA HIS C 108 8.06 -11.89 8.17
C HIS C 108 8.81 -11.58 9.45
N ALA C 109 8.15 -11.00 10.45
CA ALA C 109 8.78 -10.83 11.76
C ALA C 109 9.00 -12.17 12.43
N CYS C 110 8.03 -13.08 12.34
CA CYS C 110 8.25 -14.44 12.80
C CYS C 110 9.40 -15.08 12.06
N ARG C 111 9.44 -14.92 10.74
CA ARG C 111 10.46 -15.59 9.94
C ARG C 111 11.86 -15.13 10.33
N ARG C 112 12.11 -13.82 10.34
CA ARG C 112 13.48 -13.38 10.56
C ARG C 112 13.86 -13.33 12.03
N ASN C 113 12.93 -13.58 12.96
CA ASN C 113 13.23 -13.78 14.38
C ASN C 113 13.85 -12.55 15.03
N ILE C 114 13.10 -11.46 15.02
CA ILE C 114 13.49 -10.23 15.69
C ILE C 114 12.99 -10.30 17.13
N ASP C 115 13.77 -9.76 18.06
CA ASP C 115 13.50 -9.89 19.49
C ASP C 115 12.37 -8.96 19.93
N LEU C 116 11.17 -9.28 19.50
CA LEU C 116 9.97 -8.54 19.85
C LEU C 116 9.11 -9.35 20.80
N ASN C 117 8.02 -8.73 21.25
CA ASN C 117 7.10 -9.31 22.21
C ASN C 117 5.66 -9.09 21.78
N PHE C 118 5.36 -9.48 20.54
CA PHE C 118 4.01 -9.31 19.99
C PHE C 118 2.95 -9.91 20.89
N ILE C 119 1.88 -9.13 21.14
CA ILE C 119 0.77 -9.55 21.99
C ILE C 119 -0.52 -9.22 21.24
N LEU C 120 -1.27 -10.25 20.87
CA LEU C 120 -2.49 -10.11 20.08
C LEU C 120 -3.70 -10.07 20.99
N VAL C 121 -4.52 -9.03 20.86
CA VAL C 121 -5.74 -8.90 21.63
C VAL C 121 -6.88 -9.38 20.74
N ASN C 122 -7.31 -10.62 20.95
CA ASN C 122 -8.21 -11.32 20.06
C ASN C 122 -9.62 -11.24 20.60
N ASN C 123 -10.50 -10.50 19.91
CA ASN C 123 -11.90 -10.41 20.32
C ASN C 123 -12.85 -10.82 19.21
N PHE C 124 -12.35 -11.37 18.11
CA PHE C 124 -13.07 -12.06 17.06
C PHE C 124 -13.93 -11.16 16.17
N ILE C 125 -13.87 -9.83 16.33
CA ILE C 125 -14.41 -8.90 15.32
C ILE C 125 -13.57 -7.64 15.26
N TYR C 126 -13.98 -6.70 14.41
CA TYR C 126 -13.51 -5.32 14.42
C TYR C 126 -14.40 -4.53 15.36
N GLY C 127 -13.89 -4.19 16.54
CA GLY C 127 -14.72 -3.52 17.51
C GLY C 127 -14.89 -2.03 17.31
N LEU C 128 -13.80 -1.34 16.98
CA LEU C 128 -13.86 0.12 16.88
C LEU C 128 -14.83 0.57 15.80
N THR C 129 -14.80 -0.09 14.63
CA THR C 129 -15.66 0.25 13.50
C THR C 129 -16.98 -0.50 13.53
N ASN C 130 -17.46 -0.87 14.71
CA ASN C 130 -18.80 -1.39 14.92
C ASN C 130 -19.08 -2.71 14.21
N SER C 131 -18.33 -3.76 14.59
CA SER C 131 -18.69 -5.16 14.35
C SER C 131 -18.70 -5.53 12.86
N GLN C 132 -17.54 -5.42 12.24
CA GLN C 132 -17.35 -6.04 10.94
C GLN C 132 -16.66 -7.39 11.13
N THR C 133 -16.53 -8.14 10.04
CA THR C 133 -16.03 -9.50 10.11
C THR C 133 -14.50 -9.51 10.17
N SER C 134 -13.95 -10.37 11.02
CA SER C 134 -12.52 -10.59 11.18
C SER C 134 -12.09 -11.87 10.49
N PRO C 135 -10.78 -12.06 10.27
CA PRO C 135 -10.29 -13.37 9.84
C PRO C 135 -10.36 -14.44 10.93
N THR C 136 -10.86 -14.11 12.13
CA THR C 136 -10.98 -15.07 13.21
C THR C 136 -12.40 -15.21 13.73
N THR C 137 -13.38 -14.66 13.03
CA THR C 137 -14.77 -14.80 13.43
C THR C 137 -15.28 -16.19 13.04
N PRO C 138 -15.93 -16.91 13.93
CA PRO C 138 -16.46 -18.22 13.55
C PRO C 138 -17.61 -18.10 12.55
N ASN C 139 -17.81 -19.18 11.80
CA ASN C 139 -18.84 -19.19 10.78
C ASN C 139 -20.23 -19.20 11.41
N GLY C 140 -21.17 -18.58 10.70
CA GLY C 140 -22.57 -18.58 11.11
C GLY C 140 -22.97 -17.43 12.01
N MET C 141 -22.04 -16.55 12.37
CA MET C 141 -22.34 -15.46 13.28
C MET C 141 -22.74 -14.20 12.52
N TRP C 142 -23.71 -13.48 13.08
CA TRP C 142 -24.21 -12.26 12.47
C TRP C 142 -23.17 -11.16 12.61
N THR C 143 -22.68 -10.64 11.49
CA THR C 143 -21.86 -9.45 11.46
C THR C 143 -22.51 -8.42 10.57
N VAL C 144 -22.05 -7.17 10.67
CA VAL C 144 -22.69 -6.07 9.97
C VAL C 144 -22.59 -6.24 8.47
N THR C 145 -21.54 -6.88 7.97
CA THR C 145 -21.36 -7.09 6.54
C THR C 145 -21.69 -8.51 6.10
N ALA C 146 -22.02 -9.40 7.04
CA ALA C 146 -22.51 -10.74 6.72
C ALA C 146 -23.76 -10.93 7.56
N GLN C 147 -24.90 -10.49 7.04
CA GLN C 147 -26.13 -10.42 7.82
C GLN C 147 -27.03 -11.63 7.61
N TRP C 148 -26.52 -12.67 6.96
CA TRP C 148 -27.21 -13.95 6.88
C TRP C 148 -26.41 -15.07 7.51
N GLY C 149 -25.17 -14.78 7.94
CA GLY C 149 -24.25 -15.75 8.50
C GLY C 149 -22.91 -15.62 7.80
N ASN C 150 -21.86 -15.49 8.60
CA ASN C 150 -20.51 -15.41 8.07
C ASN C 150 -20.12 -16.73 7.40
N ILE C 151 -19.60 -16.64 6.18
CA ILE C 151 -19.19 -17.82 5.43
C ILE C 151 -17.70 -17.86 5.13
N ASP C 152 -16.97 -16.79 5.39
CA ASP C 152 -15.52 -16.87 5.28
C ASP C 152 -14.99 -17.81 6.36
N ASN C 153 -13.78 -18.29 6.17
CA ASN C 153 -13.23 -19.26 7.10
C ASN C 153 -12.36 -18.54 8.13
N GLN C 154 -11.61 -19.31 8.93
CA GLN C 154 -10.90 -18.79 10.08
C GLN C 154 -9.40 -18.95 9.93
N PHE C 155 -8.66 -18.08 10.61
CA PHE C 155 -7.24 -18.26 10.87
C PHE C 155 -7.02 -18.93 12.22
N ASP C 156 -5.91 -19.63 12.32
CA ASP C 156 -5.36 -20.08 13.61
C ASP C 156 -4.04 -19.36 13.79
N PRO C 157 -4.01 -18.27 14.56
CA PRO C 157 -2.78 -17.48 14.65
C PRO C 157 -1.61 -18.26 15.19
N CYS C 158 -1.85 -19.22 16.08
CA CYS C 158 -0.75 -19.99 16.65
C CYS C 158 -0.15 -20.93 15.61
N ALA C 159 -0.99 -21.66 14.88
CA ALA C 159 -0.47 -22.56 13.84
C ALA C 159 0.19 -21.79 12.73
N LEU C 160 -0.35 -20.62 12.37
CA LEU C 160 0.22 -19.84 11.29
C LEU C 160 1.57 -19.26 11.69
N THR C 161 1.69 -18.74 12.91
CA THR C 161 2.97 -18.22 13.36
C THR C 161 3.98 -19.34 13.61
N THR C 162 3.52 -20.53 14.00
CA THR C 162 4.42 -21.66 14.11
C THR C 162 4.97 -22.06 12.75
N ALA C 163 4.12 -22.06 11.72
CA ALA C 163 4.56 -22.39 10.38
C ALA C 163 5.48 -21.33 9.82
N ALA C 164 5.32 -20.07 10.24
CA ALA C 164 6.22 -19.01 9.76
C ALA C 164 7.61 -19.11 10.38
N GLY C 165 7.71 -19.55 11.63
CA GLY C 165 9.01 -19.73 12.25
C GLY C 165 9.25 -19.01 13.55
N ALA C 166 8.20 -18.72 14.30
CA ALA C 166 8.38 -18.09 15.60
C ALA C 166 9.06 -19.04 16.57
N SER C 167 9.76 -18.47 17.55
CA SER C 167 10.53 -19.25 18.51
C SER C 167 9.80 -19.53 19.80
N PHE C 168 8.84 -18.68 20.17
CA PHE C 168 8.07 -18.88 21.39
C PHE C 168 6.62 -18.57 21.07
N VAL C 169 5.75 -19.58 21.09
CA VAL C 169 4.33 -19.41 20.85
C VAL C 169 3.58 -19.80 22.11
N ALA C 170 2.52 -19.07 22.42
CA ALA C 170 1.74 -19.34 23.62
C ALA C 170 0.35 -18.73 23.47
N ARG C 171 -0.64 -19.38 24.04
CA ARG C 171 -2.02 -18.90 24.02
C ARG C 171 -2.57 -18.88 25.43
N GLU C 172 -3.28 -17.81 25.77
CA GLU C 172 -3.97 -17.72 27.05
C GLU C 172 -5.19 -16.82 26.86
N SER C 173 -5.84 -16.46 27.96
CA SER C 173 -7.04 -15.64 27.89
C SER C 173 -7.19 -14.86 29.19
N VAL C 174 -8.21 -14.02 29.22
CA VAL C 174 -8.49 -13.14 30.34
C VAL C 174 -9.30 -13.88 31.40
N LEU C 175 -9.53 -15.17 31.18
CA LEU C 175 -10.27 -15.99 32.13
C LEU C 175 -9.38 -16.62 33.19
N ASP C 176 -8.07 -16.40 33.13
CA ASP C 176 -7.15 -16.84 34.17
C ASP C 176 -5.93 -15.92 34.10
N PRO C 177 -5.92 -14.87 34.92
CA PRO C 177 -4.80 -13.92 34.84
C PRO C 177 -3.49 -14.42 35.43
N GLN C 178 -3.52 -15.35 36.40
CA GLN C 178 -2.26 -15.86 36.95
C GLN C 178 -1.49 -16.65 35.91
N LYS C 179 -2.18 -17.54 35.18
CA LYS C 179 -1.54 -18.26 34.10
C LYS C 179 -1.10 -17.32 32.98
N LEU C 180 -1.89 -16.28 32.74
CA LEU C 180 -1.50 -15.27 31.75
C LEU C 180 -0.18 -14.62 32.14
N GLU C 181 -0.02 -14.28 33.41
CA GLU C 181 1.23 -13.65 33.84
C GLU C 181 2.39 -14.63 33.85
N LYS C 182 2.15 -15.90 34.18
CA LYS C 182 3.23 -16.88 34.09
C LYS C 182 3.71 -17.03 32.66
N VAL C 183 2.78 -17.13 31.70
CA VAL C 183 3.15 -17.23 30.30
C VAL C 183 3.89 -15.98 29.85
N LEU C 184 3.41 -14.80 30.24
CA LEU C 184 4.06 -13.56 29.85
C LEU C 184 5.47 -13.48 30.42
N LYS C 185 5.66 -13.89 31.67
CA LYS C 185 6.97 -13.80 32.29
C LYS C 185 7.94 -14.80 31.70
N GLU C 186 7.45 -15.96 31.25
CA GLU C 186 8.33 -16.91 30.58
C GLU C 186 8.66 -16.46 29.17
N GLY C 187 7.75 -15.72 28.53
CA GLY C 187 7.96 -15.30 27.16
C GLY C 187 8.76 -14.03 27.02
N PHE C 188 8.70 -13.15 28.02
CA PHE C 188 9.49 -11.92 27.99
C PHE C 188 10.98 -12.22 28.12
N SER C 189 11.33 -13.20 28.96
CA SER C 189 12.72 -13.57 29.15
C SER C 189 13.33 -14.28 27.95
N HIS C 190 12.51 -14.72 27.00
CA HIS C 190 13.01 -15.38 25.81
C HIS C 190 13.70 -14.37 24.90
N LYS C 191 14.63 -14.88 24.10
CA LYS C 191 15.48 -14.02 23.29
C LYS C 191 15.29 -14.26 21.80
N GLY C 192 14.03 -14.29 21.37
CA GLY C 192 13.67 -14.37 19.96
C GLY C 192 12.33 -13.72 19.78
N PHE C 193 11.58 -14.08 18.74
CA PHE C 193 10.26 -13.52 18.54
C PHE C 193 9.25 -14.29 19.39
N SER C 194 8.65 -13.62 20.35
CA SER C 194 7.66 -14.23 21.23
C SER C 194 6.27 -13.78 20.80
N PHE C 195 5.37 -14.73 20.58
CA PHE C 195 4.02 -14.44 20.14
C PHE C 195 3.03 -14.94 21.19
N PHE C 196 2.14 -14.05 21.62
CA PHE C 196 1.13 -14.37 22.63
C PHE C 196 -0.25 -14.13 22.02
N ASP C 197 -1.06 -15.17 21.95
CA ASP C 197 -2.43 -15.07 21.47
C ASP C 197 -3.36 -15.00 22.69
N VAL C 198 -3.98 -13.85 22.90
CA VAL C 198 -4.80 -13.61 24.08
C VAL C 198 -6.25 -13.44 23.66
N HIS C 199 -7.10 -14.35 24.09
CA HIS C 199 -8.53 -14.28 23.79
C HIS C 199 -9.19 -13.27 24.71
N SER C 200 -9.71 -12.20 24.15
CA SER C 200 -10.46 -11.21 24.91
C SER C 200 -11.95 -11.34 24.57
N ASN C 201 -12.77 -10.51 25.21
CA ASN C 201 -14.21 -10.56 25.01
C ASN C 201 -14.73 -9.23 24.53
N CYS C 202 -15.54 -9.26 23.48
CA CYS C 202 -16.24 -8.10 22.93
C CYS C 202 -17.73 -8.40 23.01
N HIS C 203 -18.32 -8.12 24.15
CA HIS C 203 -19.75 -8.35 24.36
C HIS C 203 -20.61 -7.26 23.74
N ILE C 204 -20.06 -6.07 23.53
CA ILE C 204 -20.85 -4.94 23.07
C ILE C 204 -21.10 -5.03 21.58
N ASN C 205 -20.07 -5.36 20.80
CA ASN C 205 -20.21 -5.36 19.35
C ASN C 205 -20.36 -6.75 18.75
N LEU C 206 -19.77 -7.78 19.35
CA LEU C 206 -19.93 -9.13 18.81
C LEU C 206 -21.11 -9.86 19.43
N GLY C 207 -21.08 -10.06 20.75
CA GLY C 207 -22.10 -10.87 21.38
C GLY C 207 -23.47 -10.25 21.42
N ARG C 208 -23.60 -8.97 21.08
CA ARG C 208 -24.88 -8.30 21.26
C ARG C 208 -25.92 -8.78 20.27
N LYS C 209 -25.51 -9.22 19.09
CA LYS C 209 -26.41 -9.74 18.08
C LYS C 209 -26.37 -11.25 17.99
N ASN C 210 -25.45 -11.90 18.70
CA ASN C 210 -25.40 -13.36 18.81
C ASN C 210 -25.90 -13.84 20.16
N LYS C 211 -26.62 -12.97 20.89
CA LYS C 211 -27.21 -13.30 22.18
C LYS C 211 -26.15 -13.74 23.19
N MET C 212 -25.08 -12.96 23.27
CA MET C 212 -24.10 -13.01 24.34
C MET C 212 -23.82 -11.59 24.82
N GLY C 213 -24.90 -10.82 25.01
CA GLY C 213 -24.80 -9.40 25.25
C GLY C 213 -24.25 -9.02 26.60
N GLU C 214 -24.39 -9.89 27.60
CA GLU C 214 -23.76 -9.68 28.88
C GLU C 214 -22.29 -10.10 28.81
N ALA C 215 -21.50 -9.66 29.78
CA ALA C 215 -20.10 -10.03 29.79
C ALA C 215 -19.91 -11.47 30.23
N SER C 216 -20.75 -11.94 31.15
CA SER C 216 -20.57 -13.27 31.72
C SER C 216 -21.03 -14.37 30.77
N GLN C 217 -22.04 -14.12 29.93
CA GLN C 217 -22.41 -15.11 28.93
C GLN C 217 -21.30 -15.29 27.91
N MET C 218 -20.72 -14.19 27.43
CA MET C 218 -19.57 -14.28 26.55
C MET C 218 -18.42 -15.00 27.24
N LEU C 219 -18.23 -14.75 28.53
CA LEU C 219 -17.13 -15.39 29.24
C LEU C 219 -17.33 -16.89 29.37
N LYS C 220 -18.56 -17.33 29.65
CA LYS C 220 -18.82 -18.77 29.71
C LYS C 220 -18.66 -19.44 28.35
N TRP C 221 -19.11 -18.78 27.29
CA TRP C 221 -18.89 -19.31 25.95
C TRP C 221 -17.39 -19.49 25.67
N MET C 222 -16.63 -18.43 25.92
CA MET C 222 -15.18 -18.50 25.71
C MET C 222 -14.54 -19.58 26.57
N GLU C 223 -15.03 -19.80 27.79
CA GLU C 223 -14.49 -20.87 28.61
C GLU C 223 -14.81 -22.23 28.03
N SER C 224 -16.03 -22.39 27.49
CA SER C 224 -16.37 -23.68 26.88
C SER C 224 -15.51 -23.98 25.68
N ARG C 225 -15.04 -22.94 24.98
CA ARG C 225 -14.22 -23.19 23.80
C ARG C 225 -12.78 -23.55 24.11
N LEU C 226 -12.30 -23.33 25.33
CA LEU C 226 -10.88 -23.44 25.65
C LEU C 226 -10.60 -24.64 26.53
N VAL C 227 -9.69 -25.52 26.09
CA VAL C 227 -9.21 -26.64 26.87
C VAL C 227 -7.71 -26.52 27.03
N SER C 228 -7.17 -27.24 28.00
CA SER C 228 -5.74 -27.20 28.25
C SER C 228 -4.97 -27.82 27.09
N LYS C 229 -3.65 -27.84 27.22
CA LYS C 229 -2.83 -28.35 26.12
C LYS C 229 -2.85 -29.87 26.08
N ARG C 230 -2.91 -30.52 27.25
CA ARG C 230 -2.84 -31.96 27.28
C ARG C 230 -4.22 -32.60 27.15
N GLN C 231 -5.25 -31.96 27.72
CA GLN C 231 -6.61 -32.24 27.35
C GLN C 231 -6.75 -32.34 25.84
N PHE C 232 -6.41 -31.26 25.15
CA PHE C 232 -6.48 -31.23 23.69
C PHE C 232 -5.56 -32.27 23.08
N GLU C 233 -4.40 -32.50 23.68
CA GLU C 233 -3.43 -33.37 23.04
C GLU C 233 -3.83 -34.84 23.14
N ALA C 234 -4.79 -35.15 24.01
CA ALA C 234 -5.26 -36.52 24.19
C ALA C 234 -6.56 -36.82 23.47
N MET C 235 -7.41 -35.82 23.24
CA MET C 235 -8.71 -36.05 22.63
C MET C 235 -8.55 -36.54 21.19
N SER C 236 -9.62 -37.10 20.67
CA SER C 236 -9.64 -37.63 19.31
C SER C 236 -10.03 -36.54 18.32
N PRO C 237 -9.57 -36.65 17.06
CA PRO C 237 -10.00 -35.67 16.05
C PRO C 237 -11.50 -35.63 15.86
N GLU C 238 -12.22 -36.67 16.32
CA GLU C 238 -13.66 -36.61 16.45
C GLU C 238 -14.09 -35.47 17.37
N GLU C 239 -13.24 -35.13 18.35
CA GLU C 239 -13.64 -34.33 19.50
C GLU C 239 -13.03 -32.93 19.52
N ARG C 240 -12.05 -32.64 18.65
CA ARG C 240 -11.34 -31.38 18.69
C ARG C 240 -11.98 -30.30 17.83
N VAL C 241 -13.27 -30.43 17.52
CA VAL C 241 -13.95 -29.38 16.76
C VAL C 241 -14.13 -28.16 17.66
N ASP C 242 -13.71 -27.00 17.14
CA ASP C 242 -13.68 -25.72 17.86
C ASP C 242 -13.17 -25.84 19.30
N LYS C 243 -12.02 -26.47 19.48
CA LYS C 243 -11.32 -26.48 20.75
C LYS C 243 -9.94 -25.87 20.56
N PHE C 244 -9.51 -25.08 21.53
CA PHE C 244 -8.23 -24.38 21.46
C PHE C 244 -7.36 -24.76 22.66
N PRO C 245 -6.15 -25.27 22.43
CA PRO C 245 -5.26 -25.56 23.56
C PRO C 245 -4.55 -24.33 24.06
N THR C 246 -4.42 -24.23 25.38
CA THR C 246 -3.78 -23.09 26.02
C THR C 246 -2.46 -23.49 26.68
N GLY C 247 -1.62 -22.51 26.91
CA GLY C 247 -0.33 -22.71 27.53
C GLY C 247 0.80 -22.39 26.57
N VAL C 248 2.00 -22.80 26.96
CA VAL C 248 3.16 -22.64 26.08
C VAL C 248 3.13 -23.77 25.05
N LEU C 249 3.12 -23.39 23.77
CA LEU C 249 2.97 -24.35 22.69
C LEU C 249 4.26 -24.58 21.91
N ARG C 250 5.28 -23.75 22.12
CA ARG C 250 6.56 -23.91 21.44
C ARG C 250 7.59 -23.03 22.14
N HIS C 251 8.73 -23.60 22.51
CA HIS C 251 9.80 -22.86 23.16
C HIS C 251 11.17 -23.29 22.62
N ASP C 252 11.33 -23.27 21.30
CA ASP C 252 12.61 -23.55 20.65
C ASP C 252 13.76 -22.92 21.42
N THR C 253 14.77 -23.73 21.73
CA THR C 253 15.91 -23.29 22.52
C THR C 253 17.21 -23.28 21.75
N ASP C 254 17.26 -23.91 20.57
CA ASP C 254 18.45 -23.90 19.73
C ASP C 254 18.13 -23.05 18.50
N ARG C 255 18.27 -21.74 18.67
CA ARG C 255 17.91 -20.80 17.61
C ARG C 255 18.83 -19.59 17.73
N LYS C 256 18.70 -18.69 16.78
CA LYS C 256 19.56 -17.52 16.66
C LYS C 256 18.71 -16.30 16.44
N GLU C 257 18.94 -15.25 17.22
CA GLU C 257 18.23 -13.99 17.09
C GLU C 257 18.77 -13.20 15.89
N TYR C 258 17.94 -12.31 15.35
CA TYR C 258 18.34 -11.53 14.18
C TYR C 258 19.49 -10.59 14.49
N CYS C 259 19.33 -9.73 15.50
CA CYS C 259 20.39 -8.77 15.80
C CYS C 259 21.66 -9.47 16.27
N GLU C 260 21.53 -10.63 16.90
CA GLU C 260 22.71 -11.37 17.35
C GLU C 260 23.54 -11.88 16.18
N ALA C 261 22.94 -12.02 15.00
CA ALA C 261 23.65 -12.44 13.80
C ALA C 261 24.08 -11.26 12.95
N TYR C 262 23.27 -10.19 12.91
CA TYR C 262 23.76 -8.99 12.25
C TYR C 262 24.95 -8.40 12.98
N GLN C 263 25.09 -8.67 14.28
CA GLN C 263 26.31 -8.26 14.96
C GLN C 263 27.51 -9.04 14.44
N GLU C 264 27.33 -10.29 14.07
CA GLU C 264 28.44 -11.04 13.46
C GLU C 264 28.77 -10.51 12.08
N ILE C 265 27.76 -10.16 11.29
CA ILE C 265 28.02 -9.52 10.00
C ILE C 265 28.72 -8.17 10.20
N ILE C 266 28.38 -7.46 11.27
CA ILE C 266 29.02 -6.18 11.55
C ILE C 266 30.48 -6.39 11.92
N GLU C 267 30.75 -7.40 12.74
CA GLU C 267 32.12 -7.65 13.19
C GLU C 267 33.01 -8.15 12.06
N LYS C 268 32.49 -8.95 11.15
CA LYS C 268 33.30 -9.31 10.00
C LYS C 268 33.13 -8.37 8.81
N ALA C 269 32.37 -7.29 8.97
CA ALA C 269 32.23 -6.28 7.92
C ALA C 269 33.50 -5.46 7.80
N GLN C 270 33.99 -4.92 8.92
CA GLN C 270 35.30 -4.31 8.92
C GLN C 270 36.13 -4.75 10.12
N GLY C 271 35.99 -5.99 10.58
CA GLY C 271 37.02 -6.56 11.42
C GLY C 271 38.16 -6.99 10.53
N LYS C 272 38.84 -6.00 9.93
CA LYS C 272 39.74 -6.23 8.82
C LYS C 272 39.00 -6.91 7.68
N GLN C 273 37.79 -6.43 7.38
CA GLN C 273 37.04 -6.85 6.20
C GLN C 273 36.57 -8.29 6.30
N MET D 1 -36.28 29.99 11.67
CA MET D 1 -37.15 28.89 11.24
C MET D 1 -38.30 28.73 12.21
N GLU D 2 -38.58 27.48 12.61
CA GLU D 2 -39.56 27.21 13.65
C GLU D 2 -38.89 26.64 14.90
N ALA D 3 -38.04 25.64 14.75
CA ALA D 3 -37.50 24.90 15.88
C ALA D 3 -36.08 24.45 15.61
N GLN D 4 -35.23 24.57 16.62
CA GLN D 4 -33.92 23.92 16.68
C GLN D 4 -33.89 23.08 17.95
N LEU D 5 -33.89 21.76 17.80
CA LEU D 5 -34.02 20.85 18.91
C LEU D 5 -32.71 20.13 19.14
N ARG D 6 -32.48 19.67 20.38
CA ARG D 6 -31.24 18.98 20.71
C ARG D 6 -31.49 17.91 21.76
N PHE D 7 -30.95 16.72 21.52
CA PHE D 7 -31.08 15.58 22.42
C PHE D 7 -29.69 15.07 22.77
N THR D 8 -29.28 15.22 24.02
CA THR D 8 -27.96 14.78 24.44
C THR D 8 -28.06 13.50 25.27
N GLY D 9 -26.90 12.95 25.60
CA GLY D 9 -26.86 11.69 26.30
C GLY D 9 -25.44 11.16 26.36
N VAL D 10 -25.35 9.85 26.54
CA VAL D 10 -24.09 9.13 26.67
C VAL D 10 -24.14 7.89 25.80
N GLY D 11 -23.02 7.55 25.18
CA GLY D 11 -22.95 6.42 24.28
C GLY D 11 -23.51 5.13 24.86
N GLY D 12 -24.57 4.62 24.25
CA GLY D 12 -25.18 3.39 24.69
C GLY D 12 -26.45 3.53 25.49
N GLN D 13 -27.10 4.70 25.45
CA GLN D 13 -28.30 4.92 26.22
C GLN D 13 -29.57 4.74 25.39
N GLY D 14 -29.66 5.41 24.25
CA GLY D 14 -30.80 5.29 23.37
C GLY D 14 -31.85 6.34 23.55
N VAL D 15 -31.70 7.26 24.51
CA VAL D 15 -32.67 8.33 24.65
C VAL D 15 -32.68 9.21 23.41
N LEU D 16 -31.51 9.55 22.88
CA LEU D 16 -31.42 10.48 21.77
C LEU D 16 -31.86 9.87 20.44
N LEU D 17 -32.09 8.55 20.40
CA LEU D 17 -32.54 7.90 19.17
C LEU D 17 -33.96 8.30 18.80
N ALA D 18 -34.63 9.10 19.62
CA ALA D 18 -35.98 9.57 19.36
C ALA D 18 -36.03 10.79 18.46
N GLY D 19 -34.90 11.22 17.92
CA GLY D 19 -34.88 12.43 17.13
C GLY D 19 -35.36 12.21 15.71
N GLU D 20 -34.86 11.18 15.06
CA GLU D 20 -35.17 10.98 13.64
C GLU D 20 -36.63 10.63 13.42
N ILE D 21 -37.28 10.04 14.43
CA ILE D 21 -38.73 9.83 14.36
C ILE D 21 -39.45 11.16 14.21
N LEU D 22 -39.00 12.19 14.93
CA LEU D 22 -39.62 13.50 14.85
C LEU D 22 -39.46 14.09 13.45
N ALA D 23 -38.30 13.89 12.83
CA ALA D 23 -38.09 14.37 11.47
C ALA D 23 -39.01 13.65 10.50
N GLU D 24 -39.11 12.32 10.59
CA GLU D 24 -40.07 11.61 9.76
C GLU D 24 -41.48 12.16 9.95
N ALA D 25 -41.84 12.46 11.20
CA ALA D 25 -43.19 12.91 11.49
C ALA D 25 -43.48 14.26 10.83
N LYS D 26 -42.56 15.21 10.96
CA LYS D 26 -42.79 16.51 10.32
C LYS D 26 -42.79 16.37 8.79
N ILE D 27 -42.02 15.43 8.26
CA ILE D 27 -41.99 15.24 6.81
C ILE D 27 -43.32 14.70 6.30
N VAL D 28 -43.84 13.64 6.92
CA VAL D 28 -45.11 13.08 6.44
C VAL D 28 -46.24 14.05 6.71
N SER D 29 -46.10 14.90 7.74
CA SER D 29 -47.14 15.87 8.02
C SER D 29 -47.30 16.88 6.90
N GLY D 30 -46.23 17.20 6.17
CA GLY D 30 -46.33 18.12 5.07
C GLY D 30 -45.28 19.22 5.10
N GLY D 31 -44.27 19.07 5.95
CA GLY D 31 -43.21 20.04 6.08
C GLY D 31 -41.85 19.48 5.71
N TYR D 32 -40.82 20.09 6.31
CA TYR D 32 -39.44 19.70 6.07
C TYR D 32 -38.73 19.51 7.39
N GLY D 33 -37.77 18.58 7.40
CA GLY D 33 -36.96 18.34 8.58
C GLY D 33 -35.65 17.67 8.20
N THR D 34 -34.67 17.80 9.09
CA THR D 34 -33.35 17.22 8.88
C THR D 34 -32.61 17.14 10.20
N LYS D 35 -31.74 16.16 10.32
CA LYS D 35 -31.03 15.90 11.57
C LYS D 35 -29.55 15.70 11.31
N THR D 36 -28.74 16.07 12.31
CA THR D 36 -27.31 15.81 12.33
C THR D 36 -26.92 15.39 13.73
N SER D 37 -26.01 14.44 13.83
CA SER D 37 -25.56 13.92 15.11
C SER D 37 -24.06 14.14 15.29
N THR D 38 -23.61 14.03 16.54
CA THR D 38 -22.23 14.28 16.92
C THR D 38 -21.78 13.15 17.84
N TYR D 39 -20.86 12.33 17.36
CA TYR D 39 -20.42 11.15 18.10
C TYR D 39 -18.93 11.27 18.40
N THR D 40 -18.41 10.29 19.13
CA THR D 40 -17.01 10.23 19.48
C THR D 40 -16.42 8.90 19.02
N SER D 41 -15.10 8.77 19.20
CA SER D 41 -14.42 7.51 18.92
C SER D 41 -14.65 6.46 19.99
N GLN D 42 -15.22 6.84 21.13
CA GLN D 42 -15.48 5.92 22.23
C GLN D 42 -16.84 5.26 22.04
N VAL D 43 -16.87 3.93 22.12
CA VAL D 43 -18.08 3.20 21.75
C VAL D 43 -19.16 3.38 22.80
N ARG D 44 -18.83 3.19 24.08
CA ARG D 44 -19.79 3.35 25.17
C ARG D 44 -19.22 4.27 26.24
N GLY D 45 -20.09 5.12 26.78
CA GLY D 45 -19.72 5.99 27.88
C GLY D 45 -19.34 7.40 27.50
N GLY D 46 -19.37 7.75 26.22
CA GLY D 46 -18.95 9.05 25.78
C GLY D 46 -20.13 9.95 25.46
N PRO D 47 -19.90 11.26 25.44
CA PRO D 47 -21.00 12.19 25.17
C PRO D 47 -21.43 12.11 23.71
N THR D 48 -22.74 12.13 23.48
CA THR D 48 -23.31 12.17 22.14
C THR D 48 -24.46 13.18 22.13
N LYS D 49 -24.90 13.55 20.92
CA LYS D 49 -26.04 14.44 20.78
C LYS D 49 -26.56 14.39 19.35
N VAL D 50 -27.74 14.98 19.15
CA VAL D 50 -28.31 15.19 17.83
C VAL D 50 -28.93 16.58 17.78
N ASP D 51 -28.95 17.17 16.59
CA ASP D 51 -29.67 18.40 16.32
C ASP D 51 -30.76 18.12 15.31
N ILE D 52 -31.85 18.88 15.39
CA ILE D 52 -32.99 18.68 14.50
C ILE D 52 -33.49 20.05 14.04
N LEU D 53 -33.81 20.17 12.76
CA LEU D 53 -34.26 21.41 12.17
C LEU D 53 -35.59 21.15 11.46
N LEU D 54 -36.65 21.73 12.00
CA LEU D 54 -38.00 21.54 11.47
C LEU D 54 -38.49 22.88 10.96
N ASP D 55 -39.22 22.87 9.85
CA ASP D 55 -39.63 24.12 9.23
C ASP D 55 -40.84 23.92 8.32
N LYS D 56 -41.34 25.04 7.82
CA LYS D 56 -42.43 25.14 6.87
C LYS D 56 -41.95 25.28 5.43
N ASP D 57 -40.68 25.66 5.23
CA ASP D 57 -40.05 25.82 3.93
C ASP D 57 -38.89 24.82 3.76
N GLU D 58 -38.12 25.02 2.69
CA GLU D 58 -36.94 24.19 2.44
C GLU D 58 -35.85 24.45 3.47
N ILE D 59 -35.05 23.43 3.73
CA ILE D 59 -33.90 23.51 4.63
C ILE D 59 -32.63 23.45 3.78
N ILE D 60 -31.78 24.48 3.90
CA ILE D 60 -30.57 24.55 3.09
C ILE D 60 -29.36 24.12 3.91
N PHE D 61 -29.03 24.86 4.97
CA PHE D 61 -27.89 24.53 5.81
C PHE D 61 -28.29 23.46 6.82
N PRO D 62 -27.63 22.30 6.85
CA PRO D 62 -28.08 21.21 7.71
C PRO D 62 -27.70 21.36 9.17
N TYR D 63 -26.87 22.32 9.54
CA TYR D 63 -26.33 22.39 10.88
C TYR D 63 -27.12 23.37 11.74
N ALA D 64 -27.11 23.09 13.05
CA ALA D 64 -27.78 23.96 14.01
C ALA D 64 -27.01 25.27 14.17
N LYS D 65 -27.69 26.26 14.72
CA LYS D 65 -27.19 27.63 14.69
C LYS D 65 -26.78 28.05 16.09
N GLU D 66 -25.57 28.60 16.20
CA GLU D 66 -24.90 28.81 17.48
C GLU D 66 -25.67 29.80 18.35
N GLY D 67 -25.97 29.41 19.58
CA GLY D 67 -26.49 30.33 20.57
C GLY D 67 -27.98 30.56 20.57
N GLU D 68 -28.75 29.84 19.77
CA GLU D 68 -30.21 29.86 19.87
C GLU D 68 -30.90 28.54 19.59
N ILE D 69 -30.29 27.40 19.96
CA ILE D 69 -31.06 26.17 20.08
C ILE D 69 -32.24 26.42 21.02
N ASP D 70 -33.43 25.98 20.63
CA ASP D 70 -34.61 26.26 21.44
C ASP D 70 -34.74 25.30 22.62
N PHE D 71 -34.90 24.01 22.32
CA PHE D 71 -35.21 23.00 23.32
C PHE D 71 -34.04 22.03 23.46
N MET D 72 -33.69 21.69 24.69
CA MET D 72 -32.60 20.77 24.95
C MET D 72 -33.00 19.76 26.02
N LEU D 73 -32.81 18.48 25.74
CA LEU D 73 -33.18 17.39 26.63
C LEU D 73 -31.93 16.57 26.91
N SER D 74 -31.52 16.50 28.18
CA SER D 74 -30.25 15.91 28.55
C SER D 74 -30.42 14.83 29.60
N VAL D 75 -29.68 13.73 29.45
CA VAL D 75 -29.77 12.61 30.37
C VAL D 75 -28.39 12.24 30.89
N ALA D 76 -27.47 13.21 30.93
CA ALA D 76 -26.12 12.94 31.41
C ALA D 76 -25.48 14.25 31.84
N GLN D 77 -24.36 14.12 32.54
CA GLN D 77 -23.61 15.29 33.00
C GLN D 77 -22.44 15.62 32.07
N ILE D 78 -21.75 14.60 31.55
CA ILE D 78 -20.58 14.83 30.72
C ILE D 78 -20.96 15.53 29.42
N SER D 79 -22.21 15.42 28.99
CA SER D 79 -22.67 16.09 27.77
C SER D 79 -23.49 17.33 28.05
N TYR D 80 -24.24 17.36 29.15
CA TYR D 80 -24.93 18.59 29.52
C TYR D 80 -23.92 19.67 29.88
N ASN D 81 -22.74 19.28 30.37
CA ASN D 81 -21.71 20.27 30.63
C ASN D 81 -21.04 20.72 29.35
N GLN D 82 -20.98 19.83 28.35
CA GLN D 82 -20.34 20.15 27.08
C GLN D 82 -21.20 21.10 26.25
N PHE D 83 -22.40 20.66 25.90
CA PHE D 83 -23.22 21.32 24.88
C PHE D 83 -24.22 22.29 25.47
N LYS D 84 -23.93 22.87 26.62
CA LYS D 84 -24.86 23.68 27.38
C LYS D 84 -25.04 25.09 26.84
N SER D 85 -24.04 25.64 26.15
CA SER D 85 -23.99 27.06 25.86
C SER D 85 -24.85 27.47 24.68
N ASP D 86 -25.15 26.56 23.77
CA ASP D 86 -25.79 26.91 22.50
C ASP D 86 -27.28 27.15 22.64
N ILE D 87 -27.83 27.18 23.83
CA ILE D 87 -29.25 27.41 24.03
C ILE D 87 -29.50 28.92 24.06
N LYS D 88 -30.66 29.34 23.56
CA LYS D 88 -30.99 30.75 23.66
C LYS D 88 -31.37 31.09 25.10
N GLN D 89 -31.48 32.38 25.38
CA GLN D 89 -31.91 32.80 26.71
C GLN D 89 -33.42 32.67 26.83
N GLY D 90 -33.86 31.79 27.72
CA GLY D 90 -35.28 31.52 27.88
C GLY D 90 -35.77 30.27 27.19
N GLY D 91 -34.87 29.38 26.78
CA GLY D 91 -35.27 28.14 26.17
C GLY D 91 -35.71 27.11 27.21
N ILE D 92 -36.29 26.03 26.70
CA ILE D 92 -36.79 24.95 27.55
C ILE D 92 -35.69 23.90 27.68
N VAL D 93 -35.45 23.43 28.90
CA VAL D 93 -34.53 22.33 29.16
C VAL D 93 -35.26 21.29 30.00
N VAL D 94 -34.93 20.02 29.76
CA VAL D 94 -35.56 18.89 30.45
C VAL D 94 -34.46 17.91 30.82
N ILE D 95 -34.27 17.70 32.12
CA ILE D 95 -33.21 16.81 32.61
C ILE D 95 -33.84 15.74 33.48
N ASP D 96 -33.04 14.70 33.78
CA ASP D 96 -33.37 13.75 34.82
C ASP D 96 -32.50 13.98 36.04
N PRO D 97 -33.09 14.25 37.20
CA PRO D 97 -32.29 14.73 38.34
C PRO D 97 -31.39 13.67 38.94
N ASN D 98 -31.53 12.41 38.57
CA ASN D 98 -30.67 11.37 39.10
C ASN D 98 -29.30 11.32 38.41
N LEU D 99 -29.14 12.03 37.29
CA LEU D 99 -27.91 12.01 36.53
C LEU D 99 -27.46 13.39 36.07
N VAL D 100 -28.26 14.44 36.26
CA VAL D 100 -27.89 15.80 35.91
C VAL D 100 -28.28 16.71 37.06
N THR D 101 -27.40 17.64 37.40
CA THR D 101 -27.70 18.71 38.35
C THR D 101 -27.31 20.03 37.70
N PRO D 102 -28.27 20.87 37.34
CA PRO D 102 -27.92 22.14 36.68
C PRO D 102 -27.34 23.13 37.68
N THR D 103 -26.47 24.00 37.17
CA THR D 103 -25.91 25.06 37.99
C THR D 103 -26.99 26.07 38.38
N LYS D 104 -26.60 26.98 39.28
CA LYS D 104 -27.51 28.03 39.72
C LYS D 104 -27.82 29.02 38.60
N GLU D 105 -26.83 29.30 37.75
CA GLU D 105 -26.99 30.25 36.65
C GLU D 105 -27.78 29.68 35.49
N ASP D 106 -27.70 28.36 35.27
CA ASP D 106 -28.62 27.72 34.35
C ASP D 106 -30.05 27.81 34.84
N GLU D 107 -30.27 27.71 36.14
CA GLU D 107 -31.61 27.97 36.68
C GLU D 107 -32.00 29.43 36.51
N GLU D 108 -31.04 30.35 36.59
CA GLU D 108 -31.30 31.74 36.20
C GLU D 108 -31.84 31.81 34.77
N LYS D 109 -31.18 31.12 33.85
CA LYS D 109 -31.29 31.41 32.42
C LYS D 109 -32.44 30.66 31.75
N TYR D 110 -32.49 29.33 31.87
CA TYR D 110 -33.41 28.50 31.13
C TYR D 110 -34.70 28.26 31.93
N GLN D 111 -35.51 27.32 31.45
CA GLN D 111 -36.78 26.97 32.09
C GLN D 111 -36.77 25.51 32.52
N ILE D 112 -35.71 25.08 33.21
CA ILE D 112 -35.45 23.66 33.40
C ILE D 112 -36.64 22.94 34.01
N TYR D 113 -36.97 21.78 33.45
CA TYR D 113 -37.92 20.83 34.01
C TYR D 113 -37.19 19.59 34.48
N LYS D 114 -37.78 18.87 35.42
CA LYS D 114 -37.11 17.77 36.11
C LYS D 114 -37.94 16.49 35.99
N ILE D 115 -37.58 15.62 35.07
CA ILE D 115 -38.28 14.35 34.88
C ILE D 115 -37.28 13.20 34.76
N PRO D 116 -37.29 12.22 35.66
CA PRO D 116 -36.36 11.06 35.63
C PRO D 116 -36.72 10.02 34.57
N ILE D 117 -36.24 10.25 33.36
CA ILE D 117 -36.74 9.54 32.19
C ILE D 117 -36.43 8.04 32.28
N ILE D 118 -35.21 7.69 32.69
CA ILE D 118 -34.81 6.29 32.67
C ILE D 118 -35.48 5.51 33.79
N SER D 119 -35.67 6.14 34.95
CA SER D 119 -36.43 5.51 36.02
C SER D 119 -37.86 5.27 35.59
N ILE D 120 -38.45 6.19 34.84
CA ILE D 120 -39.77 5.97 34.26
C ILE D 120 -39.74 4.79 33.29
N ALA D 121 -38.69 4.72 32.48
CA ALA D 121 -38.62 3.68 31.47
C ALA D 121 -38.49 2.29 32.09
N LYS D 122 -37.74 2.18 33.18
CA LYS D 122 -37.48 0.86 33.77
C LYS D 122 -38.50 0.48 34.83
N ASP D 123 -38.80 1.39 35.75
CA ASP D 123 -39.61 1.04 36.91
C ASP D 123 -41.08 0.88 36.54
N GLU D 124 -41.59 1.76 35.67
CA GLU D 124 -43.02 1.74 35.38
C GLU D 124 -43.34 0.88 34.16
N VAL D 125 -42.73 1.18 33.02
CA VAL D 125 -43.08 0.47 31.79
C VAL D 125 -42.57 -0.97 31.83
N GLY D 126 -41.26 -1.15 31.92
CA GLY D 126 -40.72 -2.48 32.04
C GLY D 126 -39.47 -2.78 31.25
N ASN D 127 -39.28 -2.08 30.13
CA ASN D 127 -38.09 -2.23 29.32
C ASN D 127 -37.20 -1.01 29.42
N ILE D 128 -35.88 -1.23 29.37
CA ILE D 128 -34.95 -0.13 29.37
C ILE D 128 -35.03 0.63 28.04
N ILE D 129 -35.32 -0.07 26.95
CA ILE D 129 -35.22 0.53 25.62
C ILE D 129 -36.44 1.36 25.24
N THR D 130 -37.46 1.41 26.09
CA THR D 130 -38.63 2.26 25.86
C THR D 130 -38.38 3.73 26.23
N GLN D 131 -37.16 4.03 26.70
CA GLN D 131 -36.83 5.40 27.08
C GLN D 131 -36.89 6.34 25.88
N SER D 132 -36.61 5.83 24.69
CA SER D 132 -36.69 6.66 23.50
C SER D 132 -38.12 7.12 23.26
N VAL D 133 -39.08 6.21 23.38
CA VAL D 133 -40.49 6.58 23.21
C VAL D 133 -40.94 7.53 24.31
N VAL D 134 -40.45 7.32 25.53
CA VAL D 134 -40.83 8.23 26.62
C VAL D 134 -40.31 9.64 26.35
N ALA D 135 -39.04 9.75 25.95
CA ALA D 135 -38.47 11.04 25.60
C ALA D 135 -39.23 11.68 24.44
N LEU D 136 -39.62 10.86 23.45
CA LEU D 136 -40.41 11.37 22.33
C LEU D 136 -41.73 11.95 22.82
N ALA D 137 -42.39 11.25 23.74
CA ALA D 137 -43.64 11.75 24.29
C ALA D 137 -43.47 13.11 24.94
N ILE D 138 -42.46 13.24 25.79
CA ILE D 138 -42.24 14.52 26.47
C ILE D 138 -41.85 15.61 25.47
N THR D 139 -41.05 15.26 24.46
CA THR D 139 -40.64 16.23 23.43
C THR D 139 -41.85 16.77 22.68
N VAL D 140 -42.65 15.87 22.11
CA VAL D 140 -43.84 16.29 21.39
C VAL D 140 -44.81 17.03 22.30
N GLU D 141 -44.89 16.63 23.56
CA GLU D 141 -45.89 17.21 24.46
C GLU D 141 -45.52 18.60 24.96
N LEU D 142 -44.23 18.90 25.10
CA LEU D 142 -43.83 20.23 25.54
C LEU D 142 -43.62 21.23 24.42
N THR D 143 -42.88 20.86 23.37
CA THR D 143 -42.66 21.81 22.28
C THR D 143 -43.90 21.98 21.42
N LYS D 144 -44.66 20.90 21.21
CA LYS D 144 -45.88 20.96 20.40
C LYS D 144 -45.57 21.43 18.99
N CYS D 145 -44.75 20.68 18.26
CA CYS D 145 -44.53 21.01 16.86
C CYS D 145 -45.41 20.17 15.94
N VAL D 146 -45.40 18.85 16.08
CA VAL D 146 -46.18 17.96 15.23
C VAL D 146 -47.34 17.38 16.03
N GLU D 147 -48.40 17.02 15.31
CA GLU D 147 -49.58 16.45 15.92
C GLU D 147 -49.29 15.06 16.48
N GLU D 148 -49.98 14.73 17.57
CA GLU D 148 -49.65 13.52 18.33
C GLU D 148 -50.00 12.25 17.58
N ASN D 149 -51.10 12.24 16.84
CA ASN D 149 -51.51 11.01 16.14
C ASN D 149 -50.55 10.66 15.02
N ILE D 150 -50.04 11.66 14.30
CA ILE D 150 -49.04 11.39 13.27
C ILE D 150 -47.77 10.82 13.90
N VAL D 151 -47.42 11.31 15.08
CA VAL D 151 -46.22 10.81 15.76
C VAL D 151 -46.42 9.37 16.19
N LEU D 152 -47.59 9.04 16.75
CA LEU D 152 -47.90 7.65 17.07
C LEU D 152 -47.76 6.76 15.84
N ASP D 153 -48.35 7.18 14.71
CA ASP D 153 -48.28 6.38 13.50
C ASP D 153 -46.82 6.15 13.06
N THR D 154 -46.09 7.25 12.87
CA THR D 154 -44.72 7.15 12.37
C THR D 154 -43.80 6.45 13.36
N MET D 155 -44.17 6.42 14.64
CA MET D 155 -43.39 5.62 15.57
C MET D 155 -43.71 4.14 15.41
N LEU D 156 -44.99 3.79 15.40
CA LEU D 156 -45.38 2.39 15.43
C LEU D 156 -45.22 1.70 14.09
N LYS D 157 -44.93 2.43 13.02
CA LYS D 157 -44.53 1.82 11.76
C LYS D 157 -43.04 1.50 11.71
N LYS D 158 -42.34 1.61 12.83
CA LYS D 158 -40.89 1.63 12.79
C LYS D 158 -40.23 0.66 13.78
N VAL D 159 -40.99 0.08 14.69
CA VAL D 159 -40.44 -0.84 15.67
C VAL D 159 -41.09 -2.21 15.46
N PRO D 160 -40.40 -3.30 15.76
CA PRO D 160 -40.98 -4.63 15.57
C PRO D 160 -42.32 -4.79 16.28
N ALA D 161 -43.11 -5.75 15.80
CA ALA D 161 -44.36 -6.10 16.47
C ALA D 161 -44.12 -6.76 17.83
N LYS D 162 -42.86 -6.92 18.22
CA LYS D 162 -42.54 -7.53 19.51
C LYS D 162 -43.09 -6.71 20.67
N VAL D 163 -42.87 -5.39 20.63
CA VAL D 163 -43.18 -4.51 21.74
C VAL D 163 -44.11 -3.38 21.30
N ALA D 164 -44.77 -3.57 20.15
CA ALA D 164 -45.60 -2.51 19.59
C ALA D 164 -46.77 -2.17 20.50
N ASP D 165 -47.32 -3.17 21.21
CA ASP D 165 -48.46 -2.91 22.07
C ASP D 165 -48.04 -2.21 23.36
N THR D 166 -46.86 -2.56 23.88
CA THR D 166 -46.36 -1.85 25.05
C THR D 166 -45.83 -0.47 24.68
N ASN D 167 -45.60 -0.21 23.41
CA ASN D 167 -45.06 1.08 23.00
C ASN D 167 -46.08 2.20 23.22
N LYS D 168 -47.36 1.94 22.94
CA LYS D 168 -48.39 2.89 23.33
C LYS D 168 -48.45 3.13 24.83
N LYS D 169 -48.29 2.08 25.62
CA LYS D 169 -48.34 2.25 27.07
C LYS D 169 -47.22 3.15 27.54
N ALA D 170 -46.02 2.94 26.97
CA ALA D 170 -44.89 3.82 27.24
C ALA D 170 -45.19 5.25 26.85
N PHE D 171 -45.73 5.44 25.64
CA PHE D 171 -46.04 6.79 25.16
C PHE D 171 -47.05 7.48 26.06
N GLU D 172 -48.07 6.75 26.52
CA GLU D 172 -49.07 7.34 27.40
C GLU D 172 -48.47 7.74 28.74
N ILE D 173 -47.62 6.88 29.31
CA ILE D 173 -46.95 7.23 30.57
C ILE D 173 -46.11 8.49 30.38
N GLY D 174 -45.39 8.57 29.26
CA GLY D 174 -44.60 9.75 28.96
C GLY D 174 -45.42 11.02 28.87
N LYS D 175 -46.49 10.97 28.07
CA LYS D 175 -47.37 12.13 27.93
C LYS D 175 -47.99 12.51 29.27
N LYS D 176 -48.30 11.52 30.11
CA LYS D 176 -48.90 11.79 31.41
C LYS D 176 -47.92 12.53 32.31
N HIS D 177 -46.68 12.03 32.40
CA HIS D 177 -45.68 12.72 33.20
C HIS D 177 -45.36 14.10 32.64
N ALA D 178 -45.47 14.27 31.32
CA ALA D 178 -45.21 15.57 30.72
C ALA D 178 -46.30 16.57 31.10
N LEU D 179 -47.57 16.16 30.98
CA LEU D 179 -48.66 17.01 31.42
C LEU D 179 -48.57 17.31 32.90
N GLU D 180 -48.16 16.33 33.70
CA GLU D 180 -47.95 16.49 35.14
C GLU D 180 -46.78 17.42 35.44
N ALA D 181 -45.80 17.51 34.55
CA ALA D 181 -44.65 18.37 34.76
C ALA D 181 -44.96 19.84 34.56
N LEU D 182 -46.12 20.16 34.00
CA LEU D 182 -46.58 21.55 33.94
C LEU D 182 -47.05 21.97 35.33
N LYS D 183 -46.09 22.02 36.24
CA LYS D 183 -46.37 22.25 37.65
C LYS D 183 -46.53 23.73 37.97
N VAL D 184 -45.86 24.59 37.22
CA VAL D 184 -45.86 26.03 37.47
C VAL D 184 -47.26 26.61 37.42
N THR E 6 5.85 -33.85 -39.38
CA THR E 6 6.66 -35.00 -38.98
C THR E 6 7.08 -35.82 -40.19
N PRO E 7 8.30 -35.60 -40.67
CA PRO E 7 8.78 -36.31 -41.86
C PRO E 7 8.92 -37.80 -41.60
N ASP E 8 9.09 -38.55 -42.68
CA ASP E 8 9.17 -40.00 -42.58
C ASP E 8 10.57 -40.44 -42.12
N GLY E 9 10.59 -41.50 -41.31
CA GLY E 9 11.82 -42.11 -40.87
C GLY E 9 12.56 -41.36 -39.78
N VAL E 10 12.43 -40.04 -39.71
CA VAL E 10 13.13 -39.24 -38.71
C VAL E 10 12.47 -39.48 -37.36
N ALA E 11 13.20 -40.14 -36.45
CA ALA E 11 12.69 -40.35 -35.11
C ALA E 11 12.75 -39.08 -34.28
N VAL E 12 13.70 -38.20 -34.58
CA VAL E 12 13.89 -36.96 -33.83
C VAL E 12 14.68 -35.99 -34.69
N TRP E 13 14.24 -34.73 -34.70
CA TRP E 13 14.94 -33.70 -35.45
C TRP E 13 14.93 -32.41 -34.64
N VAL E 14 15.99 -31.62 -34.80
CA VAL E 14 16.22 -30.43 -33.99
C VAL E 14 16.12 -29.20 -34.87
N ASN E 15 15.33 -28.23 -34.41
CA ASN E 15 15.19 -26.95 -35.09
C ASN E 15 16.41 -26.09 -34.75
N GLU E 16 17.31 -25.93 -35.72
CA GLU E 16 18.54 -25.20 -35.48
C GLU E 16 18.30 -23.72 -35.25
N ASP E 17 17.09 -23.21 -35.54
CA ASP E 17 16.77 -21.81 -35.39
C ASP E 17 16.16 -21.45 -34.04
N ARG E 18 15.63 -22.43 -33.31
CA ARG E 18 14.99 -22.16 -32.03
C ARG E 18 15.82 -22.60 -30.83
N CYS E 19 16.81 -23.46 -31.02
CA CYS E 19 17.60 -23.92 -29.89
C CYS E 19 18.50 -22.81 -29.39
N LYS E 20 18.84 -22.87 -28.10
CA LYS E 20 19.69 -21.87 -27.47
C LYS E 20 20.97 -22.43 -26.90
N GLY E 21 21.06 -23.74 -26.66
CA GLY E 21 22.30 -24.34 -26.21
C GLY E 21 22.43 -24.46 -24.71
N CYS E 22 21.47 -25.09 -24.05
CA CYS E 22 21.52 -25.28 -22.61
C CYS E 22 21.83 -26.72 -22.20
N ASP E 23 22.09 -27.62 -23.15
CA ASP E 23 22.57 -28.97 -22.92
C ASP E 23 21.58 -29.85 -22.16
N ILE E 24 20.35 -29.40 -21.95
CA ILE E 24 19.43 -30.15 -21.10
C ILE E 24 18.85 -31.38 -21.81
N CYS E 25 18.43 -31.25 -23.06
CA CYS E 25 17.91 -32.42 -23.78
C CYS E 25 19.00 -33.46 -23.97
N VAL E 26 20.26 -33.03 -24.00
CA VAL E 26 21.37 -33.98 -24.10
C VAL E 26 21.48 -34.79 -22.83
N SER E 27 21.36 -34.15 -21.67
CA SER E 27 21.65 -34.79 -20.40
C SER E 27 20.56 -35.75 -19.94
N VAL E 28 19.50 -35.96 -20.73
CA VAL E 28 18.37 -36.75 -20.30
C VAL E 28 18.07 -37.90 -21.26
N CYS E 29 18.82 -38.01 -22.35
CA CYS E 29 18.59 -39.10 -23.30
C CYS E 29 19.40 -40.32 -22.92
N PRO E 30 18.77 -41.50 -22.81
CA PRO E 30 19.50 -42.69 -22.37
C PRO E 30 20.10 -43.52 -23.51
N ALA E 31 20.06 -43.04 -24.75
CA ALA E 31 20.56 -43.79 -25.88
C ALA E 31 21.67 -43.07 -26.64
N GLY E 32 22.28 -42.05 -26.04
CA GLY E 32 23.42 -41.38 -26.64
C GLY E 32 23.20 -40.87 -28.06
N VAL E 33 21.94 -40.59 -28.41
CA VAL E 33 21.63 -40.16 -29.77
C VAL E 33 21.96 -38.69 -30.01
N LEU E 34 21.87 -37.85 -28.98
CA LEU E 34 22.08 -36.43 -29.13
C LEU E 34 23.53 -36.06 -28.83
N GLY E 35 23.98 -34.97 -29.46
CA GLY E 35 25.33 -34.48 -29.25
C GLY E 35 25.43 -33.03 -29.65
N MET E 36 26.23 -32.28 -28.89
CA MET E 36 26.39 -30.85 -29.09
C MET E 36 27.66 -30.58 -29.89
N GLY E 37 27.50 -29.98 -31.06
CA GLY E 37 28.65 -29.62 -31.88
C GLY E 37 28.94 -28.13 -31.83
N ILE E 38 30.03 -27.72 -32.46
CA ILE E 38 30.45 -26.33 -32.45
C ILE E 38 29.94 -25.64 -33.71
N GLU E 39 29.24 -24.51 -33.53
CA GLU E 39 28.77 -23.72 -34.66
C GLU E 39 29.05 -22.25 -34.36
N LYS E 40 29.98 -21.65 -35.10
CA LYS E 40 30.38 -20.27 -34.84
C LYS E 40 29.35 -19.25 -35.29
N GLU E 41 28.37 -19.65 -36.10
CA GLU E 41 27.41 -18.69 -36.65
C GLU E 41 26.49 -18.10 -35.59
N ARG E 42 26.38 -18.73 -34.43
CA ARG E 42 25.48 -18.29 -33.38
C ARG E 42 26.29 -17.78 -32.20
N VAL E 43 25.58 -17.18 -31.23
CA VAL E 43 26.25 -16.48 -30.14
C VAL E 43 26.87 -17.47 -29.16
N LEU E 44 26.07 -18.41 -28.65
CA LEU E 44 26.58 -19.34 -27.66
C LEU E 44 27.71 -20.20 -28.22
N GLY E 45 27.67 -20.50 -29.52
CA GLY E 45 28.69 -21.28 -30.19
C GLY E 45 28.34 -22.75 -30.34
N LYS E 46 27.64 -23.33 -29.37
CA LYS E 46 27.25 -24.72 -29.41
C LYS E 46 25.81 -24.85 -29.89
N VAL E 47 25.53 -25.94 -30.61
CA VAL E 47 24.21 -26.22 -31.16
C VAL E 47 23.99 -27.72 -31.07
N ALA E 48 22.74 -28.12 -30.82
CA ALA E 48 22.43 -29.54 -30.71
C ALA E 48 22.15 -30.15 -32.07
N LYS E 49 22.78 -31.30 -32.34
CA LYS E 49 22.56 -32.04 -33.57
C LYS E 49 22.42 -33.51 -33.23
N VAL E 50 21.52 -34.19 -33.95
CA VAL E 50 21.28 -35.61 -33.77
C VAL E 50 22.46 -36.38 -34.34
N ALA E 51 22.85 -37.46 -33.66
CA ALA E 51 24.01 -38.24 -34.05
C ALA E 51 23.68 -39.66 -34.48
N TYR E 52 22.89 -40.39 -33.70
CA TYR E 52 22.53 -41.78 -33.99
C TYR E 52 21.01 -41.94 -33.97
N PRO E 53 20.29 -41.30 -34.90
CA PRO E 53 18.82 -41.37 -34.85
C PRO E 53 18.24 -42.77 -35.01
N GLU E 54 19.08 -43.78 -35.32
CA GLU E 54 18.60 -45.14 -35.45
C GLU E 54 18.47 -45.86 -34.11
N SER E 55 19.16 -45.38 -33.08
CA SER E 55 19.06 -45.96 -31.74
C SER E 55 18.10 -45.17 -30.85
N CYS E 56 17.06 -44.59 -31.42
CA CYS E 56 16.15 -43.74 -30.66
C CYS E 56 15.14 -44.58 -29.89
N ILE E 57 14.91 -44.19 -28.64
CA ILE E 57 13.92 -44.82 -27.78
C ILE E 57 12.72 -43.89 -27.69
N GLY E 58 11.53 -44.50 -27.58
CA GLY E 58 10.29 -43.75 -27.59
C GLY E 58 10.11 -42.75 -26.47
N CYS E 59 11.01 -42.76 -25.48
CA CYS E 59 10.92 -41.81 -24.37
C CYS E 59 11.06 -40.40 -24.92
N VAL E 60 10.17 -39.50 -24.51
CA VAL E 60 10.05 -38.20 -25.12
C VAL E 60 10.75 -37.19 -24.21
N GLN E 61 11.63 -37.69 -23.34
CA GLN E 61 12.26 -36.88 -22.31
C GLN E 61 12.94 -35.63 -22.88
N CYS E 62 13.44 -35.74 -24.12
CA CYS E 62 14.09 -34.59 -24.76
C CYS E 62 13.08 -33.48 -25.02
N GLU E 63 11.95 -33.82 -25.62
CA GLU E 63 10.89 -32.86 -25.91
C GLU E 63 10.28 -32.32 -24.62
N LEU E 64 10.23 -33.15 -23.58
CA LEU E 64 9.71 -32.70 -22.29
C LEU E 64 10.72 -31.86 -21.52
N HIS E 65 12.00 -31.90 -21.90
CA HIS E 65 13.03 -31.09 -21.26
C HIS E 65 13.54 -29.97 -22.16
N CYS E 66 12.73 -29.52 -23.11
CA CYS E 66 13.15 -28.46 -24.02
C CYS E 66 12.44 -27.17 -23.67
N PRO E 67 13.12 -26.19 -23.05
CA PRO E 67 12.46 -24.92 -22.71
C PRO E 67 12.32 -23.94 -23.86
N ASP E 68 12.70 -24.31 -25.08
CA ASP E 68 12.70 -23.36 -26.19
C ASP E 68 11.97 -23.85 -27.42
N PHE E 69 11.26 -24.98 -27.33
CA PHE E 69 10.47 -25.53 -28.44
C PHE E 69 11.33 -25.77 -29.68
N ALA E 70 12.34 -26.61 -29.53
CA ALA E 70 13.26 -26.87 -30.63
C ALA E 70 13.30 -28.32 -31.08
N ILE E 71 13.40 -29.28 -30.18
CA ILE E 71 13.59 -30.68 -30.53
C ILE E 71 12.23 -31.36 -30.60
N TYR E 72 12.03 -32.18 -31.63
CA TYR E 72 10.76 -32.85 -31.86
C TYR E 72 10.97 -34.36 -31.99
N VAL E 73 9.94 -35.12 -31.66
CA VAL E 73 9.98 -36.56 -31.72
C VAL E 73 8.70 -37.07 -32.39
N ALA E 74 8.86 -38.02 -33.30
CA ALA E 74 7.73 -38.59 -34.01
C ALA E 74 6.84 -39.38 -33.06
N ASP E 75 5.62 -39.64 -33.50
CA ASP E 75 4.61 -40.30 -32.68
C ASP E 75 4.71 -41.81 -32.83
N ARG E 76 4.38 -42.52 -31.75
CA ARG E 76 4.45 -43.98 -31.76
C ARG E 76 3.49 -44.58 -32.77
N LYS E 77 2.41 -43.87 -33.10
CA LYS E 77 1.38 -44.43 -33.99
C LYS E 77 1.88 -44.57 -35.41
N ASP E 78 2.85 -43.75 -35.82
CA ASP E 78 3.35 -43.75 -37.19
C ASP E 78 4.87 -43.91 -37.24
N PHE E 79 5.44 -44.70 -36.33
CA PHE E 79 6.87 -44.95 -36.34
C PHE E 79 7.18 -46.20 -35.53
N LYS E 80 8.32 -46.81 -35.85
CA LYS E 80 8.84 -47.97 -35.12
C LYS E 80 10.18 -47.57 -34.51
N PHE E 81 10.23 -47.48 -33.18
CA PHE E 81 11.45 -47.09 -32.50
C PHE E 81 12.33 -48.31 -32.21
N ALA E 82 13.56 -48.04 -31.81
CA ALA E 82 14.54 -49.07 -31.57
C ALA E 82 14.31 -49.75 -30.22
N LYS E 83 15.24 -50.62 -29.85
CA LYS E 83 15.18 -51.33 -28.58
C LYS E 83 16.33 -50.89 -27.67
N VAL E 84 16.23 -51.27 -26.41
CA VAL E 84 17.22 -50.89 -25.41
C VAL E 84 18.44 -51.80 -25.53
N SER E 85 19.61 -51.23 -25.25
CA SER E 85 20.86 -51.97 -25.34
C SER E 85 21.87 -51.34 -24.39
N LYS E 86 22.81 -52.17 -23.93
CA LYS E 86 23.86 -51.68 -23.04
C LYS E 86 24.92 -50.86 -23.76
N GLU E 87 25.15 -51.12 -25.05
CA GLU E 87 26.06 -50.27 -25.81
C GLU E 87 25.51 -48.85 -25.92
N ALA E 88 24.20 -48.72 -26.07
CA ALA E 88 23.59 -47.39 -26.14
C ALA E 88 23.72 -46.65 -24.81
N GLN E 89 23.51 -47.34 -23.69
CA GLN E 89 23.65 -46.68 -22.39
C GLN E 89 25.09 -46.28 -22.13
N GLU E 90 26.04 -47.16 -22.51
CA GLU E 90 27.45 -46.81 -22.40
C GLU E 90 27.77 -45.58 -23.25
N ARG E 91 27.22 -45.51 -24.46
CA ARG E 91 27.44 -44.35 -25.32
C ARG E 91 26.86 -43.09 -24.70
N SER E 92 25.68 -43.19 -24.09
CA SER E 92 25.10 -42.04 -23.41
C SER E 92 25.99 -41.56 -22.27
N GLU E 93 26.57 -42.49 -21.51
CA GLU E 93 27.47 -42.10 -20.44
C GLU E 93 28.73 -41.44 -20.98
N LYS E 94 29.28 -41.99 -22.07
CA LYS E 94 30.49 -41.40 -22.65
C LYS E 94 30.20 -40.02 -23.26
N VAL E 95 28.96 -39.78 -23.68
CA VAL E 95 28.58 -38.46 -24.16
C VAL E 95 28.44 -37.50 -22.99
N LYS E 96 27.80 -37.94 -21.90
CA LYS E 96 27.63 -37.10 -20.73
C LYS E 96 28.98 -36.68 -20.15
N ALA E 97 29.94 -37.60 -20.07
CA ALA E 97 31.24 -37.20 -19.53
C ALA E 97 32.05 -36.35 -20.50
N ASN E 98 31.45 -35.90 -21.59
CA ASN E 98 32.14 -35.19 -22.66
C ASN E 98 31.60 -33.77 -22.78
N LYS E 99 31.27 -33.16 -21.64
CA LYS E 99 30.75 -31.78 -21.59
C LYS E 99 29.50 -31.63 -22.45
N TYR E 100 28.70 -32.70 -22.52
CA TYR E 100 27.49 -32.77 -23.34
C TYR E 100 27.75 -32.49 -24.81
N MET E 101 29.02 -32.51 -25.22
CA MET E 101 29.40 -32.45 -26.63
C MET E 101 29.47 -33.87 -27.19
N LEU E 102 29.51 -33.95 -28.52
CA LEU E 102 29.66 -35.25 -29.16
C LEU E 102 31.14 -35.65 -29.19
N LEU E 103 31.40 -36.94 -29.06
CA LEU E 103 32.77 -37.44 -28.92
C LEU E 103 33.58 -37.17 -30.18
N GLU E 104 34.90 -37.14 -29.99
CA GLU E 104 35.82 -37.03 -31.12
C GLU E 104 35.67 -38.23 -32.05
N GLU E 105 35.40 -39.40 -31.48
CA GLU E 105 35.20 -40.62 -32.27
C GLU E 105 33.94 -40.53 -33.12
N THR E 106 32.97 -39.72 -32.71
CA THR E 106 31.66 -39.68 -33.33
C THR E 106 31.71 -39.07 -34.73
N ILE E 107 32.78 -38.33 -35.02
CA ILE E 107 32.90 -37.62 -36.30
C ILE E 107 33.29 -38.53 -37.45
N LEU E 108 33.42 -39.84 -37.22
CA LEU E 108 33.91 -40.75 -38.26
C LEU E 108 33.03 -40.73 -39.51
N GLU E 109 31.75 -40.39 -39.37
CA GLU E 109 30.87 -40.25 -40.52
C GLU E 109 30.24 -38.85 -40.58
N GLY E 110 30.57 -37.97 -39.63
CA GLY E 110 29.87 -36.72 -39.54
C GLY E 110 28.56 -36.80 -38.79
N ARG E 111 28.49 -37.64 -37.76
CA ARG E 111 27.30 -37.82 -36.96
C ARG E 111 26.98 -36.56 -36.16
N MET F 1 39.97 19.94 -1.31
CA MET F 1 38.91 19.67 -2.28
C MET F 1 39.21 18.39 -3.03
N ARG F 2 38.80 17.26 -2.46
CA ARG F 2 39.08 15.95 -3.01
C ARG F 2 38.20 15.69 -4.22
N GLU F 3 38.77 15.06 -5.25
CA GLU F 3 38.07 14.75 -6.49
C GLU F 3 38.19 13.26 -6.79
N ILE F 4 37.08 12.67 -7.24
CA ILE F 4 36.93 11.24 -7.34
C ILE F 4 36.33 10.90 -8.70
N ILE F 5 36.03 9.62 -8.90
CA ILE F 5 35.43 9.10 -10.13
C ILE F 5 34.29 8.18 -9.72
N SER F 6 33.05 8.62 -9.93
CA SER F 6 31.90 7.80 -9.61
C SER F 6 30.69 8.36 -10.33
N ASP F 7 29.54 7.73 -10.13
CA ASP F 7 28.28 8.16 -10.73
C ASP F 7 27.33 8.66 -9.64
N GLY F 8 26.10 8.95 -10.05
CA GLY F 8 25.18 9.63 -9.16
C GLY F 8 24.83 8.83 -7.91
N ASN F 9 24.64 7.52 -8.05
CA ASN F 9 24.23 6.73 -6.90
C ASN F 9 25.36 6.53 -5.90
N GLU F 10 26.59 6.33 -6.39
CA GLU F 10 27.73 6.27 -5.48
C GLU F 10 27.92 7.58 -4.73
N LEU F 11 27.64 8.70 -5.38
CA LEU F 11 27.81 9.99 -4.72
C LEU F 11 26.70 10.23 -3.70
N VAL F 12 25.47 9.85 -4.03
CA VAL F 12 24.38 9.96 -3.06
C VAL F 12 24.70 9.12 -1.83
N ALA F 13 25.21 7.90 -2.03
CA ALA F 13 25.53 7.04 -0.90
C ALA F 13 26.70 7.59 -0.08
N LYS F 14 27.74 8.09 -0.75
CA LYS F 14 28.87 8.64 -0.03
C LYS F 14 28.47 9.86 0.78
N ALA F 15 27.64 10.74 0.22
CA ALA F 15 27.20 11.91 0.96
C ALA F 15 26.33 11.52 2.13
N ALA F 16 25.47 10.51 1.95
CA ALA F 16 24.63 10.05 3.04
C ALA F 16 25.48 9.49 4.19
N ILE F 17 26.51 8.71 3.86
CA ILE F 17 27.36 8.14 4.90
C ILE F 17 28.18 9.23 5.59
N GLU F 18 28.70 10.18 4.82
CA GLU F 18 29.59 11.18 5.39
C GLU F 18 28.86 12.22 6.21
N VAL F 19 27.59 12.51 5.90
CA VAL F 19 26.85 13.45 6.74
C VAL F 19 26.36 12.79 8.02
N GLY F 20 26.27 11.46 8.06
CA GLY F 20 26.01 10.80 9.32
C GLY F 20 24.82 9.86 9.35
N CYS F 21 24.37 9.39 8.19
CA CYS F 21 23.29 8.43 8.15
C CYS F 21 23.77 7.08 8.66
N ARG F 22 22.98 6.46 9.54
CA ARG F 22 23.36 5.19 10.14
C ARG F 22 22.23 4.16 10.07
N PHE F 23 21.30 4.30 9.14
CA PHE F 23 20.22 3.34 9.00
C PHE F 23 19.62 3.47 7.61
N PHE F 24 19.23 2.34 7.03
CA PHE F 24 18.62 2.32 5.71
C PHE F 24 17.67 1.13 5.62
N GLY F 25 16.46 1.38 5.16
CA GLY F 25 15.52 0.31 4.86
C GLY F 25 14.96 0.46 3.46
N GLY F 26 14.83 -0.62 2.71
CA GLY F 26 14.35 -0.48 1.35
C GLY F 26 13.84 -1.78 0.78
N TYR F 27 13.34 -1.69 -0.44
CA TYR F 27 12.89 -2.81 -1.25
C TYR F 27 13.38 -2.63 -2.67
N PRO F 28 13.92 -3.68 -3.30
CA PRO F 28 14.65 -3.49 -4.56
C PRO F 28 13.72 -3.18 -5.73
N ILE F 29 14.15 -2.22 -6.55
CA ILE F 29 13.42 -1.85 -7.76
C ILE F 29 14.35 -1.03 -8.64
N THR F 30 14.31 -1.27 -9.93
CA THR F 30 15.15 -0.45 -10.79
C THR F 30 14.41 0.82 -11.20
N PRO F 31 15.10 1.95 -11.37
CA PRO F 31 16.55 2.15 -11.34
C PRO F 31 17.12 2.65 -10.01
N SER F 32 16.40 2.46 -8.91
CA SER F 32 16.84 2.97 -7.60
C SER F 32 17.47 1.89 -6.74
N SER F 33 18.17 0.94 -7.34
CA SER F 33 18.75 -0.16 -6.59
C SER F 33 20.22 0.06 -6.26
N ASP F 34 20.95 0.84 -7.07
CA ASP F 34 22.37 1.01 -6.83
C ASP F 34 22.65 1.69 -5.50
N ILE F 35 21.73 2.53 -5.03
CA ILE F 35 21.91 3.15 -3.73
C ILE F 35 21.79 2.12 -2.62
N MET F 36 20.89 1.16 -2.77
CA MET F 36 20.78 0.10 -1.77
C MET F 36 21.99 -0.83 -1.81
N HIS F 37 22.47 -1.17 -3.01
CA HIS F 37 23.66 -2.00 -3.13
C HIS F 37 24.89 -1.29 -2.59
N ALA F 38 24.91 0.05 -2.61
CA ALA F 38 26.04 0.76 -2.03
C ALA F 38 25.93 0.85 -0.51
N MET F 39 24.74 1.19 -0.01
CA MET F 39 24.56 1.33 1.41
C MET F 39 24.73 0.00 2.13
N SER F 40 24.41 -1.12 1.49
CA SER F 40 24.52 -2.41 2.16
C SER F 40 25.96 -2.80 2.46
N VAL F 41 26.94 -2.22 1.75
CA VAL F 41 28.34 -2.50 2.05
C VAL F 41 28.91 -1.35 2.87
N ALA F 42 28.38 -0.14 2.67
CA ALA F 42 28.95 1.01 3.37
C ALA F 42 28.47 1.15 4.80
N LEU F 43 27.29 0.64 5.14
CA LEU F 43 26.74 0.84 6.48
C LEU F 43 27.33 -0.10 7.52
N PRO F 44 27.52 -1.39 7.24
CA PRO F 44 28.13 -2.24 8.28
C PRO F 44 29.55 -1.86 8.65
N LYS F 45 30.29 -1.23 7.74
CA LYS F 45 31.68 -0.88 8.03
C LYS F 45 31.76 0.22 9.07
N CYS F 46 30.78 1.12 9.09
CA CYS F 46 30.75 2.23 10.04
C CYS F 46 29.90 1.93 11.25
N GLY F 47 29.33 0.74 11.33
CA GLY F 47 28.52 0.36 12.47
C GLY F 47 27.04 0.64 12.34
N GLY F 48 26.56 0.96 11.15
CA GLY F 48 25.16 1.19 10.95
C GLY F 48 24.40 -0.10 10.68
N HIS F 49 23.10 0.05 10.44
CA HIS F 49 22.24 -1.08 10.14
C HIS F 49 21.63 -0.90 8.78
N PHE F 50 21.71 -1.94 7.95
CA PHE F 50 20.99 -2.01 6.69
C PHE F 50 20.06 -3.21 6.76
N ILE F 51 18.80 -3.00 6.37
CA ILE F 51 17.83 -4.09 6.37
C ILE F 51 16.99 -4.00 5.10
N GLN F 52 16.79 -5.13 4.44
CA GLN F 52 15.94 -5.23 3.27
C GLN F 52 14.64 -5.89 3.68
N MET F 53 13.54 -5.17 3.50
CA MET F 53 12.25 -5.60 4.01
C MET F 53 11.46 -6.30 2.92
N GLU F 54 10.19 -6.57 3.19
CA GLU F 54 9.36 -7.35 2.29
C GLU F 54 8.55 -6.50 1.31
N ASP F 55 8.46 -5.20 1.53
CA ASP F 55 7.82 -4.30 0.57
C ASP F 55 8.32 -2.90 0.83
N GLU F 56 7.67 -1.91 0.21
CA GLU F 56 8.09 -0.52 0.38
C GLU F 56 7.47 0.10 1.63
N ILE F 57 6.27 -0.35 2.00
CA ILE F 57 5.63 0.12 3.21
C ILE F 57 6.50 -0.17 4.42
N SER F 58 6.98 -1.41 4.54
CA SER F 58 7.88 -1.76 5.63
C SER F 58 9.20 -1.01 5.49
N GLY F 59 9.67 -0.83 4.26
CA GLY F 59 10.92 -0.12 4.04
C GLY F 59 10.89 1.29 4.63
N ILE F 60 9.80 2.01 4.44
CA ILE F 60 9.74 3.35 5.02
C ILE F 60 9.35 3.30 6.49
N SER F 61 8.60 2.28 6.92
CA SER F 61 8.17 2.23 8.32
C SER F 61 9.35 1.97 9.25
N VAL F 62 10.27 1.07 8.88
CA VAL F 62 11.39 0.80 9.76
C VAL F 62 12.33 2.01 9.83
N SER F 63 12.48 2.74 8.73
CA SER F 63 13.30 3.95 8.76
C SER F 63 12.67 5.03 9.62
N LEU F 64 11.35 5.19 9.53
CA LEU F 64 10.66 6.13 10.40
C LEU F 64 10.80 5.73 11.86
N GLY F 65 10.70 4.44 12.15
CA GLY F 65 10.84 3.99 13.52
C GLY F 65 12.25 4.12 14.06
N ALA F 66 13.25 4.01 13.20
CA ALA F 66 14.62 4.17 13.65
C ALA F 66 14.99 5.63 13.85
N SER F 67 14.45 6.52 13.02
CA SER F 67 14.72 7.94 13.24
C SER F 67 13.79 8.57 14.27
N MET F 68 12.72 7.87 14.66
CA MET F 68 11.93 8.32 15.80
C MET F 68 12.73 8.28 17.09
N SER F 69 13.64 7.32 17.21
CA SER F 69 14.41 7.10 18.42
C SER F 69 15.68 7.93 18.49
N GLY F 70 16.03 8.64 17.43
CA GLY F 70 17.17 9.54 17.48
C GLY F 70 18.34 9.13 16.61
N THR F 71 18.08 8.41 15.53
CA THR F 71 19.11 7.95 14.61
C THR F 71 18.86 8.52 13.23
N LYS F 72 19.89 9.07 12.60
CA LYS F 72 19.73 9.64 11.27
C LYS F 72 19.62 8.53 10.23
N SER F 73 18.54 8.54 9.45
CA SER F 73 18.25 7.46 8.53
C SER F 73 17.66 8.01 7.24
N MET F 74 17.55 7.14 6.24
CA MET F 74 17.03 7.50 4.92
C MET F 74 16.39 6.29 4.29
N THR F 75 15.81 6.50 3.11
CA THR F 75 15.27 5.42 2.29
C THR F 75 15.29 5.88 0.84
N ALA F 76 15.00 4.96 -0.07
CA ALA F 76 15.10 5.24 -1.49
C ALA F 76 14.19 4.31 -2.27
N SER F 77 13.61 4.82 -3.35
CA SER F 77 12.79 4.01 -4.24
C SER F 77 12.63 4.76 -5.57
N SER F 78 11.69 4.29 -6.39
CA SER F 78 11.52 4.84 -7.74
C SER F 78 10.12 4.56 -8.23
N GLY F 79 9.34 5.61 -8.44
CA GLY F 79 8.05 5.50 -9.08
C GLY F 79 7.05 4.60 -8.37
N PRO F 80 6.80 3.43 -8.95
CA PRO F 80 5.88 2.48 -8.32
C PRO F 80 6.20 2.16 -6.88
N GLY F 81 7.42 2.44 -6.43
CA GLY F 81 7.74 2.28 -5.03
C GLY F 81 7.31 3.46 -4.19
N ILE F 82 7.54 4.68 -4.69
CA ILE F 82 7.12 5.87 -3.96
C ILE F 82 5.60 5.93 -3.86
N SER F 83 4.90 5.37 -4.84
CA SER F 83 3.44 5.35 -4.77
C SER F 83 2.92 4.54 -3.59
N LEU F 84 3.76 3.75 -2.94
CA LEU F 84 3.34 2.90 -1.85
C LEU F 84 3.70 3.44 -0.48
N LYS F 85 4.50 4.50 -0.40
CA LYS F 85 4.92 5.07 0.87
C LYS F 85 4.13 6.32 1.27
N VAL F 86 3.11 6.71 0.51
CA VAL F 86 2.45 7.99 0.74
C VAL F 86 1.51 7.98 1.92
N GLU F 87 1.26 6.82 2.52
CA GLU F 87 0.48 6.81 3.75
C GLU F 87 1.37 7.08 4.96
N GLN F 88 2.64 6.69 4.90
CA GLN F 88 3.60 6.93 5.96
C GLN F 88 4.30 8.27 5.82
N ILE F 89 4.34 8.82 4.60
CA ILE F 89 4.89 10.17 4.43
C ILE F 89 4.03 11.18 5.19
N GLY F 90 2.72 10.97 5.23
CA GLY F 90 1.86 11.84 6.00
C GLY F 90 2.07 11.70 7.49
N TYR F 91 2.35 10.47 7.93
CA TYR F 91 2.68 10.25 9.34
C TYR F 91 3.97 10.94 9.72
N SER F 92 4.95 10.93 8.82
CA SER F 92 6.20 11.65 9.05
C SER F 92 5.99 13.15 9.08
N PHE F 93 5.12 13.66 8.20
CA PHE F 93 4.84 15.10 8.19
C PHE F 93 4.09 15.55 9.43
N MET F 94 3.13 14.77 9.91
CA MET F 94 2.30 15.18 11.05
C MET F 94 2.99 14.95 12.39
N ALA F 95 3.75 13.87 12.53
CA ALA F 95 4.47 13.62 13.76
C ALA F 95 5.84 14.29 13.81
N GLU F 96 6.27 14.92 12.72
CA GLU F 96 7.53 15.67 12.64
C GLU F 96 8.72 14.77 12.91
N ILE F 97 8.89 13.78 12.04
CA ILE F 97 9.98 12.82 12.10
C ILE F 97 10.89 13.09 10.90
N PRO F 98 12.17 13.42 11.12
CA PRO F 98 13.04 13.72 9.99
C PRO F 98 13.34 12.47 9.18
N LEU F 99 13.15 12.57 7.86
CA LEU F 99 13.50 11.46 6.96
C LEU F 99 13.81 12.05 5.60
N VAL F 100 14.74 11.42 4.89
CA VAL F 100 15.13 11.82 3.55
C VAL F 100 14.80 10.68 2.60
N ILE F 101 14.03 10.98 1.56
CA ILE F 101 13.54 9.99 0.62
C ILE F 101 14.11 10.32 -0.74
N ALA F 102 14.90 9.41 -1.31
CA ALA F 102 15.49 9.61 -2.61
C ALA F 102 14.66 8.90 -3.66
N ASP F 103 14.21 9.66 -4.67
CA ASP F 103 13.33 9.13 -5.72
C ASP F 103 14.04 9.28 -7.06
N VAL F 104 14.31 8.15 -7.71
CA VAL F 104 15.00 8.13 -8.99
C VAL F 104 13.97 7.91 -10.08
N MET F 105 13.74 8.92 -10.91
CA MET F 105 12.58 8.95 -11.79
C MET F 105 12.77 8.06 -13.01
N ARG F 106 11.67 7.43 -13.44
CA ARG F 106 11.61 6.65 -14.66
C ARG F 106 10.28 6.92 -15.35
N SER F 107 10.08 6.33 -16.52
CA SER F 107 8.94 6.67 -17.36
C SER F 107 7.65 6.11 -16.76
N GLY F 108 6.66 6.99 -16.58
CA GLY F 108 5.40 6.62 -16.00
C GLY F 108 4.24 6.87 -16.96
N PRO F 109 3.02 6.46 -16.60
CA PRO F 109 2.34 5.89 -15.42
C PRO F 109 2.81 4.48 -15.11
N SER F 110 1.96 3.64 -14.54
CA SER F 110 2.36 2.32 -14.06
C SER F 110 3.22 1.60 -15.09
N THR F 111 3.90 0.54 -14.68
CA THR F 111 5.30 0.31 -15.03
C THR F 111 5.76 1.02 -16.30
N GLY F 112 5.00 0.94 -17.37
CA GLY F 112 5.33 1.75 -18.52
C GLY F 112 6.61 1.30 -19.19
N MET F 113 7.64 2.15 -19.11
CA MET F 113 8.96 1.85 -19.69
C MET F 113 9.97 1.84 -18.56
N PRO F 114 10.17 0.71 -17.88
CA PRO F 114 10.99 0.70 -16.67
C PRO F 114 12.46 0.95 -16.90
N THR F 115 12.90 1.24 -18.12
CA THR F 115 14.30 1.48 -18.41
C THR F 115 14.56 2.86 -19.01
N ARG F 116 13.60 3.76 -18.91
CA ARG F 116 13.64 5.05 -19.57
C ARG F 116 13.61 6.17 -18.55
N VAL F 117 13.89 7.39 -19.02
CA VAL F 117 14.05 8.56 -18.15
C VAL F 117 12.81 9.44 -18.28
N ALA F 118 12.47 10.12 -17.20
CA ALA F 118 11.29 10.98 -17.19
C ALA F 118 11.43 12.00 -16.06
N GLN F 119 10.53 12.98 -16.08
CA GLN F 119 10.39 13.99 -15.03
C GLN F 119 8.94 14.12 -14.62
N GLY F 120 8.28 13.00 -14.38
CA GLY F 120 6.85 12.97 -14.18
C GLY F 120 6.35 12.98 -12.75
N ASP F 121 7.24 12.94 -11.76
CA ASP F 121 6.85 12.92 -10.36
C ASP F 121 6.86 14.30 -9.72
N VAL F 122 6.87 15.36 -10.52
CA VAL F 122 6.93 16.71 -9.96
C VAL F 122 5.59 17.09 -9.34
N ASN F 123 4.52 17.05 -10.13
CA ASN F 123 3.21 17.38 -9.61
C ASN F 123 2.70 16.31 -8.65
N PHE F 124 3.20 15.09 -8.76
CA PHE F 124 2.83 14.06 -7.79
C PHE F 124 3.42 14.36 -6.42
N LEU F 125 4.69 14.76 -6.38
CA LEU F 125 5.37 15.06 -5.13
C LEU F 125 5.12 16.47 -4.65
N LYS F 126 4.39 17.29 -5.41
CA LYS F 126 3.93 18.56 -4.87
C LYS F 126 2.93 18.36 -3.75
N HIS F 127 2.12 17.32 -3.83
CA HIS F 127 1.06 17.04 -2.88
C HIS F 127 0.68 15.57 -2.97
N PRO F 128 1.45 14.66 -2.39
CA PRO F 128 1.19 13.23 -2.58
C PRO F 128 0.22 12.62 -1.60
N ILE F 129 0.03 13.25 -0.46
CA ILE F 129 -0.76 12.69 0.62
C ILE F 129 -2.14 13.33 0.63
N HIS F 130 -3.07 12.70 1.34
CA HIS F 130 -4.37 13.31 1.57
C HIS F 130 -4.24 14.38 2.67
N GLY F 131 -5.34 15.09 2.90
CA GLY F 131 -5.22 16.19 3.83
C GLY F 131 -4.33 17.28 3.26
N ASP F 132 -3.89 18.17 4.13
CA ASP F 132 -3.02 19.27 3.73
C ASP F 132 -1.56 18.88 3.90
N PHE F 133 -0.70 19.49 3.09
CA PHE F 133 0.70 19.08 3.03
C PHE F 133 1.52 20.22 2.46
N LYS F 134 2.77 20.31 2.91
CA LYS F 134 3.71 21.33 2.46
C LYS F 134 5.02 20.63 2.11
N ALA F 135 5.34 20.58 0.82
CA ALA F 135 6.44 19.76 0.34
C ALA F 135 7.76 20.50 0.42
N VAL F 136 8.84 19.72 0.46
CA VAL F 136 10.20 20.20 0.26
C VAL F 136 10.87 19.19 -0.65
N ALA F 137 11.41 19.66 -1.77
CA ALA F 137 11.96 18.75 -2.78
C ALA F 137 13.12 19.42 -3.49
N LEU F 138 14.23 18.71 -3.61
CA LEU F 138 15.42 19.19 -4.26
C LEU F 138 15.66 18.42 -5.55
N ALA F 139 16.27 19.09 -6.52
CA ALA F 139 16.48 18.51 -7.85
C ALA F 139 17.94 18.66 -8.26
N PRO F 140 18.76 17.65 -8.04
CA PRO F 140 20.15 17.70 -8.51
C PRO F 140 20.21 17.77 -10.03
N ALA F 141 21.29 18.37 -10.54
CA ALA F 141 21.40 18.61 -11.97
C ALA F 141 22.76 18.29 -12.55
N SER F 142 23.65 17.67 -11.78
CA SER F 142 25.00 17.33 -12.25
C SER F 142 25.58 16.33 -11.26
N LEU F 143 26.87 16.06 -11.38
CA LEU F 143 27.53 15.14 -10.48
C LEU F 143 28.08 15.84 -9.23
N GLU F 144 28.50 17.10 -9.34
CA GLU F 144 28.90 17.83 -8.15
C GLU F 144 27.73 18.05 -7.22
N GLU F 145 26.52 18.16 -7.78
CA GLU F 145 25.33 18.44 -6.99
C GLU F 145 24.70 17.19 -6.39
N ALA F 146 24.95 16.02 -6.97
CA ALA F 146 24.43 14.79 -6.37
C ALA F 146 24.93 14.62 -4.94
N TYR F 147 26.07 15.21 -4.61
CA TYR F 147 26.68 15.16 -3.29
C TYR F 147 26.20 16.28 -2.37
N THR F 148 26.32 17.53 -2.84
CA THR F 148 25.99 18.67 -1.99
C THR F 148 24.49 18.80 -1.79
N GLU F 149 23.68 18.44 -2.79
CA GLU F 149 22.23 18.46 -2.57
C GLU F 149 21.80 17.41 -1.58
N THR F 150 22.55 16.31 -1.46
CA THR F 150 22.20 15.31 -0.46
C THR F 150 22.59 15.75 0.94
N VAL F 151 23.76 16.40 1.06
CA VAL F 151 24.11 17.03 2.33
C VAL F 151 23.04 18.05 2.73
N ARG F 152 22.61 18.88 1.78
CA ARG F 152 21.58 19.88 2.06
C ARG F 152 20.26 19.23 2.44
N ALA F 153 19.90 18.12 1.79
CA ALA F 153 18.67 17.43 2.14
C ALA F 153 18.70 16.94 3.58
N PHE F 154 19.83 16.37 4.00
CA PHE F 154 19.94 15.92 5.38
C PHE F 154 19.88 17.10 6.36
N ASN F 155 20.57 18.20 6.02
CA ASN F 155 20.54 19.37 6.88
C ASN F 155 19.14 19.95 7.01
N LEU F 156 18.40 20.01 5.90
CA LEU F 156 17.05 20.56 5.95
C LEU F 156 16.09 19.65 6.70
N ALA F 157 16.24 18.34 6.54
CA ALA F 157 15.40 17.42 7.31
C ALA F 157 15.66 17.53 8.79
N GLU F 158 16.91 17.78 9.20
CA GLU F 158 17.19 17.93 10.62
C GLU F 158 16.81 19.31 11.14
N MET F 159 16.82 20.33 10.28
CA MET F 159 16.52 21.68 10.72
C MET F 159 15.03 21.94 10.77
N LEU F 160 14.26 21.33 9.87
CA LEU F 160 12.82 21.55 9.79
C LEU F 160 12.01 20.43 10.41
N MET F 161 12.60 19.26 10.64
CA MET F 161 11.89 18.13 11.25
C MET F 161 10.72 17.68 10.36
N THR F 162 11.04 17.31 9.13
CA THR F 162 10.03 17.05 8.11
C THR F 162 10.63 16.13 7.07
N PRO F 163 9.79 15.42 6.30
CA PRO F 163 10.32 14.56 5.22
C PRO F 163 10.71 15.38 4.00
N VAL F 164 11.98 15.25 3.59
CA VAL F 164 12.51 15.96 2.44
C VAL F 164 12.72 14.96 1.32
N PHE F 165 12.26 15.30 0.12
CA PHE F 165 12.48 14.46 -1.06
C PHE F 165 13.73 14.92 -1.79
N LEU F 166 14.38 13.96 -2.44
CA LEU F 166 15.54 14.22 -3.28
C LEU F 166 15.22 13.69 -4.66
N LEU F 167 14.93 14.60 -5.61
CA LEU F 167 14.36 14.23 -6.90
C LEU F 167 15.48 13.93 -7.90
N MET F 168 16.09 12.77 -7.73
CA MET F 168 17.12 12.34 -8.66
C MET F 168 16.49 11.83 -9.95
N ASP F 169 17.33 11.68 -10.96
CA ASP F 169 16.89 11.23 -12.27
C ASP F 169 17.78 10.08 -12.73
N GLU F 170 17.25 9.29 -13.67
CA GLU F 170 18.02 8.15 -14.17
C GLU F 170 19.24 8.61 -14.94
N THR F 171 19.15 9.73 -15.64
CA THR F 171 20.30 10.26 -16.37
C THR F 171 21.46 10.53 -15.43
N VAL F 172 21.26 11.45 -14.47
CA VAL F 172 22.29 11.75 -13.50
C VAL F 172 22.58 10.55 -12.62
N GLY F 173 21.58 9.69 -12.41
CA GLY F 173 21.78 8.53 -11.56
C GLY F 173 22.79 7.55 -12.12
N HIS F 174 22.76 7.35 -13.44
CA HIS F 174 23.67 6.40 -14.07
C HIS F 174 24.85 7.07 -14.77
N MET F 175 24.85 8.39 -14.91
CA MET F 175 25.94 9.07 -15.61
C MET F 175 27.22 8.98 -14.79
N TYR F 176 28.31 8.64 -15.46
CA TYR F 176 29.58 8.31 -14.83
C TYR F 176 30.64 9.28 -15.31
N GLY F 177 31.52 9.71 -14.40
CA GLY F 177 32.57 10.62 -14.81
C GLY F 177 33.33 11.16 -13.63
N LYS F 178 34.04 12.27 -13.86
CA LYS F 178 34.86 12.90 -12.85
C LYS F 178 34.04 13.91 -12.04
N VAL F 179 34.33 13.99 -10.75
CA VAL F 179 33.57 14.84 -9.83
C VAL F 179 34.56 15.59 -8.94
N GLN F 180 34.13 16.76 -8.47
CA GLN F 180 34.82 17.50 -7.42
C GLN F 180 33.87 17.68 -6.24
N ILE F 181 34.33 17.32 -5.05
CA ILE F 181 33.48 17.38 -3.86
C ILE F 181 34.24 18.11 -2.75
N PRO F 182 33.55 18.68 -1.76
CA PRO F 182 34.23 19.50 -0.76
C PRO F 182 35.18 18.69 0.11
N ASP F 183 35.77 19.38 1.07
CA ASP F 183 36.65 18.73 2.03
C ASP F 183 35.82 17.95 3.05
N LEU F 184 36.31 16.76 3.42
CA LEU F 184 35.58 15.96 4.39
C LEU F 184 35.45 16.70 5.71
N GLU F 185 36.53 17.32 6.16
CA GLU F 185 36.50 18.04 7.42
C GLU F 185 35.57 19.24 7.33
N GLU F 186 35.53 19.86 6.15
CA GLU F 186 34.64 21.00 5.93
C GLU F 186 33.18 20.56 5.80
N VAL F 187 32.94 19.33 5.33
CA VAL F 187 31.59 18.76 5.38
C VAL F 187 31.20 18.47 6.82
N GLN F 188 32.15 18.04 7.63
CA GLN F 188 31.83 17.74 9.03
C GLN F 188 31.58 19.00 9.84
N LYS F 189 32.17 20.12 9.45
CA LYS F 189 31.90 21.36 10.17
C LYS F 189 30.48 21.86 9.93
N MET F 190 30.00 21.76 8.70
CA MET F 190 28.72 22.34 8.30
C MET F 190 27.52 21.47 8.67
N THR F 191 27.71 20.34 9.35
CA THR F 191 26.60 19.44 9.61
C THR F 191 25.68 20.03 10.68
N ILE F 192 24.38 19.88 10.46
CA ILE F 192 23.35 20.39 11.36
C ILE F 192 22.61 19.19 11.93
N ASN F 193 22.76 18.97 13.23
CA ASN F 193 21.99 17.96 13.94
C ASN F 193 20.73 18.57 14.53
N ARG F 194 19.75 17.72 14.79
CA ARG F 194 18.55 18.18 15.46
C ARG F 194 18.89 18.57 16.89
N LYS F 195 18.06 19.42 17.47
CA LYS F 195 18.32 19.92 18.81
C LYS F 195 17.51 19.15 19.83
N GLU F 196 18.10 19.00 21.01
CA GLU F 196 17.48 18.27 22.10
C GLU F 196 17.48 19.14 23.35
N PHE F 197 16.42 19.02 24.13
CA PHE F 197 16.25 19.80 25.36
C PHE F 197 16.71 18.97 26.53
N VAL F 198 17.62 19.52 27.34
CA VAL F 198 18.21 18.74 28.42
C VAL F 198 17.58 19.08 29.78
N GLY F 199 17.78 20.29 30.28
CA GLY F 199 17.29 20.66 31.59
C GLY F 199 17.66 19.68 32.69
N ASP F 200 17.12 19.88 33.89
CA ASP F 200 16.94 18.73 34.78
C ASP F 200 15.49 18.29 34.58
N LYS F 201 14.55 19.13 35.02
CA LYS F 201 13.52 19.66 34.15
C LYS F 201 13.20 18.70 33.00
N LYS F 202 12.57 17.56 33.29
CA LYS F 202 12.14 16.66 32.23
C LYS F 202 11.42 17.43 31.12
N ASP F 203 11.44 16.85 29.90
CA ASP F 203 11.01 17.52 28.68
C ASP F 203 9.74 18.34 28.88
N TYR F 204 8.65 17.65 29.25
CA TYR F 204 7.38 18.25 29.63
C TYR F 204 6.69 18.93 28.45
N LYS F 205 7.39 19.07 27.31
CA LYS F 205 6.87 19.89 26.23
C LYS F 205 7.58 19.61 24.91
N PRO F 206 7.44 18.43 24.31
CA PRO F 206 8.06 18.24 23.00
C PRO F 206 7.43 19.06 21.90
N TYR F 207 6.10 19.20 21.91
CA TYR F 207 5.39 19.88 20.84
C TYR F 207 4.88 21.26 21.25
N GLY F 208 5.28 21.76 22.42
CA GLY F 208 4.91 23.07 22.86
C GLY F 208 5.91 24.13 22.47
N VAL F 209 5.99 24.45 21.17
CA VAL F 209 6.95 25.42 20.66
C VAL F 209 6.20 26.61 20.06
N ALA F 210 6.93 27.63 19.62
CA ALA F 210 6.32 28.80 19.03
C ALA F 210 5.71 28.46 17.68
N GLN F 211 5.07 29.45 17.07
CA GLN F 211 4.27 29.21 15.87
C GLN F 211 5.07 29.28 14.58
N ASP F 212 6.40 29.33 14.65
CA ASP F 212 7.21 29.39 13.44
C ASP F 212 8.45 28.53 13.56
N GLU F 213 8.40 27.47 14.35
CA GLU F 213 9.58 26.65 14.57
C GLU F 213 9.15 25.22 14.85
N PRO F 214 10.01 24.23 14.56
CA PRO F 214 9.63 22.83 14.75
C PRO F 214 9.66 22.37 16.21
N ALA F 215 9.38 21.09 16.43
CA ALA F 215 9.35 20.54 17.77
C ALA F 215 10.72 20.00 18.17
N VAL F 216 10.88 19.75 19.47
CA VAL F 216 12.10 19.19 20.03
C VAL F 216 11.78 17.77 20.49
N LEU F 217 12.38 16.79 19.84
CA LEU F 217 12.10 15.38 20.12
C LEU F 217 13.38 14.75 20.64
N ASN F 218 13.45 14.56 21.95
CA ASN F 218 14.60 13.93 22.57
C ASN F 218 14.64 12.44 22.24
N PRO F 219 15.82 11.83 22.27
CA PRO F 219 15.92 10.41 21.98
C PRO F 219 15.16 9.56 22.98
N PHE F 220 14.84 8.33 22.55
CA PHE F 220 14.15 7.40 23.42
C PHE F 220 15.11 6.83 24.46
N PHE F 221 14.53 6.25 25.51
CA PHE F 221 15.28 5.49 26.51
C PHE F 221 16.31 6.36 27.23
N LYS F 222 15.90 7.57 27.63
CA LYS F 222 16.83 8.47 28.30
C LYS F 222 16.21 9.21 29.48
N GLY F 223 14.96 8.91 29.84
CA GLY F 223 14.31 9.54 30.97
C GLY F 223 13.18 10.47 30.57
N TYR F 224 13.26 11.04 29.37
CA TYR F 224 12.20 11.90 28.86
C TYR F 224 11.17 11.03 28.17
N ARG F 225 9.99 10.93 28.76
CA ARG F 225 8.94 10.04 28.29
C ARG F 225 7.82 10.86 27.68
N TYR F 226 7.43 10.51 26.47
CA TYR F 226 6.39 11.24 25.77
C TYR F 226 5.68 10.29 24.81
N HIS F 227 4.60 10.78 24.22
CA HIS F 227 3.76 10.00 23.31
C HIS F 227 3.97 10.48 21.88
N VAL F 228 4.03 9.53 20.95
CA VAL F 228 4.16 9.84 19.52
C VAL F 228 2.97 9.22 18.81
N SER F 229 2.16 10.07 18.17
CA SER F 229 0.98 9.60 17.45
C SER F 229 0.84 10.41 16.16
N GLY F 230 -0.06 9.96 15.31
CA GLY F 230 -0.33 10.60 14.04
C GLY F 230 -1.59 11.42 13.99
N LEU F 231 -2.29 11.59 15.10
CA LEU F 231 -3.50 12.38 15.18
C LEU F 231 -3.17 13.81 15.62
N HIS F 232 -4.17 14.69 15.53
CA HIS F 232 -4.00 16.05 16.02
C HIS F 232 -3.73 16.02 17.51
N HIS F 233 -2.52 16.38 17.90
CA HIS F 233 -2.04 16.22 19.27
C HIS F 233 -1.84 17.57 19.94
N GLY F 234 -1.55 17.51 21.24
CA GLY F 234 -1.31 18.69 22.03
C GLY F 234 0.15 18.85 22.36
N PRO F 235 0.45 19.57 23.43
CA PRO F 235 1.85 19.87 23.75
C PRO F 235 2.72 18.65 24.00
N ILE F 236 2.25 17.68 24.79
CA ILE F 236 3.09 16.52 25.09
C ILE F 236 2.91 15.40 24.06
N GLY F 237 1.74 15.29 23.44
CA GLY F 237 1.60 14.35 22.36
C GLY F 237 0.31 13.56 22.36
N PHE F 238 -0.56 13.82 23.33
CA PHE F 238 -1.80 13.06 23.42
C PHE F 238 -2.86 13.67 22.51
N PRO F 239 -3.61 12.84 21.78
CA PRO F 239 -4.50 13.36 20.74
C PRO F 239 -5.58 14.27 21.30
N THR F 240 -6.13 15.09 20.41
CA THR F 240 -7.22 15.97 20.76
C THR F 240 -8.02 16.26 19.51
N GLU F 241 -9.24 16.75 19.70
CA GLU F 241 -10.08 17.20 18.61
C GLU F 241 -10.55 18.63 18.85
N ASP F 242 -9.76 19.41 19.58
CA ASP F 242 -10.06 20.82 19.78
C ASP F 242 -9.85 21.59 18.48
N ALA F 243 -10.63 22.65 18.31
CA ALA F 243 -10.51 23.46 17.10
C ALA F 243 -9.29 24.37 17.15
N LYS F 244 -9.06 25.02 18.29
CA LYS F 244 -7.91 25.91 18.45
C LYS F 244 -6.61 25.16 18.18
N ILE F 245 -6.39 24.08 18.91
CA ILE F 245 -5.14 23.33 18.79
C ILE F 245 -5.02 22.71 17.40
N GLY F 246 -6.10 22.11 16.91
CA GLY F 246 -6.04 21.47 15.60
C GLY F 246 -5.81 22.44 14.46
N GLY F 247 -6.18 23.70 14.64
CA GLY F 247 -5.93 24.71 13.63
C GLY F 247 -4.53 25.29 13.74
N ASP F 248 -4.11 25.60 14.96
CA ASP F 248 -2.79 26.16 15.16
C ASP F 248 -1.70 25.15 14.82
N LEU F 249 -2.00 23.85 14.96
CA LEU F 249 -1.02 22.83 14.60
C LEU F 249 -0.70 22.88 13.12
N ILE F 250 -1.72 22.92 12.27
CA ILE F 250 -1.45 22.95 10.84
C ILE F 250 -0.91 24.31 10.42
N ASP F 251 -1.34 25.39 11.09
CA ASP F 251 -0.74 26.69 10.79
C ASP F 251 0.74 26.70 11.09
N ARG F 252 1.16 26.04 12.17
CA ARG F 252 2.59 25.98 12.49
C ARG F 252 3.33 25.07 11.54
N LEU F 253 2.73 23.93 11.17
CA LEU F 253 3.36 23.04 10.21
C LEU F 253 3.60 23.73 8.87
N PHE F 254 2.76 24.70 8.52
CA PHE F 254 2.98 25.47 7.30
C PHE F 254 3.97 26.61 7.51
N HIS F 255 3.84 27.34 8.62
CA HIS F 255 4.62 28.54 8.86
C HIS F 255 6.07 28.25 9.22
N LYS F 256 6.36 27.07 9.76
CA LYS F 256 7.74 26.74 10.06
C LYS F 256 8.55 26.48 8.81
N ILE F 257 7.90 26.27 7.67
CA ILE F 257 8.57 26.06 6.40
C ILE F 257 8.49 27.30 5.52
N GLU F 258 7.35 27.99 5.50
CA GLU F 258 7.23 29.16 4.65
C GLU F 258 7.80 30.42 5.28
N SER F 259 8.37 30.34 6.48
CA SER F 259 9.09 31.46 7.05
C SER F 259 10.59 31.35 6.87
N LYS F 260 11.11 30.14 6.68
CA LYS F 260 12.51 29.92 6.36
C LYS F 260 12.77 29.96 4.86
N GLN F 261 11.94 30.68 4.12
CA GLN F 261 11.95 30.61 2.67
C GLN F 261 13.25 31.13 2.08
N ASP F 262 13.94 32.02 2.79
CA ASP F 262 15.18 32.56 2.27
C ASP F 262 16.34 31.59 2.43
N ILE F 263 16.29 30.70 3.40
CA ILE F 263 17.32 29.68 3.54
C ILE F 263 16.96 28.42 2.75
N ILE F 264 15.67 28.14 2.57
CA ILE F 264 15.27 26.88 1.97
C ILE F 264 15.60 26.84 0.49
N ASN F 265 15.01 27.72 -0.31
CA ASN F 265 15.15 27.61 -1.75
C ASN F 265 16.31 28.45 -2.25
N GLU F 266 17.25 27.79 -2.91
CA GLU F 266 18.24 28.41 -3.76
C GLU F 266 17.78 28.28 -5.20
N ASN F 267 18.52 28.94 -6.09
CA ASN F 267 18.24 28.85 -7.52
C ASN F 267 19.37 29.54 -8.26
N GLU F 268 19.58 29.10 -9.50
CA GLU F 268 20.72 29.53 -10.29
C GLU F 268 20.24 30.39 -11.45
N GLU F 269 20.83 31.57 -11.60
CA GLU F 269 20.49 32.51 -12.65
C GLU F 269 21.75 32.88 -13.41
N MET F 270 21.70 32.79 -14.73
CA MET F 270 22.86 33.13 -15.54
C MET F 270 22.41 33.85 -16.80
N ASP F 271 23.21 34.85 -17.22
CA ASP F 271 22.95 35.61 -18.43
C ASP F 271 21.60 36.29 -18.43
N LEU F 272 21.14 36.75 -17.26
CA LEU F 272 19.88 37.48 -17.18
C LEU F 272 20.14 38.98 -17.35
N GLU F 273 21.25 39.30 -18.00
CA GLU F 273 21.76 40.67 -18.11
C GLU F 273 21.44 41.19 -19.50
N GLY F 274 20.27 41.80 -19.66
CA GLY F 274 19.87 42.31 -20.95
C GLY F 274 19.49 41.27 -21.96
N ALA F 275 19.14 40.06 -21.51
CA ALA F 275 18.71 39.02 -22.42
C ALA F 275 17.36 39.35 -23.04
N GLU F 276 17.03 38.64 -24.12
CA GLU F 276 15.73 38.75 -24.76
C GLU F 276 14.80 37.61 -24.42
N ILE F 277 15.33 36.39 -24.30
CA ILE F 277 14.54 35.20 -24.02
C ILE F 277 15.06 34.58 -22.73
N VAL F 278 14.18 33.91 -22.00
CA VAL F 278 14.54 33.17 -20.80
C VAL F 278 14.04 31.74 -20.95
N ILE F 279 14.85 30.77 -20.50
CA ILE F 279 14.64 29.36 -20.82
C ILE F 279 14.43 28.54 -19.55
N ILE F 280 13.61 29.03 -18.63
CA ILE F 280 13.38 28.36 -17.35
C ILE F 280 13.27 26.85 -17.55
N ALA F 281 14.05 26.08 -16.81
CA ALA F 281 14.14 24.63 -16.90
C ALA F 281 14.97 24.13 -15.74
N TYR F 282 14.58 22.98 -15.20
CA TYR F 282 15.19 22.42 -14.00
C TYR F 282 15.72 21.02 -14.30
N GLY F 283 16.18 20.34 -13.26
CA GLY F 283 16.54 18.94 -13.35
C GLY F 283 17.74 18.70 -14.24
N SER F 284 17.66 17.58 -14.97
CA SER F 284 18.75 17.18 -15.85
C SER F 284 18.57 17.67 -17.28
N VAL F 285 17.45 18.32 -17.60
CA VAL F 285 17.36 19.04 -18.86
C VAL F 285 18.25 20.27 -18.82
N SER F 286 18.67 20.66 -17.61
CA SER F 286 19.63 21.74 -17.48
C SER F 286 20.95 21.42 -18.18
N LEU F 287 21.31 20.14 -18.24
CA LEU F 287 22.52 19.75 -18.93
C LEU F 287 22.44 20.05 -20.42
N ALA F 288 21.27 19.83 -21.03
CA ALA F 288 21.11 20.15 -22.43
C ALA F 288 20.97 21.65 -22.65
N VAL F 289 20.31 22.35 -21.72
CA VAL F 289 20.12 23.78 -21.88
C VAL F 289 21.46 24.51 -21.81
N LYS F 290 22.32 24.09 -20.88
CA LYS F 290 23.59 24.78 -20.72
C LYS F 290 24.52 24.59 -21.90
N GLU F 291 24.27 23.60 -22.76
CA GLU F 291 25.07 23.41 -23.96
C GLU F 291 24.43 24.03 -25.19
N ALA F 292 23.10 24.01 -25.27
CA ALA F 292 22.42 24.78 -26.29
C ALA F 292 22.76 26.25 -26.17
N LEU F 293 22.75 26.78 -24.95
CA LEU F 293 23.15 28.17 -24.72
C LEU F 293 24.64 28.41 -24.91
N LYS F 294 25.43 27.35 -25.05
CA LYS F 294 26.85 27.48 -25.33
C LYS F 294 27.16 27.46 -26.81
N ASP F 295 26.36 26.73 -27.60
CA ASP F 295 26.51 26.70 -29.06
C ASP F 295 25.76 27.83 -29.77
N TYR F 296 24.52 28.11 -29.36
CA TYR F 296 23.68 29.06 -30.07
C TYR F 296 24.25 30.47 -30.08
N HIS F 297 25.13 30.79 -29.12
CA HIS F 297 25.66 32.15 -29.03
C HIS F 297 26.76 32.45 -30.03
N LYS F 298 27.35 31.43 -30.66
CA LYS F 298 28.54 31.64 -31.48
C LYS F 298 28.22 31.81 -32.96
N GLU F 299 26.95 31.73 -33.34
CA GLU F 299 26.56 32.09 -34.70
C GLU F 299 25.41 33.09 -34.71
N SER F 300 24.73 33.29 -33.59
CA SER F 300 23.49 34.05 -33.57
C SER F 300 23.59 35.26 -32.65
N LYS F 301 22.45 35.92 -32.46
CA LYS F 301 22.32 37.15 -31.70
C LYS F 301 21.25 37.03 -30.63
N GLN F 302 20.78 38.15 -30.07
CA GLN F 302 19.64 38.19 -29.17
C GLN F 302 19.88 37.29 -27.95
N LYS F 303 20.80 37.75 -27.11
CA LYS F 303 21.25 37.05 -25.92
C LYS F 303 20.09 36.34 -25.21
N VAL F 304 20.32 35.10 -24.81
CA VAL F 304 19.31 34.27 -24.18
C VAL F 304 19.70 34.06 -22.73
N GLY F 305 18.71 34.11 -21.84
CA GLY F 305 18.95 33.92 -20.42
C GLY F 305 18.60 32.52 -19.95
N PHE F 306 18.73 32.33 -18.64
CA PHE F 306 18.48 31.03 -18.04
C PHE F 306 18.26 31.22 -16.54
N PHE F 307 17.16 30.67 -16.03
CA PHE F 307 16.82 30.72 -14.62
C PHE F 307 16.48 29.31 -14.20
N ARG F 308 17.35 28.68 -13.41
CA ARG F 308 17.16 27.30 -13.01
C ARG F 308 16.90 27.23 -11.50
N PRO F 309 15.73 26.77 -11.06
CA PRO F 309 15.54 26.54 -9.63
C PRO F 309 16.33 25.32 -9.18
N LYS F 310 16.94 25.45 -8.00
CA LYS F 310 17.63 24.33 -7.37
C LYS F 310 16.76 23.62 -6.34
N THR F 311 15.79 24.33 -5.77
CA THR F 311 14.77 23.75 -4.89
C THR F 311 13.44 23.93 -5.58
N LEU F 312 12.82 22.81 -5.98
CA LEU F 312 11.54 22.89 -6.70
C LEU F 312 10.44 23.39 -5.79
N TRP F 313 10.15 22.66 -4.72
CA TRP F 313 9.12 23.03 -3.78
C TRP F 313 9.76 23.36 -2.44
N PRO F 314 9.38 24.45 -1.78
CA PRO F 314 8.41 25.46 -2.26
C PRO F 314 9.01 26.38 -3.32
N SER F 315 8.21 26.78 -4.29
CA SER F 315 8.74 27.44 -5.48
C SER F 315 9.13 28.88 -5.18
N PRO F 316 10.12 29.40 -5.91
CA PRO F 316 10.49 30.82 -5.78
C PRO F 316 9.51 31.73 -6.51
N ALA F 317 8.34 31.92 -5.91
CA ALA F 317 7.27 32.63 -6.61
C ALA F 317 7.62 34.09 -6.86
N LYS F 318 8.33 34.72 -5.93
CA LYS F 318 8.60 36.15 -6.06
C LYS F 318 9.62 36.43 -7.16
N ARG F 319 10.67 35.62 -7.24
CA ARG F 319 11.65 35.80 -8.29
C ARG F 319 11.07 35.46 -9.66
N LEU F 320 10.21 34.45 -9.74
CA LEU F 320 9.52 34.16 -10.98
C LEU F 320 8.63 35.33 -11.39
N LYS F 321 7.90 35.91 -10.44
CA LYS F 321 7.07 37.06 -10.74
C LYS F 321 7.91 38.22 -11.30
N GLU F 322 9.05 38.50 -10.66
CA GLU F 322 9.89 39.60 -11.14
C GLU F 322 10.43 39.32 -12.53
N ILE F 323 10.92 38.11 -12.78
CA ILE F 323 11.46 37.78 -14.10
C ILE F 323 10.37 37.88 -15.15
N GLY F 324 9.16 37.43 -14.83
CA GLY F 324 8.08 37.49 -15.79
C GLY F 324 7.63 38.90 -16.08
N ASP F 325 7.67 39.77 -15.07
CA ASP F 325 7.33 41.18 -15.30
C ASP F 325 8.41 41.90 -16.08
N LYS F 326 9.66 41.44 -15.99
CA LYS F 326 10.75 42.16 -16.65
C LYS F 326 10.87 41.80 -18.12
N TYR F 327 10.84 40.52 -18.46
CA TYR F 327 11.14 40.04 -19.81
C TYR F 327 9.85 39.65 -20.53
N GLU F 328 9.91 39.69 -21.86
CA GLU F 328 8.72 39.54 -22.67
C GLU F 328 8.55 38.14 -23.26
N LYS F 329 9.62 37.40 -23.50
CA LYS F 329 9.53 36.05 -24.04
C LYS F 329 10.14 35.07 -23.05
N ILE F 330 9.36 34.08 -22.65
CA ILE F 330 9.78 33.03 -21.73
C ILE F 330 9.58 31.69 -22.44
N LEU F 331 10.34 30.68 -22.03
CA LEU F 331 10.23 29.35 -22.61
C LEU F 331 10.50 28.32 -21.53
N VAL F 332 9.54 27.43 -21.30
CA VAL F 332 9.66 26.38 -20.30
C VAL F 332 9.92 25.06 -21.00
N ILE F 333 10.97 24.35 -20.59
CA ILE F 333 11.35 23.08 -21.19
C ILE F 333 11.23 22.00 -20.12
N GLU F 334 10.61 20.88 -20.47
CA GLU F 334 10.37 19.82 -19.51
C GLU F 334 10.39 18.47 -20.20
N LEU F 335 10.33 17.42 -19.40
CA LEU F 335 10.23 16.04 -19.86
C LEU F 335 8.92 15.42 -19.42
N ASN F 336 7.85 16.19 -19.52
CA ASN F 336 6.51 15.72 -19.20
C ASN F 336 5.52 16.50 -20.05
N LYS F 337 4.24 16.43 -19.69
CA LYS F 337 3.16 17.08 -20.42
C LYS F 337 2.75 18.40 -19.80
N GLY F 338 3.69 19.16 -19.24
CA GLY F 338 3.36 20.43 -18.61
C GLY F 338 3.02 20.33 -17.14
N GLN F 339 3.95 19.84 -16.33
CA GLN F 339 3.73 19.70 -14.90
C GLN F 339 4.18 20.93 -14.12
N TYR F 340 5.45 21.31 -14.22
CA TYR F 340 5.92 22.51 -13.53
C TYR F 340 5.58 23.78 -14.29
N LEU F 341 4.94 23.67 -15.45
CA LEU F 341 4.53 24.86 -16.18
C LEU F 341 3.37 25.56 -15.49
N GLU F 342 2.53 24.81 -14.78
CA GLU F 342 1.37 25.42 -14.13
C GLU F 342 1.78 26.37 -13.01
N GLU F 343 2.84 26.03 -12.27
CA GLU F 343 3.31 26.93 -11.22
C GLU F 343 3.95 28.18 -11.81
N ILE F 344 4.72 28.01 -12.89
CA ILE F 344 5.33 29.16 -13.54
C ILE F 344 4.28 30.06 -14.16
N GLU F 345 3.11 29.51 -14.50
CA GLU F 345 2.05 30.33 -15.07
C GLU F 345 1.09 30.92 -14.02
N ARG F 346 0.95 30.29 -12.86
CA ARG F 346 0.17 30.94 -11.81
C ARG F 346 0.97 32.05 -11.14
N ALA F 347 2.26 31.83 -10.91
CA ALA F 347 3.15 32.97 -10.77
C ALA F 347 3.28 33.64 -12.13
N MET F 348 3.73 34.89 -12.13
CA MET F 348 3.90 35.67 -13.35
C MET F 348 2.57 36.08 -13.95
N GLN F 349 1.47 35.48 -13.47
CA GLN F 349 0.10 35.77 -13.91
C GLN F 349 0.03 36.02 -15.41
N ARG F 350 0.45 35.02 -16.18
CA ARG F 350 0.70 35.25 -17.59
C ARG F 350 0.96 33.92 -18.28
N LYS F 351 0.61 33.85 -19.56
CA LYS F 351 0.83 32.67 -20.39
C LYS F 351 2.20 32.73 -21.05
N VAL F 352 2.90 31.60 -21.07
CA VAL F 352 4.25 31.51 -21.60
C VAL F 352 4.31 30.36 -22.60
N HIS F 353 5.49 30.18 -23.20
CA HIS F 353 5.71 29.11 -24.16
C HIS F 353 6.13 27.83 -23.45
N PHE F 354 5.99 26.70 -24.14
CA PHE F 354 6.26 25.40 -23.57
C PHE F 354 6.85 24.48 -24.63
N PHE F 355 7.73 23.58 -24.18
CA PHE F 355 8.38 22.60 -25.06
C PHE F 355 8.54 21.32 -24.24
N GLY F 356 7.60 20.39 -24.39
CA GLY F 356 7.61 19.17 -23.63
C GLY F 356 7.78 17.92 -24.47
N GLN F 357 8.15 16.80 -23.83
CA GLN F 357 8.38 15.55 -24.55
C GLN F 357 8.26 14.40 -23.56
N ALA F 358 7.24 13.57 -23.72
CA ALA F 358 6.98 12.49 -22.77
C ALA F 358 7.00 11.12 -23.41
N ASN F 359 8.02 10.82 -24.22
CA ASN F 359 8.11 9.55 -24.92
C ASN F 359 9.27 8.68 -24.43
N GLY F 360 9.94 9.07 -23.35
CA GLY F 360 11.01 8.26 -22.80
C GLY F 360 12.41 8.66 -23.23
N ARG F 361 12.56 9.72 -24.01
CA ARG F 361 13.84 10.16 -24.52
C ARG F 361 14.14 11.57 -24.01
N THR F 362 15.38 12.02 -24.23
CA THR F 362 15.83 13.31 -23.76
C THR F 362 15.67 14.36 -24.86
N ILE F 363 16.20 15.57 -24.64
CA ILE F 363 15.82 16.72 -25.45
C ILE F 363 16.88 17.07 -26.49
N SER F 364 18.16 16.79 -26.21
CA SER F 364 19.16 16.87 -27.27
C SER F 364 19.34 18.27 -27.85
N PRO F 365 20.22 19.10 -27.25
CA PRO F 365 20.24 20.55 -27.54
C PRO F 365 20.16 20.98 -29.00
N LYS F 366 20.21 20.03 -29.93
CA LYS F 366 19.76 20.32 -31.29
C LYS F 366 18.35 20.86 -31.27
N GLN F 367 17.43 20.15 -30.60
CA GLN F 367 16.02 20.53 -30.58
C GLN F 367 15.81 21.87 -29.90
N ILE F 368 16.63 22.20 -28.90
CA ILE F 368 16.43 23.44 -28.16
C ILE F 368 16.79 24.64 -29.03
N ILE F 369 17.91 24.58 -29.74
CA ILE F 369 18.25 25.64 -30.69
C ILE F 369 17.21 25.69 -31.80
N ALA F 370 16.65 24.55 -32.19
CA ALA F 370 15.64 24.57 -33.23
C ALA F 370 14.33 25.19 -32.74
N LYS F 371 14.08 25.14 -31.43
CA LYS F 371 12.89 25.76 -30.87
C LYS F 371 13.10 27.23 -30.53
N LEU F 372 14.33 27.67 -30.27
CA LEU F 372 14.58 29.09 -30.03
C LEU F 372 14.41 29.91 -31.29
N LYS F 373 14.29 29.27 -32.45
CA LYS F 373 13.99 30.00 -33.68
C LYS F 373 12.52 30.39 -33.71
N GLU F 374 11.65 29.50 -33.20
CA GLU F 374 10.22 29.75 -33.10
C GLU F 374 9.62 30.09 -34.46
N MET G 1 -0.23 -30.15 -26.32
CA MET G 1 -0.34 -31.45 -25.69
C MET G 1 0.74 -32.39 -26.16
N ALA G 2 1.26 -32.12 -27.34
CA ALA G 2 2.16 -33.04 -28.02
C ALA G 2 3.00 -32.20 -28.98
N PHE G 3 3.62 -32.87 -29.95
CA PHE G 3 4.36 -32.19 -31.01
C PHE G 3 3.57 -31.04 -31.62
N ASN G 4 2.26 -30.96 -31.38
CA ASN G 4 1.46 -29.78 -31.75
C ASN G 4 1.13 -28.98 -30.50
N TYR G 5 2.04 -28.08 -30.14
CA TYR G 5 1.82 -27.12 -29.08
C TYR G 5 1.21 -25.81 -29.58
N ASP G 6 1.10 -25.64 -30.90
CA ASP G 6 0.74 -24.35 -31.47
C ASP G 6 -0.76 -24.08 -31.48
N GLU G 7 -1.59 -25.03 -31.06
CA GLU G 7 -3.01 -24.73 -30.93
C GLU G 7 -3.28 -23.82 -29.74
N TYR G 8 -2.45 -23.91 -28.71
CA TYR G 8 -2.69 -23.21 -27.46
C TYR G 8 -1.77 -22.01 -27.28
N LEU G 9 -1.03 -21.63 -28.31
CA LEU G 9 0.01 -20.64 -28.18
C LEU G 9 -0.20 -19.51 -29.17
N ARG G 10 0.20 -18.31 -28.77
CA ARG G 10 0.32 -17.17 -29.68
C ARG G 10 1.63 -17.35 -30.41
N VAL G 11 1.62 -18.18 -31.45
CA VAL G 11 2.84 -18.62 -32.11
C VAL G 11 3.67 -17.44 -32.64
N ASP G 12 3.04 -16.30 -32.92
CA ASP G 12 3.80 -15.14 -33.35
C ASP G 12 4.73 -14.61 -32.26
N LYS G 13 4.49 -14.99 -31.00
CA LYS G 13 5.33 -14.53 -29.91
C LYS G 13 6.59 -15.37 -29.76
N ILE G 14 6.45 -16.69 -29.82
CA ILE G 14 7.65 -17.53 -29.71
C ILE G 14 8.55 -17.29 -30.91
N PRO G 15 9.89 -17.38 -30.78
CA PRO G 15 10.66 -17.83 -29.62
C PRO G 15 10.48 -16.96 -28.38
N THR G 16 10.56 -17.56 -27.20
CA THR G 16 10.32 -16.84 -25.96
C THR G 16 11.52 -15.96 -25.64
N LEU G 17 11.58 -15.45 -24.41
CA LEU G 17 12.55 -14.43 -24.07
C LEU G 17 13.33 -14.71 -22.80
N TRP G 18 13.38 -15.95 -22.30
CA TRP G 18 13.81 -16.00 -20.92
C TRP G 18 15.33 -15.94 -20.75
N CYS G 19 16.08 -17.04 -20.84
CA CYS G 19 17.50 -16.82 -21.12
C CYS G 19 18.13 -17.75 -22.15
N TRP G 20 18.44 -18.98 -21.74
CA TRP G 20 18.63 -20.08 -22.69
C TRP G 20 18.18 -21.40 -22.10
N GLY G 21 18.16 -21.51 -20.78
CA GLY G 21 17.87 -22.78 -20.15
C GLY G 21 16.98 -22.67 -18.92
N CYS G 22 16.27 -21.56 -18.80
CA CYS G 22 15.41 -21.37 -17.64
C CYS G 22 14.34 -22.44 -17.58
N GLY G 23 14.00 -22.86 -16.38
CA GLY G 23 12.96 -23.86 -16.21
C GLY G 23 11.57 -23.26 -16.19
N ASP G 24 11.28 -22.42 -17.18
CA ASP G 24 10.01 -21.75 -17.31
C ASP G 24 9.21 -22.22 -18.52
N GLY G 25 9.87 -22.57 -19.61
CA GLY G 25 9.17 -23.17 -20.73
C GLY G 25 8.63 -24.54 -20.42
N VAL G 26 9.28 -25.25 -19.50
CA VAL G 26 8.82 -26.59 -19.11
C VAL G 26 7.48 -26.49 -18.38
N ILE G 27 7.31 -25.49 -17.52
CA ILE G 27 6.05 -25.33 -16.81
C ILE G 27 4.95 -24.91 -17.78
N LEU G 28 5.27 -24.07 -18.76
CA LEU G 28 4.28 -23.67 -19.76
C LEU G 28 3.83 -24.88 -20.57
N LYS G 29 4.78 -25.70 -21.02
CA LYS G 29 4.44 -26.93 -21.71
C LYS G 29 3.51 -27.78 -20.87
N SER G 30 3.84 -27.96 -19.59
CA SER G 30 3.04 -28.84 -18.73
C SER G 30 1.64 -28.29 -18.53
N ILE G 31 1.51 -26.97 -18.39
CA ILE G 31 0.20 -26.36 -18.24
C ILE G 31 -0.65 -26.60 -19.48
N ILE G 32 -0.06 -26.41 -20.66
CA ILE G 32 -0.81 -26.63 -21.90
C ILE G 32 -1.24 -28.08 -22.02
N ARG G 33 -0.33 -29.01 -21.71
CA ARG G 33 -0.66 -30.43 -21.79
C ARG G 33 -1.80 -30.80 -20.86
N THR G 34 -1.75 -30.33 -19.61
CA THR G 34 -2.81 -30.69 -18.69
C THR G 34 -4.11 -29.97 -18.99
N ILE G 35 -4.06 -28.84 -19.68
CA ILE G 35 -5.29 -28.20 -20.12
C ILE G 35 -5.95 -29.05 -21.20
N ASP G 36 -5.16 -29.53 -22.16
CA ASP G 36 -5.74 -30.38 -23.20
C ASP G 36 -6.26 -31.70 -22.63
N ALA G 37 -5.50 -32.33 -21.73
CA ALA G 37 -5.87 -33.64 -21.23
C ALA G 37 -7.24 -33.62 -20.55
N LEU G 38 -7.60 -32.49 -19.95
CA LEU G 38 -8.88 -32.38 -19.25
C LEU G 38 -10.04 -32.06 -20.18
N GLY G 39 -9.76 -31.72 -21.43
CA GLY G 39 -10.83 -31.35 -22.35
C GLY G 39 -11.32 -29.94 -22.20
N TRP G 40 -10.50 -29.06 -21.63
CA TRP G 40 -10.90 -27.66 -21.46
C TRP G 40 -10.85 -26.94 -22.79
N LYS G 41 -11.69 -25.91 -22.94
CA LYS G 41 -11.73 -25.08 -24.14
C LYS G 41 -11.13 -23.72 -23.82
N MET G 42 -10.22 -23.25 -24.66
CA MET G 42 -9.52 -22.02 -24.36
C MET G 42 -10.42 -20.79 -24.39
N ASP G 43 -11.67 -20.93 -24.82
CA ASP G 43 -12.65 -19.86 -24.70
C ASP G 43 -13.29 -19.82 -23.32
N ASP G 44 -12.86 -20.68 -22.41
CA ASP G 44 -13.31 -20.65 -21.03
C ASP G 44 -12.18 -20.39 -20.04
N VAL G 45 -10.93 -20.36 -20.50
CA VAL G 45 -9.77 -20.28 -19.63
C VAL G 45 -9.23 -18.87 -19.63
N CYS G 46 -8.95 -18.34 -18.45
CA CYS G 46 -8.26 -17.07 -18.26
C CYS G 46 -6.97 -17.33 -17.50
N LEU G 47 -5.93 -16.57 -17.81
CA LEU G 47 -4.63 -16.77 -17.19
C LEU G 47 -4.09 -15.40 -16.76
N VAL G 48 -4.14 -15.12 -15.47
CA VAL G 48 -3.68 -13.86 -14.90
C VAL G 48 -2.36 -14.11 -14.17
N SER G 49 -1.41 -13.21 -14.35
CA SER G 49 -0.06 -13.39 -13.82
C SER G 49 0.50 -12.05 -13.39
N GLY G 50 1.29 -12.06 -12.32
CA GLY G 50 1.89 -10.85 -11.79
C GLY G 50 3.03 -10.36 -12.65
N ILE G 51 3.79 -9.41 -12.10
CA ILE G 51 4.93 -8.83 -12.80
C ILE G 51 6.20 -9.45 -12.26
N GLY G 52 7.14 -9.70 -13.14
CA GLY G 52 8.34 -10.43 -12.81
C GLY G 52 8.80 -11.21 -14.03
N CYS G 53 9.54 -12.32 -13.85
CA CYS G 53 9.91 -13.15 -14.99
C CYS G 53 8.94 -14.26 -15.31
N SER G 54 8.18 -14.74 -14.31
CA SER G 54 7.08 -15.64 -14.63
C SER G 54 5.86 -14.89 -15.14
N GLY G 55 5.93 -13.56 -15.21
CA GLY G 55 4.82 -12.79 -15.75
C GLY G 55 4.81 -12.76 -17.26
N ARG G 56 5.85 -13.27 -17.89
CA ARG G 56 5.84 -13.38 -19.35
C ARG G 56 4.99 -14.54 -19.82
N MET G 57 4.55 -15.41 -18.92
CA MET G 57 3.81 -16.60 -19.33
C MET G 57 2.44 -16.22 -19.89
N SER G 58 1.83 -15.17 -19.38
CA SER G 58 0.53 -14.70 -19.83
C SER G 58 0.59 -13.96 -21.16
N SER G 59 1.75 -13.90 -21.79
CA SER G 59 1.86 -13.28 -23.11
C SER G 59 1.81 -14.27 -24.25
N TYR G 60 2.22 -15.52 -24.01
CA TYR G 60 2.37 -16.49 -25.09
C TYR G 60 1.14 -17.36 -25.29
N VAL G 61 0.29 -17.50 -24.30
CA VAL G 61 -0.89 -18.37 -24.43
C VAL G 61 -2.00 -17.63 -25.17
N ASN G 62 -2.83 -18.40 -25.88
CA ASN G 62 -3.90 -17.83 -26.71
C ASN G 62 -5.23 -17.98 -25.97
N CYS G 63 -5.47 -17.07 -25.03
CA CYS G 63 -6.72 -17.02 -24.29
C CYS G 63 -6.94 -15.57 -23.87
N ASN G 64 -7.83 -15.35 -22.90
CA ASN G 64 -8.02 -14.03 -22.29
C ASN G 64 -7.02 -13.89 -21.16
N THR G 65 -5.94 -13.15 -21.39
CA THR G 65 -4.85 -13.05 -20.44
C THR G 65 -4.75 -11.66 -19.83
N VAL G 66 -4.25 -11.61 -18.59
CA VAL G 66 -4.14 -10.38 -17.82
C VAL G 66 -2.73 -10.32 -17.22
N HIS G 67 -2.17 -9.12 -17.15
CA HIS G 67 -0.86 -8.88 -16.53
C HIS G 67 -1.03 -7.76 -15.52
N THR G 68 -0.85 -8.07 -14.25
CA THR G 68 -1.25 -7.18 -13.16
C THR G 68 -0.05 -6.47 -12.57
N THR G 69 -0.26 -5.75 -11.48
CA THR G 69 0.81 -5.09 -10.75
C THR G 69 1.51 -6.09 -9.83
N HIS G 70 2.51 -5.63 -9.10
CA HIS G 70 3.37 -6.52 -8.31
C HIS G 70 2.65 -6.96 -7.05
N GLY G 71 2.38 -8.27 -6.95
CA GLY G 71 1.81 -8.83 -5.76
C GLY G 71 0.30 -8.89 -5.72
N ARG G 72 -0.39 -8.51 -6.80
CA ARG G 72 -1.84 -8.41 -6.78
C ARG G 72 -2.53 -9.36 -7.75
N ALA G 73 -1.82 -10.36 -8.29
CA ALA G 73 -2.45 -11.27 -9.24
C ALA G 73 -3.65 -11.99 -8.63
N VAL G 74 -3.54 -12.37 -7.35
CA VAL G 74 -4.58 -13.19 -6.75
C VAL G 74 -5.84 -12.39 -6.52
N ALA G 75 -5.72 -11.08 -6.29
CA ALA G 75 -6.91 -10.26 -6.07
C ALA G 75 -7.69 -10.03 -7.37
N TYR G 76 -6.98 -9.65 -8.43
CA TYR G 76 -7.63 -9.55 -9.74
C TYR G 76 -8.26 -10.88 -10.14
N ALA G 77 -7.57 -11.99 -9.89
CA ALA G 77 -8.11 -13.30 -10.23
C ALA G 77 -9.35 -13.62 -9.40
N THR G 78 -9.34 -13.26 -8.13
CA THR G 78 -10.54 -13.44 -7.31
C THR G 78 -11.72 -12.72 -7.92
N GLY G 79 -11.51 -11.47 -8.33
CA GLY G 79 -12.61 -10.72 -8.92
C GLY G 79 -13.11 -11.34 -10.21
N ILE G 80 -12.18 -11.70 -11.09
CA ILE G 80 -12.55 -12.30 -12.38
C ILE G 80 -13.34 -13.58 -12.16
N LYS G 81 -12.88 -14.44 -11.24
CA LYS G 81 -13.58 -15.70 -11.01
C LYS G 81 -14.93 -15.49 -10.35
N MET G 82 -15.02 -14.54 -9.43
CA MET G 82 -16.30 -14.31 -8.77
C MET G 82 -17.34 -13.74 -9.71
N ALA G 83 -16.93 -12.92 -10.68
CA ALA G 83 -17.91 -12.38 -11.60
C ALA G 83 -18.35 -13.38 -12.66
N ASN G 84 -17.55 -14.41 -12.91
CA ASN G 84 -17.85 -15.45 -13.90
C ASN G 84 -17.66 -16.81 -13.27
N PRO G 85 -18.57 -17.22 -12.39
CA PRO G 85 -18.30 -18.40 -11.56
C PRO G 85 -18.59 -19.71 -12.25
N SER G 86 -18.23 -19.81 -13.51
CA SER G 86 -18.39 -21.07 -14.24
C SER G 86 -17.22 -21.35 -15.17
N LYS G 87 -16.20 -20.51 -15.19
CA LYS G 87 -15.06 -20.64 -16.08
C LYS G 87 -13.81 -20.94 -15.27
N HIS G 88 -12.70 -21.13 -15.97
CA HIS G 88 -11.48 -21.68 -15.39
C HIS G 88 -10.41 -20.60 -15.35
N VAL G 89 -9.95 -20.25 -14.16
CA VAL G 89 -8.99 -19.18 -13.94
C VAL G 89 -7.73 -19.80 -13.34
N ILE G 90 -6.57 -19.37 -13.83
CA ILE G 90 -5.28 -19.89 -13.43
C ILE G 90 -4.35 -18.72 -13.14
N VAL G 91 -3.67 -18.77 -11.99
CA VAL G 91 -2.77 -17.71 -11.57
C VAL G 91 -1.34 -18.23 -11.58
N VAL G 92 -0.42 -17.43 -12.08
CA VAL G 92 1.00 -17.78 -12.15
C VAL G 92 1.81 -16.62 -11.59
N SER G 93 2.66 -16.89 -10.61
CA SER G 93 3.46 -15.84 -10.02
C SER G 93 4.72 -16.44 -9.43
N GLY G 94 5.69 -15.57 -9.15
CA GLY G 94 6.98 -15.98 -8.63
C GLY G 94 7.01 -16.02 -7.12
N ASP G 95 8.22 -16.24 -6.59
CA ASP G 95 8.39 -16.31 -5.15
C ASP G 95 8.61 -14.95 -4.49
N GLY G 96 8.93 -13.92 -5.28
CA GLY G 96 8.94 -12.56 -4.77
C GLY G 96 7.62 -11.84 -4.94
N ASP G 97 6.77 -12.36 -5.82
CA ASP G 97 5.34 -12.10 -5.86
C ASP G 97 4.71 -12.86 -4.71
N GLY G 98 3.49 -13.32 -4.88
CA GLY G 98 2.58 -13.64 -3.80
C GLY G 98 3.09 -14.28 -2.52
N PHE G 99 4.39 -14.51 -2.37
CA PHE G 99 4.92 -14.88 -1.06
C PHE G 99 5.85 -13.86 -0.42
N ALA G 100 6.18 -12.76 -1.08
CA ALA G 100 6.95 -11.71 -0.41
C ALA G 100 6.17 -10.41 -0.29
N ILE G 101 5.73 -9.83 -1.39
CA ILE G 101 4.94 -8.61 -1.34
C ILE G 101 3.44 -8.90 -1.32
N GLY G 102 3.03 -10.09 -1.76
CA GLY G 102 1.64 -10.44 -1.74
C GLY G 102 1.35 -11.69 -0.94
N GLY G 103 2.05 -11.89 0.17
CA GLY G 103 1.76 -13.03 1.02
C GLY G 103 0.44 -12.93 1.73
N ASN G 104 -0.01 -11.70 2.01
CA ASN G 104 -1.30 -11.50 2.65
C ASN G 104 -2.44 -11.99 1.75
N HIS G 105 -2.40 -11.61 0.48
CA HIS G 105 -3.45 -12.01 -0.45
C HIS G 105 -3.48 -13.52 -0.62
N THR G 106 -2.31 -14.15 -0.71
CA THR G 106 -2.27 -15.61 -0.82
C THR G 106 -2.84 -16.28 0.42
N MET G 107 -2.48 -15.78 1.61
CA MET G 107 -2.99 -16.39 2.83
C MET G 107 -4.50 -16.28 2.92
N HIS G 108 -5.05 -15.12 2.53
CA HIS G 108 -6.49 -14.97 2.65
C HIS G 108 -7.24 -15.70 1.54
N ALA G 109 -6.62 -15.88 0.38
CA ALA G 109 -7.21 -16.71 -0.65
C ALA G 109 -7.26 -18.17 -0.23
N CYS G 110 -6.20 -18.65 0.41
CA CYS G 110 -6.25 -19.99 1.00
C CYS G 110 -7.34 -20.07 2.05
N ARG G 111 -7.45 -19.06 2.90
CA ARG G 111 -8.41 -19.11 4.00
C ARG G 111 -9.84 -19.19 3.49
N ARG G 112 -10.23 -18.27 2.60
CA ARG G 112 -11.63 -18.25 2.20
C ARG G 112 -11.97 -19.26 1.11
N ASN G 113 -11.00 -19.97 0.56
CA ASN G 113 -11.22 -21.11 -0.33
C ASN G 113 -11.95 -20.72 -1.61
N ILE G 114 -11.34 -19.84 -2.38
CA ILE G 114 -11.83 -19.45 -3.69
C ILE G 114 -11.28 -20.43 -4.71
N ASP G 115 -12.09 -20.75 -5.73
CA ASP G 115 -11.76 -21.79 -6.70
C ASP G 115 -10.73 -21.29 -7.71
N LEU G 116 -9.53 -21.11 -7.24
CA LEU G 116 -8.41 -20.68 -8.07
C LEU G 116 -7.43 -21.82 -8.25
N ASN G 117 -6.40 -21.57 -9.07
CA ASN G 117 -5.39 -22.55 -9.43
C ASN G 117 -4.00 -21.94 -9.34
N PHE G 118 -3.69 -21.36 -8.18
CA PHE G 118 -2.40 -20.71 -7.97
C PHE G 118 -1.24 -21.65 -8.29
N ILE G 119 -0.27 -21.15 -9.05
CA ILE G 119 0.92 -21.90 -9.44
C ILE G 119 2.14 -21.02 -9.19
N LEU G 120 2.99 -21.44 -8.26
CA LEU G 120 4.15 -20.66 -7.84
C LEU G 120 5.38 -21.13 -8.61
N VAL G 121 6.07 -20.20 -9.26
CA VAL G 121 7.30 -20.50 -9.97
C VAL G 121 8.46 -20.13 -9.05
N ASN G 122 9.03 -21.12 -8.40
CA ASN G 122 9.97 -20.93 -7.31
C ASN G 122 11.39 -21.10 -7.84
N ASN G 123 12.15 -20.00 -7.89
CA ASN G 123 13.55 -20.06 -8.32
C ASN G 123 14.50 -19.51 -7.28
N PHE G 124 14.02 -19.21 -6.08
CA PHE G 124 14.79 -18.92 -4.88
C PHE G 124 15.50 -17.57 -4.88
N ILE G 125 15.31 -16.72 -5.90
CA ILE G 125 15.69 -15.31 -5.82
C ILE G 125 14.71 -14.44 -6.59
N TYR G 126 15.00 -13.13 -6.62
CA TYR G 126 14.37 -12.19 -7.55
C TYR G 126 15.20 -12.17 -8.81
N GLY G 127 14.69 -12.77 -9.88
CA GLY G 127 15.47 -12.86 -11.09
C GLY G 127 15.47 -11.62 -11.96
N LEU G 128 14.29 -11.01 -12.13
CA LEU G 128 14.18 -9.88 -13.05
C LEU G 128 15.06 -8.71 -12.61
N THR G 129 15.07 -8.40 -11.31
CA THR G 129 15.85 -7.29 -10.77
C THR G 129 17.24 -7.72 -10.35
N ASN G 130 17.80 -8.73 -10.99
CA ASN G 130 19.20 -9.12 -10.86
C ASN G 130 19.60 -9.57 -9.46
N SER G 131 19.00 -10.66 -8.99
CA SER G 131 19.50 -11.48 -7.88
C SER G 131 19.50 -10.73 -6.55
N GLN G 132 18.31 -10.36 -6.09
CA GLN G 132 18.15 -9.94 -4.72
C GLN G 132 17.63 -11.12 -3.89
N THR G 133 17.55 -10.94 -2.58
CA THR G 133 17.20 -12.03 -1.68
C THR G 133 15.69 -12.23 -1.65
N SER G 134 15.27 -13.49 -1.65
CA SER G 134 13.88 -13.90 -1.54
C SER G 134 13.58 -14.42 -0.14
N PRO G 135 12.30 -14.54 0.22
CA PRO G 135 11.95 -15.26 1.45
C PRO G 135 12.17 -16.76 1.37
N THR G 136 12.66 -17.28 0.25
CA THR G 136 12.92 -18.70 0.10
C THR G 136 14.38 -19.01 -0.27
N THR G 137 15.26 -18.02 -0.18
CA THR G 137 16.67 -18.26 -0.46
C THR G 137 17.32 -18.94 0.76
N PRO G 138 18.08 -20.01 0.56
CA PRO G 138 18.75 -20.66 1.69
C PRO G 138 19.84 -19.77 2.28
N ASN G 139 20.14 -20.01 3.55
CA ASN G 139 21.13 -19.22 4.26
C ASN G 139 22.53 -19.50 3.72
N GLY G 140 23.38 -18.48 3.77
CA GLY G 140 24.76 -18.62 3.39
C GLY G 140 25.06 -18.34 1.94
N MET G 141 24.05 -18.05 1.13
CA MET G 141 24.26 -17.84 -0.30
C MET G 141 24.49 -16.38 -0.62
N TRP G 142 25.39 -16.13 -1.57
CA TRP G 142 25.72 -14.77 -1.98
C TRP G 142 24.57 -14.18 -2.78
N THR G 143 24.00 -13.10 -2.27
CA THR G 143 23.04 -12.30 -3.02
C THR G 143 23.54 -10.87 -3.11
N VAL G 144 22.94 -10.09 -4.00
CA VAL G 144 23.43 -8.74 -4.27
C VAL G 144 23.32 -7.85 -3.05
N THR G 145 22.32 -8.09 -2.20
CA THR G 145 22.12 -7.29 -1.00
C THR G 145 22.58 -7.98 0.27
N ALA G 146 23.05 -9.23 0.18
CA ALA G 146 23.69 -9.94 1.29
C ALA G 146 24.97 -10.52 0.74
N GLN G 147 26.04 -9.73 0.75
CA GLN G 147 27.28 -10.07 0.07
C GLN G 147 28.30 -10.71 1.00
N TRP G 148 27.90 -11.08 2.21
CA TRP G 148 28.72 -11.88 3.10
C TRP G 148 28.06 -13.20 3.44
N GLY G 149 26.83 -13.42 2.99
CA GLY G 149 26.04 -14.60 3.30
C GLY G 149 24.66 -14.17 3.79
N ASN G 150 23.63 -14.73 3.18
CA ASN G 150 22.26 -14.45 3.59
C ASN G 150 22.01 -15.00 4.98
N ILE G 151 21.44 -14.16 5.85
CA ILE G 151 21.15 -14.55 7.22
C ILE G 151 19.66 -14.52 7.55
N ASP G 152 18.82 -14.00 6.67
CA ASP G 152 17.39 -14.14 6.88
C ASP G 152 17.01 -15.61 6.76
N ASN G 153 15.85 -15.96 7.29
CA ASN G 153 15.45 -17.34 7.29
C ASN G 153 14.52 -17.62 6.10
N GLN G 154 13.90 -18.81 6.08
CA GLN G 154 13.17 -19.28 4.92
C GLN G 154 11.70 -19.45 5.22
N PHE G 155 10.89 -19.37 4.17
CA PHE G 155 9.51 -19.82 4.18
C PHE G 155 9.40 -21.24 3.65
N ASP G 156 8.37 -21.94 4.11
CA ASP G 156 7.93 -23.20 3.51
C ASP G 156 6.55 -22.94 2.95
N PRO G 157 6.42 -22.68 1.66
CA PRO G 157 5.10 -22.29 1.12
C PRO G 157 4.04 -23.35 1.32
N CYS G 158 4.42 -24.62 1.30
CA CYS G 158 3.45 -25.69 1.48
C CYS G 158 2.92 -25.73 2.90
N ALA G 159 3.81 -25.67 3.89
CA ALA G 159 3.37 -25.67 5.28
C ALA G 159 2.58 -24.42 5.61
N LEU G 160 2.98 -23.28 5.06
CA LEU G 160 2.29 -22.03 5.34
C LEU G 160 0.89 -22.03 4.74
N THR G 161 0.75 -22.50 3.49
CA THR G 161 -0.56 -22.56 2.87
C THR G 161 -1.43 -23.64 3.50
N THR G 162 -0.82 -24.71 4.01
CA THR G 162 -1.59 -25.72 4.75
C THR G 162 -2.13 -25.14 6.04
N ALA G 163 -1.32 -24.35 6.75
CA ALA G 163 -1.77 -23.72 7.98
C ALA G 163 -2.82 -22.66 7.72
N ALA G 164 -2.79 -22.02 6.54
CA ALA G 164 -3.81 -21.02 6.22
C ALA G 164 -5.16 -21.66 5.92
N GLY G 165 -5.18 -22.84 5.30
CA GLY G 165 -6.43 -23.53 5.05
C GLY G 165 -6.70 -23.92 3.61
N ALA G 166 -5.67 -24.11 2.81
CA ALA G 166 -5.87 -24.55 1.43
C ALA G 166 -6.41 -25.98 1.42
N SER G 167 -7.14 -26.30 0.36
CA SER G 167 -7.79 -27.60 0.22
C SER G 167 -6.98 -28.60 -0.58
N PHE G 168 -6.12 -28.14 -1.47
CA PHE G 168 -5.28 -29.03 -2.27
C PHE G 168 -3.89 -28.43 -2.33
N VAL G 169 -2.92 -29.09 -1.71
CA VAL G 169 -1.53 -28.66 -1.73
C VAL G 169 -0.71 -29.72 -2.43
N ALA G 170 0.28 -29.29 -3.21
CA ALA G 170 1.13 -30.22 -3.94
C ALA G 170 2.42 -29.52 -4.32
N ARG G 171 3.50 -30.29 -4.35
CA ARG G 171 4.80 -29.77 -4.74
C ARG G 171 5.41 -30.67 -5.81
N GLU G 172 5.99 -30.04 -6.82
CA GLU G 172 6.72 -30.77 -7.85
C GLU G 172 7.81 -29.86 -8.40
N SER G 173 8.46 -30.29 -9.47
CA SER G 173 9.56 -29.52 -10.05
C SER G 173 9.66 -29.81 -11.54
N VAL G 174 10.59 -29.13 -12.19
CA VAL G 174 10.79 -29.21 -13.63
C VAL G 174 11.71 -30.39 -13.94
N LEU G 175 12.08 -31.16 -12.92
CA LEU G 175 12.94 -32.32 -13.10
C LEU G 175 12.16 -33.59 -13.39
N ASP G 176 10.83 -33.53 -13.42
CA ASP G 176 10.01 -34.64 -13.85
C ASP G 176 8.68 -34.07 -14.35
N PRO G 177 8.57 -33.86 -15.66
CA PRO G 177 7.35 -33.24 -16.19
C PRO G 177 6.12 -34.14 -16.21
N GLN G 178 6.30 -35.46 -16.30
CA GLN G 178 5.13 -36.34 -16.28
C GLN G 178 4.41 -36.29 -14.93
N LYS G 179 5.18 -36.37 -13.85
CA LYS G 179 4.58 -36.22 -12.52
C LYS G 179 4.01 -34.82 -12.32
N LEU G 180 4.67 -33.81 -12.90
CA LEU G 180 4.14 -32.46 -12.83
C LEU G 180 2.77 -32.38 -13.48
N GLU G 181 2.60 -33.02 -14.64
CA GLU G 181 1.32 -32.98 -15.31
C GLU G 181 0.27 -33.82 -14.59
N LYS G 182 0.66 -34.95 -14.00
CA LYS G 182 -0.30 -35.70 -13.19
C LYS G 182 -0.82 -34.89 -12.02
N VAL G 183 0.09 -34.23 -11.30
CA VAL G 183 -0.30 -33.38 -10.19
C VAL G 183 -1.20 -32.24 -10.67
N LEU G 184 -0.84 -31.60 -11.78
CA LEU G 184 -1.65 -30.50 -12.30
C LEU G 184 -3.04 -30.98 -12.70
N LYS G 185 -3.13 -32.15 -13.32
CA LYS G 185 -4.42 -32.64 -13.77
C LYS G 185 -5.29 -33.07 -12.60
N GLU G 186 -4.69 -33.55 -11.52
CA GLU G 186 -5.48 -33.88 -10.34
C GLU G 186 -5.90 -32.62 -9.58
N GLY G 187 -5.10 -31.56 -9.66
CA GLY G 187 -5.41 -30.35 -8.94
C GLY G 187 -6.35 -29.41 -9.65
N PHE G 188 -6.36 -29.45 -10.98
CA PHE G 188 -7.28 -28.62 -11.75
C PHE G 188 -8.72 -29.09 -11.57
N SER G 189 -8.93 -30.41 -11.50
CA SER G 189 -10.27 -30.95 -11.32
C SER G 189 -10.82 -30.71 -9.93
N HIS G 190 -9.99 -30.30 -8.98
CA HIS G 190 -10.45 -30.02 -7.62
C HIS G 190 -11.29 -28.75 -7.61
N LYS G 191 -12.17 -28.65 -6.62
CA LYS G 191 -13.14 -27.58 -6.57
C LYS G 191 -12.97 -26.72 -5.32
N GLY G 192 -11.73 -26.31 -5.05
CA GLY G 192 -11.42 -25.37 -4.00
C GLY G 192 -10.16 -24.63 -4.37
N PHE G 193 -9.41 -24.12 -3.41
CA PHE G 193 -8.16 -23.43 -3.71
C PHE G 193 -7.05 -24.46 -3.86
N SER G 194 -6.50 -24.57 -5.06
CA SER G 194 -5.41 -25.50 -5.34
C SER G 194 -4.10 -24.74 -5.42
N PHE G 195 -3.11 -25.19 -4.65
CA PHE G 195 -1.81 -24.53 -4.59
C PHE G 195 -0.74 -25.50 -5.08
N PHE G 196 0.06 -25.07 -6.05
CA PHE G 196 1.14 -25.87 -6.62
C PHE G 196 2.45 -25.14 -6.42
N ASP G 197 3.38 -25.77 -5.70
CA ASP G 197 4.71 -25.22 -5.50
C ASP G 197 5.65 -25.90 -6.48
N VAL G 198 6.15 -25.14 -7.45
CA VAL G 198 6.98 -25.69 -8.53
C VAL G 198 8.38 -25.12 -8.41
N HIS G 199 9.35 -25.98 -8.15
CA HIS G 199 10.75 -25.58 -8.05
C HIS G 199 11.31 -25.41 -9.46
N SER G 200 11.69 -24.19 -9.81
CA SER G 200 12.36 -23.91 -11.06
C SER G 200 13.83 -23.62 -10.81
N ASN G 201 14.58 -23.37 -11.87
CA ASN G 201 16.01 -23.13 -11.77
C ASN G 201 16.37 -21.77 -12.36
N CYS G 202 17.14 -21.00 -11.60
CA CYS G 202 17.67 -19.71 -12.03
C CYS G 202 19.19 -19.82 -11.96
N HIS G 203 19.78 -20.34 -13.03
CA HIS G 203 21.23 -20.49 -13.09
C HIS G 203 21.95 -19.19 -13.43
N ILE G 204 21.26 -18.24 -14.05
CA ILE G 204 21.90 -17.02 -14.53
C ILE G 204 22.11 -16.04 -13.40
N ASN G 205 21.10 -15.86 -12.54
CA ASN G 205 21.20 -14.86 -11.49
C ASN G 205 21.48 -15.45 -10.12
N LEU G 206 21.03 -16.66 -9.83
CA LEU G 206 21.32 -17.27 -8.52
C LEU G 206 22.60 -18.10 -8.54
N GLY G 207 22.63 -19.13 -9.37
CA GLY G 207 23.76 -20.05 -9.33
C GLY G 207 25.06 -19.48 -9.86
N ARG G 208 25.02 -18.31 -10.49
CA ARG G 208 26.23 -17.81 -11.15
C ARG G 208 27.29 -17.38 -10.14
N LYS G 209 26.88 -16.94 -8.96
CA LYS G 209 27.81 -16.53 -7.92
C LYS G 209 27.94 -17.57 -6.82
N ASN G 210 27.12 -18.62 -6.86
CA ASN G 210 27.23 -19.76 -5.94
C ASN G 210 27.83 -20.97 -6.63
N LYS G 211 28.47 -20.77 -7.79
CA LYS G 211 29.14 -21.83 -8.55
C LYS G 211 28.17 -22.93 -8.94
N MET G 212 27.01 -22.54 -9.46
CA MET G 212 26.08 -23.40 -10.17
C MET G 212 25.67 -22.72 -11.45
N GLY G 213 26.65 -22.19 -12.18
CA GLY G 213 26.39 -21.32 -13.31
C GLY G 213 25.85 -22.03 -14.54
N GLU G 214 26.12 -23.32 -14.68
CA GLU G 214 25.51 -24.12 -15.73
C GLU G 214 24.10 -24.52 -15.30
N ALA G 215 23.30 -24.94 -16.29
CA ALA G 215 21.94 -25.36 -15.96
C ALA G 215 21.93 -26.73 -15.29
N SER G 216 22.85 -27.61 -15.70
CA SER G 216 22.85 -28.98 -15.19
C SER G 216 23.40 -29.09 -13.78
N GLN G 217 24.34 -28.23 -13.39
CA GLN G 217 24.80 -28.22 -12.00
C GLN G 217 23.67 -27.79 -11.07
N MET G 218 22.97 -26.72 -11.44
CA MET G 218 21.79 -26.30 -10.67
C MET G 218 20.77 -27.41 -10.62
N LEU G 219 20.59 -28.14 -11.73
CA LEU G 219 19.58 -29.19 -11.76
C LEU G 219 19.97 -30.35 -10.85
N LYS G 220 21.25 -30.73 -10.81
CA LYS G 220 21.67 -31.80 -9.90
C LYS G 220 21.54 -31.37 -8.44
N TRP G 221 21.88 -30.11 -8.13
CA TRP G 221 21.67 -29.63 -6.77
C TRP G 221 20.21 -29.71 -6.38
N MET G 222 19.33 -29.19 -7.23
CA MET G 222 17.90 -29.25 -6.96
C MET G 222 17.40 -30.68 -6.82
N GLU G 223 17.96 -31.62 -7.59
CA GLU G 223 17.56 -33.02 -7.43
C GLU G 223 18.03 -33.58 -6.10
N SER G 224 19.23 -33.20 -5.66
CA SER G 224 19.70 -33.68 -4.36
C SER G 224 18.84 -33.17 -3.23
N ARG G 225 18.23 -31.99 -3.39
CA ARG G 225 17.41 -31.46 -2.32
C ARG G 225 16.02 -32.09 -2.22
N LEU G 226 15.56 -32.81 -3.24
CA LEU G 226 14.17 -33.25 -3.33
C LEU G 226 14.07 -34.76 -3.14
N VAL G 227 13.25 -35.17 -2.17
CA VAL G 227 12.94 -36.57 -1.96
C VAL G 227 11.43 -36.75 -2.07
N SER G 228 11.00 -37.99 -2.27
CA SER G 228 9.58 -38.29 -2.41
C SER G 228 8.86 -38.03 -1.09
N LYS G 229 7.54 -38.26 -1.09
CA LYS G 229 6.77 -37.98 0.10
C LYS G 229 6.94 -39.06 1.15
N ARG G 230 7.12 -40.31 0.74
CA ARG G 230 7.22 -41.38 1.71
C ARG G 230 8.65 -41.61 2.15
N GLN G 231 9.61 -41.43 1.25
CA GLN G 231 11.00 -41.24 1.64
C GLN G 231 11.10 -40.27 2.80
N PHE G 232 10.60 -39.05 2.58
CA PHE G 232 10.64 -38.03 3.63
C PHE G 232 9.82 -38.46 4.84
N GLU G 233 8.72 -39.16 4.62
CA GLU G 233 7.82 -39.46 5.73
C GLU G 233 8.39 -40.55 6.62
N ALA G 234 9.41 -41.28 6.15
CA ALA G 234 10.04 -42.34 6.92
C ALA G 234 11.34 -41.93 7.59
N MET G 235 12.07 -40.96 7.02
CA MET G 235 13.36 -40.57 7.57
C MET G 235 13.21 -39.96 8.95
N SER G 236 14.32 -39.90 9.66
CA SER G 236 14.35 -39.36 11.02
C SER G 236 14.59 -37.85 10.99
N PRO G 237 14.10 -37.12 12.00
CA PRO G 237 14.39 -35.68 12.06
C PRO G 237 15.87 -35.37 12.08
N GLU G 238 16.70 -36.36 12.42
CA GLU G 238 18.14 -36.26 12.20
C GLU G 238 18.47 -36.01 10.73
N GLU G 239 17.63 -36.51 9.83
CA GLU G 239 17.97 -36.67 8.42
C GLU G 239 17.19 -35.74 7.49
N ARG G 240 16.17 -35.04 7.98
CA ARG G 240 15.31 -34.22 7.13
C ARG G 240 15.80 -32.79 7.00
N VAL G 241 17.08 -32.54 7.25
CA VAL G 241 17.62 -31.19 7.06
C VAL G 241 17.68 -30.90 5.56
N ASP G 242 17.12 -29.75 5.17
CA ASP G 242 16.98 -29.32 3.78
C ASP G 242 16.53 -30.42 2.82
N LYS G 243 15.47 -31.13 3.18
CA LYS G 243 14.81 -32.08 2.30
C LYS G 243 13.36 -31.66 2.10
N PHE G 244 12.87 -31.78 0.87
CA PHE G 244 11.53 -31.37 0.52
C PHE G 244 10.74 -32.53 -0.04
N PRO G 245 9.59 -32.88 0.52
CA PRO G 245 8.78 -33.96 -0.05
C PRO G 245 7.94 -33.47 -1.22
N THR G 246 7.83 -34.31 -2.25
CA THR G 246 7.10 -33.99 -3.46
C THR G 246 5.87 -34.87 -3.59
N GLY G 247 4.92 -34.41 -4.38
CA GLY G 247 3.68 -35.11 -4.63
C GLY G 247 2.50 -34.34 -4.08
N VAL G 248 1.36 -35.02 -4.02
CA VAL G 248 0.16 -34.44 -3.42
C VAL G 248 0.29 -34.55 -1.91
N LEU G 249 0.21 -33.40 -1.23
CA LEU G 249 0.43 -33.35 0.21
C LEU G 249 -0.84 -33.12 1.00
N ARG G 250 -1.95 -32.77 0.34
CA ARG G 250 -3.22 -32.56 1.01
C ARG G 250 -4.32 -32.50 -0.04
N HIS G 251 -5.37 -33.30 0.14
CA HIS G 251 -6.51 -33.31 -0.78
C HIS G 251 -7.82 -33.39 -0.02
N ASP G 252 -8.03 -32.50 0.94
CA ASP G 252 -9.30 -32.40 1.68
C ASP G 252 -10.49 -32.58 0.76
N THR G 253 -11.38 -33.49 1.12
CA THR G 253 -12.54 -33.81 0.30
C THR G 253 -13.86 -33.42 0.95
N ASP G 254 -13.87 -33.10 2.23
CA ASP G 254 -15.08 -32.63 2.90
C ASP G 254 -14.90 -31.15 3.21
N ARG G 255 -15.19 -30.32 2.21
CA ARG G 255 -14.97 -28.89 2.31
C ARG G 255 -16.01 -28.20 1.46
N LYS G 256 -16.01 -26.87 1.54
CA LYS G 256 -17.01 -26.04 0.88
C LYS G 256 -16.31 -24.90 0.17
N GLU G 257 -16.64 -24.71 -1.10
CA GLU G 257 -16.07 -23.62 -1.89
C GLU G 257 -16.74 -22.30 -1.53
N TYR G 258 -16.03 -21.19 -1.79
CA TYR G 258 -16.55 -19.87 -1.43
C TYR G 258 -17.79 -19.52 -2.23
N CYS G 259 -17.71 -19.58 -3.57
CA CYS G 259 -18.85 -19.19 -4.38
C CYS G 259 -20.02 -20.14 -4.18
N GLU G 260 -19.74 -21.41 -3.86
CA GLU G 260 -20.81 -22.37 -3.62
C GLU G 260 -21.62 -22.03 -2.38
N ALA G 261 -21.04 -21.28 -1.45
CA ALA G 261 -21.73 -20.83 -0.25
C ALA G 261 -22.32 -19.44 -0.40
N TYR G 262 -21.65 -18.56 -1.15
CA TYR G 262 -22.29 -17.28 -1.45
C TYR G 262 -23.51 -17.48 -2.32
N GLN G 263 -23.58 -18.58 -3.08
CA GLN G 263 -24.82 -18.87 -3.80
C GLN G 263 -25.94 -19.20 -2.82
N GLU G 264 -25.63 -19.84 -1.70
CA GLU G 264 -26.66 -20.09 -0.70
C GLU G 264 -27.10 -18.79 -0.03
N ILE G 265 -26.15 -17.90 0.26
CA ILE G 265 -26.54 -16.58 0.78
C ILE G 265 -27.37 -15.82 -0.24
N ILE G 266 -27.08 -16.00 -1.53
CA ILE G 266 -27.85 -15.32 -2.57
C ILE G 266 -29.27 -15.88 -2.62
N GLU G 267 -29.40 -17.20 -2.50
CA GLU G 267 -30.72 -17.82 -2.61
C GLU G 267 -31.58 -17.52 -1.39
N LYS G 268 -31.00 -17.42 -0.20
CA LYS G 268 -31.81 -16.99 0.93
C LYS G 268 -31.78 -15.48 1.15
N ALA G 269 -31.13 -14.72 0.26
CA ALA G 269 -31.14 -13.27 0.33
C ALA G 269 -32.50 -12.72 -0.07
N GLN G 270 -33.01 -13.14 -1.22
CA GLN G 270 -34.39 -12.84 -1.58
C GLN G 270 -35.12 -14.06 -2.10
N GLY G 271 -34.83 -15.25 -1.60
CA GLY G 271 -35.76 -16.35 -1.78
C GLY G 271 -36.87 -16.16 -0.77
N LYS G 272 -37.67 -15.12 -0.97
CA LYS G 272 -38.59 -14.62 0.05
C LYS G 272 -37.81 -14.26 1.31
N GLN G 273 -36.67 -13.58 1.13
CA GLN G 273 -35.91 -13.01 2.24
C GLN G 273 -35.28 -14.09 3.12
N MET H 1 33.72 17.78 -30.87
CA MET H 1 34.66 17.36 -29.84
C MET H 1 35.87 16.69 -30.47
N GLU H 2 36.29 15.56 -29.92
CA GLU H 2 37.33 14.74 -30.53
C GLU H 2 36.78 13.41 -31.03
N ALA H 3 36.02 12.70 -30.21
CA ALA H 3 35.61 11.34 -30.51
C ALA H 3 34.23 11.05 -29.96
N GLN H 4 33.41 10.36 -30.76
CA GLN H 4 32.18 9.72 -30.32
C GLN H 4 32.29 8.25 -30.67
N LEU H 5 32.40 7.40 -29.66
CA LEU H 5 32.67 5.99 -29.86
C LEU H 5 31.43 5.18 -29.49
N ARG H 6 31.32 3.98 -30.08
CA ARG H 6 30.16 3.13 -29.81
C ARG H 6 30.56 1.66 -29.85
N PHE H 7 30.13 0.90 -28.86
CA PHE H 7 30.41 -0.53 -28.74
C PHE H 7 29.09 -1.27 -28.60
N THR H 8 28.73 -2.05 -29.60
CA THR H 8 27.48 -2.79 -29.57
C THR H 8 27.74 -4.26 -29.31
N GLY H 9 26.64 -5.01 -29.13
CA GLY H 9 26.76 -6.41 -28.78
C GLY H 9 25.41 -6.98 -28.42
N VAL H 10 25.44 -8.06 -27.66
CA VAL H 10 24.26 -8.80 -27.23
C VAL H 10 24.40 -9.10 -25.75
N GLY H 11 23.28 -9.03 -25.03
CA GLY H 11 23.27 -9.25 -23.59
C GLY H 11 23.97 -10.52 -23.16
N GLY H 12 25.05 -10.38 -22.40
CA GLY H 12 25.80 -11.51 -21.90
C GLY H 12 27.09 -11.81 -22.61
N GLN H 13 27.61 -10.87 -23.41
CA GLN H 13 28.84 -11.11 -24.16
C GLN H 13 30.07 -10.56 -23.46
N GLY H 14 30.04 -9.28 -23.09
CA GLY H 14 31.14 -8.66 -22.41
C GLY H 14 32.10 -7.90 -23.28
N VAL H 15 31.90 -7.91 -24.60
CA VAL H 15 32.78 -7.13 -25.47
C VAL H 15 32.66 -5.64 -25.17
N LEU H 16 31.43 -5.17 -24.97
CA LEU H 16 31.20 -3.74 -24.79
C LEU H 16 31.64 -3.23 -23.43
N LEU H 17 31.99 -4.14 -22.50
CA LEU H 17 32.44 -3.73 -21.18
C LEU H 17 33.79 -3.03 -21.22
N ALA H 18 34.42 -2.95 -22.38
CA ALA H 18 35.70 -2.30 -22.56
C ALA H 18 35.59 -0.80 -22.73
N GLY H 19 34.41 -0.23 -22.59
CA GLY H 19 34.24 1.18 -22.85
C GLY H 19 34.68 2.04 -21.68
N GLU H 20 34.24 1.69 -20.48
CA GLU H 20 34.50 2.54 -19.32
C GLU H 20 35.98 2.58 -18.96
N ILE H 21 36.73 1.53 -19.31
CA ILE H 21 38.19 1.57 -19.17
C ILE H 21 38.77 2.72 -19.98
N LEU H 22 38.25 2.92 -21.19
CA LEU H 22 38.74 4.00 -22.04
C LEU H 22 38.47 5.36 -21.43
N ALA H 23 37.30 5.52 -20.80
CA ALA H 23 36.98 6.77 -20.12
C ALA H 23 37.93 7.01 -18.95
N GLU H 24 38.15 5.99 -18.12
CA GLU H 24 39.14 6.13 -17.06
C GLU H 24 40.48 6.54 -17.62
N ALA H 25 40.89 5.94 -18.74
CA ALA H 25 42.20 6.22 -19.32
C ALA H 25 42.32 7.67 -19.75
N LYS H 26 41.33 8.18 -20.47
CA LYS H 26 41.40 9.58 -20.89
C LYS H 26 41.34 10.51 -19.69
N ILE H 27 40.64 10.12 -18.62
CA ILE H 27 40.56 10.96 -17.43
C ILE H 27 41.92 11.06 -16.75
N VAL H 28 42.56 9.91 -16.49
CA VAL H 28 43.85 9.96 -15.79
C VAL H 28 44.89 10.60 -16.69
N SER H 29 44.73 10.51 -18.00
CA SER H 29 45.69 11.12 -18.91
C SER H 29 45.70 12.63 -18.79
N GLY H 30 44.57 13.25 -18.44
CA GLY H 30 44.52 14.69 -18.27
C GLY H 30 43.38 15.36 -19.01
N GLY H 31 42.42 14.56 -19.49
CA GLY H 31 41.30 15.07 -20.23
C GLY H 31 39.98 14.78 -19.53
N TYR H 32 38.93 14.71 -20.35
CA TYR H 32 37.58 14.45 -19.86
C TYR H 32 36.94 13.33 -20.67
N GLY H 33 36.08 12.56 -20.03
CA GLY H 33 35.35 11.50 -20.70
C GLY H 33 34.10 11.14 -19.92
N THR H 34 33.15 10.53 -20.63
CA THR H 34 31.89 10.13 -20.03
C THR H 34 31.22 9.10 -20.92
N LYS H 35 30.44 8.21 -20.31
CA LYS H 35 29.83 7.10 -21.02
C LYS H 35 28.36 6.98 -20.65
N THR H 36 27.57 6.50 -21.61
CA THR H 36 26.18 6.15 -21.40
C THR H 36 25.89 4.84 -22.12
N SER H 37 25.07 3.99 -21.52
CA SER H 37 24.74 2.70 -22.09
C SER H 37 23.24 2.59 -22.33
N THR H 38 22.86 1.61 -23.15
CA THR H 38 21.48 1.40 -23.55
C THR H 38 21.18 -0.10 -23.44
N TYR H 39 20.32 -0.46 -22.50
CA TYR H 39 20.03 -1.86 -22.23
C TYR H 39 18.54 -2.13 -22.48
N THR H 40 18.16 -3.40 -22.33
CA THR H 40 16.78 -3.82 -22.51
C THR H 40 16.30 -4.52 -21.24
N SER H 41 15.02 -4.88 -21.24
CA SER H 41 14.45 -5.66 -20.16
C SER H 41 14.83 -7.13 -20.23
N GLN H 42 15.41 -7.58 -21.34
CA GLN H 42 15.80 -8.97 -21.52
C GLN H 42 17.21 -9.18 -20.98
N VAL H 43 17.37 -10.19 -20.13
CA VAL H 43 18.62 -10.36 -19.40
C VAL H 43 19.73 -10.83 -20.33
N ARG H 44 19.47 -11.86 -21.12
CA ARG H 44 20.46 -12.40 -22.05
C ARG H 44 19.86 -12.51 -23.44
N GLY H 45 20.67 -12.18 -24.45
CA GLY H 45 20.27 -12.34 -25.83
C GLY H 45 19.74 -11.09 -26.51
N GLY H 46 19.67 -9.97 -25.81
CA GLY H 46 19.13 -8.76 -26.36
C GLY H 46 20.19 -7.78 -26.77
N PRO H 47 19.84 -6.83 -27.65
CA PRO H 47 20.84 -5.86 -28.12
C PRO H 47 21.20 -4.88 -27.01
N THR H 48 22.49 -4.58 -26.90
CA THR H 48 22.99 -3.58 -25.97
C THR H 48 24.03 -2.73 -26.67
N LYS H 49 24.38 -1.59 -26.07
CA LYS H 49 25.43 -0.74 -26.59
C LYS H 49 25.87 0.26 -25.54
N VAL H 50 26.99 0.94 -25.84
CA VAL H 50 27.48 2.04 -25.03
C VAL H 50 27.97 3.15 -25.96
N ASP H 51 27.87 4.39 -25.50
CA ASP H 51 28.46 5.54 -26.17
C ASP H 51 29.52 6.14 -25.27
N ILE H 52 30.54 6.74 -25.87
CA ILE H 52 31.65 7.33 -25.13
C ILE H 52 31.99 8.67 -25.74
N LEU H 53 32.24 9.66 -24.89
CA LEU H 53 32.55 11.01 -25.32
C LEU H 53 33.85 11.44 -24.67
N LEU H 54 34.88 11.60 -25.49
CA LEU H 54 36.21 11.96 -25.02
C LEU H 54 36.56 13.33 -25.58
N ASP H 55 37.23 14.15 -24.78
CA ASP H 55 37.50 15.52 -25.19
C ASP H 55 38.67 16.11 -24.42
N LYS H 56 39.05 17.31 -24.84
CA LYS H 56 40.08 18.15 -24.25
C LYS H 56 39.51 19.18 -23.27
N ASP H 57 38.21 19.46 -23.35
CA ASP H 57 37.50 20.40 -22.49
C ASP H 57 36.44 19.68 -21.65
N GLU H 58 35.60 20.47 -20.98
CA GLU H 58 34.49 19.93 -20.19
C GLU H 58 33.44 19.30 -21.08
N ILE H 59 32.74 18.30 -20.56
CA ILE H 59 31.64 17.64 -21.23
C ILE H 59 30.34 18.04 -20.54
N ILE H 60 29.41 18.61 -21.30
CA ILE H 60 28.16 19.09 -20.72
C ILE H 60 27.03 18.11 -20.99
N PHE H 61 26.69 17.89 -22.26
CA PHE H 61 25.62 16.97 -22.61
C PHE H 61 26.17 15.54 -22.62
N PRO H 62 25.61 14.62 -21.84
CA PRO H 62 26.20 13.28 -21.74
C PRO H 62 25.89 12.35 -22.89
N TYR H 63 24.98 12.72 -23.80
CA TYR H 63 24.50 11.80 -24.81
C TYR H 63 25.23 11.99 -26.13
N ALA H 64 25.31 10.91 -26.90
CA ALA H 64 25.94 10.95 -28.21
C ALA H 64 25.05 11.72 -29.19
N LYS H 65 25.67 12.13 -30.29
CA LYS H 65 25.04 13.09 -31.19
C LYS H 65 24.65 12.41 -32.49
N GLU H 66 23.40 12.60 -32.90
CA GLU H 66 22.79 11.81 -33.96
C GLU H 66 23.49 12.03 -35.29
N GLY H 67 23.88 10.93 -35.94
CA GLY H 67 24.36 10.97 -37.30
C GLY H 67 25.82 11.29 -37.51
N GLU H 68 26.61 11.39 -36.45
CA GLU H 68 28.06 11.49 -36.60
C GLU H 68 28.87 10.79 -35.50
N ILE H 69 28.40 9.65 -34.98
CA ILE H 69 29.28 8.75 -34.26
C ILE H 69 30.47 8.41 -35.15
N ASP H 70 31.68 8.47 -34.60
CA ASP H 70 32.87 8.24 -35.42
C ASP H 70 33.13 6.76 -35.62
N PHE H 71 33.40 6.04 -34.54
CA PHE H 71 33.85 4.66 -34.58
C PHE H 71 32.79 3.76 -33.99
N MET H 72 32.52 2.62 -34.64
CA MET H 72 31.54 1.66 -34.16
C MET H 72 32.08 0.25 -34.27
N LEU H 73 32.01 -0.50 -33.19
CA LEU H 73 32.51 -1.87 -33.12
C LEU H 73 31.37 -2.78 -32.73
N SER H 74 31.02 -3.73 -33.59
CA SER H 74 29.83 -4.54 -33.42
C SER H 74 30.16 -6.02 -33.46
N VAL H 75 29.52 -6.78 -32.57
CA VAL H 75 29.75 -8.22 -32.49
C VAL H 75 28.44 -8.98 -32.56
N ALA H 76 27.43 -8.39 -33.22
CA ALA H 76 26.14 -9.06 -33.35
C ALA H 76 25.39 -8.47 -34.54
N GLN H 77 24.32 -9.15 -34.92
CA GLN H 77 23.49 -8.69 -36.03
C GLN H 77 22.25 -7.94 -35.55
N ILE H 78 21.65 -8.39 -34.44
CA ILE H 78 20.42 -7.78 -33.97
C ILE H 78 20.67 -6.34 -33.50
N SER H 79 21.91 -6.00 -33.15
CA SER H 79 22.24 -4.64 -32.73
C SER H 79 22.96 -3.85 -33.81
N TYR H 80 23.75 -4.50 -34.66
CA TYR H 80 24.32 -3.79 -35.79
C TYR H 80 23.24 -3.36 -36.76
N ASN H 81 22.14 -4.09 -36.81
CA ASN H 81 21.02 -3.66 -37.65
C ASN H 81 20.25 -2.52 -36.99
N GLN H 82 20.24 -2.50 -35.66
CA GLN H 82 19.51 -1.46 -34.92
C GLN H 82 20.24 -0.12 -34.99
N PHE H 83 21.46 -0.08 -34.47
CA PHE H 83 22.15 1.18 -34.20
C PHE H 83 23.10 1.57 -35.33
N LYS H 84 22.80 1.18 -36.56
CA LYS H 84 23.69 1.35 -37.69
C LYS H 84 23.71 2.76 -38.27
N SER H 85 22.62 3.53 -38.10
CA SER H 85 22.42 4.75 -38.87
C SER H 85 23.19 5.94 -38.31
N ASP H 86 23.53 5.93 -37.02
CA ASP H 86 24.07 7.11 -36.36
C ASP H 86 25.54 7.34 -36.67
N ILE H 87 26.14 6.60 -37.57
CA ILE H 87 27.54 6.78 -37.93
C ILE H 87 27.64 7.88 -38.97
N LYS H 88 28.73 8.64 -38.94
CA LYS H 88 28.93 9.62 -39.98
C LYS H 88 29.34 8.93 -41.28
N GLN H 89 29.35 9.69 -42.37
CA GLN H 89 29.81 9.13 -43.64
C GLN H 89 31.32 9.10 -43.68
N GLY H 90 31.88 7.90 -43.75
CA GLY H 90 33.32 7.74 -43.73
C GLY H 90 33.89 7.35 -42.39
N GLY H 91 33.07 6.89 -41.46
CA GLY H 91 33.55 6.45 -40.18
C GLY H 91 34.14 5.06 -40.25
N ILE H 92 34.79 4.66 -39.16
CA ILE H 92 35.43 3.36 -39.05
C ILE H 92 34.45 2.40 -38.40
N VAL H 93 34.32 1.20 -38.96
CA VAL H 93 33.52 0.14 -38.38
C VAL H 93 34.37 -1.12 -38.30
N VAL H 94 34.16 -1.91 -37.25
CA VAL H 94 34.91 -3.13 -37.00
C VAL H 94 33.94 -4.21 -36.57
N ILE H 95 33.82 -5.28 -37.36
CA ILE H 95 32.88 -6.35 -37.08
C ILE H 95 33.65 -7.66 -37.01
N ASP H 96 32.96 -8.70 -36.50
CA ASP H 96 33.44 -10.06 -36.62
C ASP H 96 32.60 -10.81 -37.64
N PRO H 97 33.22 -11.35 -38.70
CA PRO H 97 32.42 -11.86 -39.82
C PRO H 97 31.66 -13.13 -39.52
N ASN H 98 31.90 -13.77 -38.39
CA ASN H 98 31.16 -14.97 -38.03
C ASN H 98 29.78 -14.69 -37.47
N LEU H 99 29.50 -13.43 -37.12
CA LEU H 99 28.25 -13.04 -36.51
C LEU H 99 27.64 -11.77 -37.09
N VAL H 100 28.35 -11.06 -37.98
CA VAL H 100 27.83 -9.87 -38.64
C VAL H 100 28.19 -9.95 -40.11
N THR H 101 27.24 -9.60 -40.97
CA THR H 101 27.49 -9.44 -42.40
C THR H 101 26.94 -8.08 -42.81
N PRO H 102 27.81 -7.12 -43.16
CA PRO H 102 27.30 -5.80 -43.54
C PRO H 102 26.68 -5.82 -44.92
N THR H 103 25.71 -4.93 -45.11
CA THR H 103 25.07 -4.77 -46.42
C THR H 103 26.07 -4.20 -47.42
N LYS H 104 25.66 -4.19 -48.69
CA LYS H 104 26.47 -3.64 -49.76
C LYS H 104 26.64 -2.12 -49.61
N GLU H 105 25.59 -1.44 -49.16
CA GLU H 105 25.61 0.01 -49.01
C GLU H 105 26.40 0.47 -47.79
N ASP H 106 26.43 -0.34 -46.74
CA ASP H 106 27.35 -0.09 -45.65
C ASP H 106 28.80 -0.21 -46.12
N GLU H 107 29.08 -1.16 -47.01
CA GLU H 107 30.42 -1.20 -47.62
C GLU H 107 30.66 0.02 -48.50
N GLU H 108 29.62 0.53 -49.16
CA GLU H 108 29.73 1.83 -49.82
C GLU H 108 30.19 2.92 -48.86
N LYS H 109 29.57 2.97 -47.69
CA LYS H 109 29.58 4.16 -46.85
C LYS H 109 30.75 4.20 -45.88
N TYR H 110 30.94 3.15 -45.07
CA TYR H 110 31.90 3.15 -43.99
C TYR H 110 33.24 2.56 -44.45
N GLN H 111 34.12 2.29 -43.48
CA GLN H 111 35.43 1.73 -43.75
C GLN H 111 35.60 0.38 -43.07
N ILE H 112 34.62 -0.52 -43.25
CA ILE H 112 34.49 -1.69 -42.40
C ILE H 112 35.78 -2.52 -42.39
N TYR H 113 36.18 -2.95 -41.20
CA TYR H 113 37.25 -3.92 -41.00
C TYR H 113 36.66 -5.21 -40.47
N LYS H 114 37.36 -6.32 -40.68
CA LYS H 114 36.82 -7.66 -40.43
C LYS H 114 37.77 -8.41 -39.50
N ILE H 115 37.44 -8.46 -38.20
CA ILE H 115 38.26 -9.19 -37.22
C ILE H 115 37.36 -10.03 -36.31
N PRO H 116 37.52 -11.35 -36.31
CA PRO H 116 36.69 -12.26 -35.47
C PRO H 116 37.11 -12.26 -34.00
N ILE H 117 36.54 -11.31 -33.26
CA ILE H 117 37.06 -10.99 -31.92
C ILE H 117 36.90 -12.16 -30.97
N ILE H 118 35.74 -12.82 -30.99
CA ILE H 118 35.47 -13.86 -30.00
C ILE H 118 36.26 -15.13 -30.31
N SER H 119 36.44 -15.43 -31.60
CA SER H 119 37.31 -16.55 -31.97
C SER H 119 38.74 -16.29 -31.54
N ILE H 120 39.20 -15.04 -31.64
CA ILE H 120 40.50 -14.68 -31.11
C ILE H 120 40.55 -14.87 -29.60
N ALA H 121 39.47 -14.48 -28.91
CA ALA H 121 39.45 -14.55 -27.45
C ALA H 121 39.48 -16.00 -26.97
N LYS H 122 38.80 -16.90 -27.66
CA LYS H 122 38.69 -18.28 -27.18
C LYS H 122 39.78 -19.18 -27.73
N ASP H 123 40.04 -19.11 -29.04
CA ASP H 123 40.93 -20.07 -29.67
C ASP H 123 42.39 -19.79 -29.34
N GLU H 124 42.78 -18.52 -29.32
CA GLU H 124 44.18 -18.19 -29.13
C GLU H 124 44.53 -17.94 -27.67
N VAL H 125 43.84 -17.01 -27.02
CA VAL H 125 44.20 -16.65 -25.65
C VAL H 125 43.84 -17.77 -24.68
N GLY H 126 42.55 -18.09 -24.57
CA GLY H 126 42.15 -19.20 -23.74
C GLY H 126 40.89 -18.99 -22.92
N ASN H 127 40.58 -17.75 -22.58
CA ASN H 127 39.38 -17.43 -21.84
C ASN H 127 38.39 -16.70 -22.73
N ILE H 128 37.10 -16.97 -22.49
CA ILE H 128 36.06 -16.25 -23.22
C ILE H 128 36.01 -14.80 -22.77
N ILE H 129 36.33 -14.53 -21.50
CA ILE H 129 36.10 -13.20 -20.94
C ILE H 129 37.21 -12.22 -21.26
N THR H 130 38.26 -12.65 -21.95
CA THR H 130 39.33 -11.77 -22.40
C THR H 130 38.96 -10.96 -23.66
N GLN H 131 37.75 -11.20 -24.17
CA GLN H 131 37.31 -10.49 -25.38
C GLN H 131 37.22 -8.99 -25.14
N SER H 132 36.93 -8.58 -23.91
CA SER H 132 36.88 -7.16 -23.61
C SER H 132 38.25 -6.51 -23.80
N VAL H 133 39.31 -7.16 -23.30
CA VAL H 133 40.66 -6.64 -23.47
C VAL H 133 41.06 -6.66 -24.93
N VAL H 134 40.65 -7.69 -25.68
CA VAL H 134 40.99 -7.73 -27.10
C VAL H 134 40.33 -6.57 -27.84
N ALA H 135 39.04 -6.35 -27.58
CA ALA H 135 38.33 -5.23 -28.20
C ALA H 135 38.97 -3.90 -27.80
N LEU H 136 39.39 -3.78 -26.54
CA LEU H 136 40.08 -2.57 -26.09
C LEU H 136 41.36 -2.35 -26.87
N ALA H 137 42.12 -3.42 -27.10
CA ALA H 137 43.36 -3.30 -27.87
C ALA H 137 43.07 -2.78 -29.27
N ILE H 138 42.09 -3.37 -29.96
CA ILE H 138 41.79 -2.92 -31.32
C ILE H 138 41.26 -1.49 -31.31
N THR H 139 40.45 -1.13 -30.31
CA THR H 139 39.90 0.22 -30.22
C THR H 139 41.01 1.24 -30.07
N VAL H 140 41.87 1.07 -29.07
CA VAL H 140 42.98 1.99 -28.86
C VAL H 140 43.91 1.99 -30.07
N GLU H 141 44.09 0.85 -30.72
CA GLU H 141 45.07 0.77 -31.80
C GLU H 141 44.60 1.39 -33.10
N LEU H 142 43.30 1.40 -33.36
CA LEU H 142 42.78 2.00 -34.58
C LEU H 142 42.43 3.48 -34.44
N THR H 143 41.69 3.86 -33.40
CA THR H 143 41.32 5.26 -33.25
C THR H 143 42.50 6.09 -32.77
N LYS H 144 43.35 5.54 -31.91
CA LYS H 144 44.51 6.25 -31.38
C LYS H 144 44.09 7.53 -30.67
N CYS H 145 43.33 7.40 -29.60
CA CYS H 145 43.01 8.56 -28.79
C CYS H 145 43.93 8.67 -27.58
N VAL H 146 44.04 7.62 -26.78
CA VAL H 146 44.86 7.62 -25.58
C VAL H 146 46.11 6.78 -25.79
N GLU H 147 47.16 7.12 -25.05
CA GLU H 147 48.42 6.40 -25.15
C GLU H 147 48.29 4.99 -24.60
N GLU H 148 49.06 4.06 -25.20
CA GLU H 148 48.88 2.65 -24.93
C GLU H 148 49.31 2.27 -23.51
N ASN H 149 50.38 2.88 -23.00
CA ASN H 149 50.87 2.51 -21.67
C ASN H 149 49.88 2.91 -20.58
N ILE H 150 49.26 4.08 -20.71
CA ILE H 150 48.23 4.48 -19.75
C ILE H 150 47.06 3.53 -19.78
N VAL H 151 46.72 3.03 -20.97
CA VAL H 151 45.61 2.08 -21.08
C VAL H 151 45.96 0.77 -20.42
N LEU H 152 47.18 0.27 -20.64
CA LEU H 152 47.63 -0.93 -19.94
C LEU H 152 47.52 -0.75 -18.43
N ASP H 153 48.01 0.38 -17.91
CA ASP H 153 47.96 0.62 -16.47
C ASP H 153 46.53 0.60 -15.96
N THR H 154 45.69 1.46 -16.54
CA THR H 154 44.30 1.60 -16.07
C THR H 154 43.51 0.32 -16.28
N MET H 155 43.93 -0.54 -17.21
CA MET H 155 43.28 -1.84 -17.32
C MET H 155 43.72 -2.77 -16.21
N LEU H 156 45.03 -2.89 -16.00
CA LEU H 156 45.55 -3.88 -15.08
C LEU H 156 45.40 -3.49 -13.62
N LYS H 157 44.99 -2.25 -13.33
CA LYS H 157 44.60 -1.88 -11.98
C LYS H 157 43.14 -2.23 -11.68
N LYS H 158 42.48 -2.98 -12.56
CA LYS H 158 41.03 -3.09 -12.49
C LYS H 158 40.53 -4.52 -12.54
N VAL H 159 41.37 -5.49 -12.82
CA VAL H 159 40.96 -6.89 -12.89
C VAL H 159 41.73 -7.66 -11.83
N PRO H 160 41.16 -8.73 -11.28
CA PRO H 160 41.85 -9.51 -10.26
C PRO H 160 43.23 -9.97 -10.71
N ALA H 161 44.08 -10.26 -9.72
CA ALA H 161 45.39 -10.85 -10.01
C ALA H 161 45.27 -12.27 -10.55
N LYS H 162 44.06 -12.78 -10.69
CA LYS H 162 43.86 -14.14 -11.21
C LYS H 162 44.38 -14.28 -12.63
N VAL H 163 44.04 -13.32 -13.49
CA VAL H 163 44.31 -13.41 -14.92
C VAL H 163 45.10 -12.20 -15.39
N ALA H 164 45.73 -11.49 -14.44
CA ALA H 164 46.43 -10.25 -14.78
C ALA H 164 47.60 -10.50 -15.72
N ASP H 165 48.27 -11.66 -15.57
CA ASP H 165 49.43 -11.94 -16.41
C ASP H 165 49.00 -12.35 -17.81
N THR H 166 47.88 -13.07 -17.92
CA THR H 166 47.37 -13.41 -19.24
C THR H 166 46.71 -12.21 -19.91
N ASN H 167 46.39 -11.17 -19.14
CA ASN H 167 45.71 -10.02 -19.71
C ASN H 167 46.63 -9.26 -20.66
N LYS H 168 47.92 -9.14 -20.32
CA LYS H 168 48.87 -8.59 -21.28
C LYS H 168 48.97 -9.44 -22.53
N LYS H 169 48.94 -10.76 -22.40
CA LYS H 169 49.05 -11.62 -23.57
C LYS H 169 47.87 -11.40 -24.49
N ALA H 170 46.67 -11.29 -23.91
CA ALA H 170 45.48 -10.95 -24.67
C ALA H 170 45.63 -9.60 -25.37
N PHE H 171 46.09 -8.59 -24.63
CA PHE H 171 46.24 -7.26 -25.20
C PHE H 171 47.22 -7.25 -26.38
N GLU H 172 48.32 -8.01 -26.24
CA GLU H 172 49.31 -8.07 -27.31
C GLU H 172 48.74 -8.76 -28.54
N ILE H 173 48.00 -9.86 -28.35
CA ILE H 173 47.36 -10.52 -29.48
C ILE H 173 46.40 -9.56 -30.18
N GLY H 174 45.62 -8.82 -29.40
CA GLY H 174 44.71 -7.84 -29.96
C GLY H 174 45.40 -6.77 -30.78
N LYS H 175 46.43 -6.17 -30.21
CA LYS H 175 47.19 -5.14 -30.92
C LYS H 175 47.83 -5.71 -32.17
N LYS H 176 48.27 -6.97 -32.11
CA LYS H 176 48.90 -7.60 -33.27
C LYS H 176 47.90 -7.78 -34.40
N HIS H 177 46.72 -8.32 -34.09
CA HIS H 177 45.69 -8.46 -35.11
C HIS H 177 45.22 -7.12 -35.63
N ALA H 178 45.24 -6.09 -34.79
CA ALA H 178 44.84 -4.76 -35.24
C ALA H 178 45.84 -4.18 -36.23
N LEU H 179 47.14 -4.27 -35.89
CA LEU H 179 48.17 -3.84 -36.83
C LEU H 179 48.11 -4.65 -38.12
N GLU H 180 47.85 -5.94 -38.02
CA GLU H 180 47.68 -6.82 -39.16
C GLU H 180 46.45 -6.48 -40.00
N ALA H 181 45.42 -5.90 -39.37
CA ALA H 181 44.21 -5.54 -40.08
C ALA H 181 44.37 -4.32 -40.95
N LEU H 182 45.46 -3.57 -40.80
CA LEU H 182 45.78 -2.48 -41.71
C LEU H 182 46.29 -3.07 -43.03
N LYS H 183 45.36 -3.75 -43.69
CA LYS H 183 45.68 -4.52 -44.89
C LYS H 183 45.72 -3.65 -46.13
N VAL H 184 44.93 -2.58 -46.16
CA VAL H 184 44.80 -1.71 -47.32
C VAL H 184 46.15 -1.12 -47.72
#